data_5UAV
#
_entry.id   5UAV
#
_cell.length_a   161.477
_cell.length_b   87.657
_cell.length_c   115.559
_cell.angle_alpha   90.000
_cell.angle_beta   90.000
_cell.angle_gamma   90.000
#
_symmetry.space_group_name_H-M   'P 21 21 2'
#
loop_
_entity.id
_entity.type
_entity.pdbx_description
1 polymer 'Pyrroline-5-carboxylate reductase 1, mitochondrial'
2 non-polymer 'NADPH DIHYDRO-NICOTINAMIDE-ADENINE-DINUCLEOTIDE PHOSPHATE'
3 non-polymer 'TETRAHYDROFURAN-2-CARBOXYLIC ACID'
4 non-polymer DI(HYDROXYETHYL)ETHER
5 water water
#
_entity_poly.entity_id   1
_entity_poly.type   'polypeptide(L)'
_entity_poly.pdbx_seq_one_letter_code
;MHHHHHHSSGVDLGTENLYFQSMSVGFIGAGQLAFALAKGFTAAGVLAAHKIMASSPDMDLATVSALRKMGVKLTPHNKE
TVQHSDVLFLAVKPHIIPFILDEIGADIEDRHIVVSCAAGVTISSIEKKLSAFRPAPRVIRCMTNTPVVVREGATVYATG
THAQVEDGRLMEQLLSSVGFCTEVEEDLIDAVTGLSGSGPAYAFTALDALADGGVKMGLPRRLAVRLGAQALLGAAKMLL
HSEQHPGQLKDNVSSPGGATIHALHVLESGGFRSLLINAVEASCIRTRELQSMADQEQVSPAAIKKTILDKVKLDSPAGT
AL
;
_entity_poly.pdbx_strand_id   A,B,C,D,E
#
# COMPACT_ATOMS: atom_id res chain seq x y z
N TYR A 19 10.92 -44.45 16.91
CA TYR A 19 10.14 -43.79 17.95
C TYR A 19 8.68 -44.23 17.89
N PHE A 20 8.19 -44.50 16.67
CA PHE A 20 6.82 -44.95 16.46
C PHE A 20 6.74 -46.45 16.20
N GLN A 21 7.59 -47.22 16.88
CA GLN A 21 7.48 -48.68 16.80
C GLN A 21 6.19 -49.14 17.47
N SER A 22 5.59 -50.19 16.90
CA SER A 22 4.40 -50.87 17.42
C SER A 22 3.09 -50.14 17.10
N MET A 23 3.13 -48.83 16.86
CA MET A 23 1.91 -48.10 16.54
C MET A 23 1.37 -48.50 15.16
N SER A 24 0.06 -48.71 15.09
CA SER A 24 -0.61 -49.09 13.86
C SER A 24 -1.46 -47.92 13.35
N VAL A 25 -1.41 -47.68 12.04
CA VAL A 25 -2.11 -46.57 11.41
C VAL A 25 -3.04 -47.11 10.34
N GLY A 26 -4.21 -46.48 10.20
CA GLY A 26 -5.16 -46.87 9.19
C GLY A 26 -5.73 -45.66 8.47
N PHE A 27 -6.13 -45.88 7.22
CA PHE A 27 -6.76 -44.85 6.41
C PHE A 27 -8.15 -45.33 5.99
N ILE A 28 -9.18 -44.56 6.32
CA ILE A 28 -10.50 -44.75 5.72
C ILE A 28 -10.52 -43.90 4.46
N GLY A 29 -10.57 -44.56 3.31
CA GLY A 29 -10.32 -43.87 2.06
C GLY A 29 -8.94 -44.24 1.56
N ALA A 30 -8.79 -44.42 0.25
CA ALA A 30 -7.51 -44.87 -0.30
C ALA A 30 -7.17 -44.09 -1.55
N GLY A 31 -7.34 -42.76 -1.49
CA GLY A 31 -7.16 -41.94 -2.67
C GLY A 31 -5.91 -41.10 -2.66
N GLN A 32 -6.01 -39.90 -3.25
CA GLN A 32 -4.85 -39.02 -3.39
C GLN A 32 -4.18 -38.77 -2.05
N LEU A 33 -4.96 -38.39 -1.04
CA LEU A 33 -4.34 -38.00 0.24
C LEU A 33 -3.84 -39.21 1.01
N ALA A 34 -4.62 -40.28 1.04
CA ALA A 34 -4.17 -41.48 1.74
C ALA A 34 -2.89 -42.03 1.13
N PHE A 35 -2.81 -42.05 -0.20
CA PHE A 35 -1.56 -42.46 -0.83
C PHE A 35 -0.42 -41.52 -0.48
N ALA A 36 -0.67 -40.21 -0.52
CA ALA A 36 0.38 -39.24 -0.25
C ALA A 36 0.94 -39.41 1.16
N LEU A 37 0.05 -39.52 2.15
CA LEU A 37 0.49 -39.69 3.53
C LEU A 37 1.19 -41.02 3.74
N ALA A 38 0.61 -42.12 3.24
CA ALA A 38 1.24 -43.43 3.41
C ALA A 38 2.62 -43.45 2.76
N LYS A 39 2.75 -42.87 1.56
CA LYS A 39 4.04 -42.85 0.89
C LYS A 39 5.04 -42.00 1.67
N GLY A 40 4.61 -40.85 2.17
CA GLY A 40 5.50 -40.00 2.95
C GLY A 40 5.95 -40.65 4.24
N PHE A 41 5.00 -41.20 5.00
CA PHE A 41 5.35 -41.89 6.24
C PHE A 41 6.35 -43.02 5.99
N THR A 42 6.14 -43.79 4.92
CA THR A 42 7.02 -44.94 4.70
C THR A 42 8.38 -44.49 4.19
N ALA A 43 8.42 -43.43 3.39
CA ALA A 43 9.71 -42.90 2.95
C ALA A 43 10.47 -42.29 4.11
N ALA A 44 9.75 -41.75 5.11
CA ALA A 44 10.38 -41.19 6.29
C ALA A 44 10.92 -42.27 7.23
N GLY A 45 10.53 -43.52 7.04
CA GLY A 45 10.92 -44.57 7.95
C GLY A 45 10.25 -44.55 9.30
N VAL A 46 9.24 -43.70 9.50
CA VAL A 46 8.58 -43.66 10.79
C VAL A 46 7.57 -44.80 10.96
N LEU A 47 7.10 -45.39 9.86
CA LEU A 47 6.15 -46.49 9.92
C LEU A 47 6.50 -47.51 8.85
N ALA A 48 6.55 -48.77 9.24
CA ALA A 48 6.65 -49.85 8.27
C ALA A 48 5.35 -49.92 7.46
N ALA A 49 5.49 -50.17 6.16
CA ALA A 49 4.31 -50.15 5.29
C ALA A 49 3.25 -51.14 5.77
N HIS A 50 3.68 -52.31 6.26
CA HIS A 50 2.72 -53.31 6.71
C HIS A 50 2.02 -52.93 8.01
N LYS A 51 2.49 -51.92 8.73
CA LYS A 51 1.76 -51.37 9.87
C LYS A 51 0.68 -50.38 9.44
N ILE A 52 0.45 -50.24 8.15
CA ILE A 52 -0.53 -49.33 7.58
C ILE A 52 -1.58 -50.15 6.85
N MET A 53 -2.85 -49.86 7.11
CA MET A 53 -3.96 -50.46 6.39
C MET A 53 -4.84 -49.37 5.82
N ALA A 54 -5.30 -49.57 4.58
CA ALA A 54 -6.21 -48.63 3.94
C ALA A 54 -7.41 -49.37 3.37
N SER A 55 -8.55 -48.70 3.35
CA SER A 55 -9.79 -49.30 2.85
C SER A 55 -10.56 -48.30 1.99
N SER A 56 -11.14 -48.81 0.91
CA SER A 56 -12.01 -48.04 0.03
C SER A 56 -12.92 -49.02 -0.70
N PRO A 57 -14.07 -48.57 -1.19
CA PRO A 57 -15.02 -49.52 -1.80
C PRO A 57 -14.51 -50.16 -3.07
N ASP A 58 -13.86 -49.40 -3.95
CA ASP A 58 -13.38 -49.92 -5.24
C ASP A 58 -11.93 -50.36 -5.09
N MET A 59 -11.73 -51.68 -4.98
CA MET A 59 -10.42 -52.26 -4.80
C MET A 59 -9.55 -52.21 -6.06
N ASP A 60 -10.12 -51.77 -7.18
CA ASP A 60 -9.39 -51.72 -8.45
C ASP A 60 -8.78 -50.37 -8.76
N LEU A 61 -9.05 -49.35 -7.94
CA LEU A 61 -8.59 -47.99 -8.23
C LEU A 61 -7.07 -47.93 -8.32
N ALA A 62 -6.58 -46.87 -8.98
CA ALA A 62 -5.15 -46.75 -9.24
C ALA A 62 -4.37 -46.50 -7.95
N THR A 63 -4.91 -45.69 -7.05
CA THR A 63 -4.21 -45.41 -5.79
C THR A 63 -4.11 -46.66 -4.93
N VAL A 64 -5.09 -47.58 -5.01
CA VAL A 64 -4.99 -48.82 -4.27
C VAL A 64 -3.94 -49.73 -4.88
N SER A 65 -3.75 -49.67 -6.20
CA SER A 65 -2.72 -50.47 -6.86
C SER A 65 -1.33 -50.10 -6.36
N ALA A 66 -1.05 -48.80 -6.21
CA ALA A 66 0.26 -48.34 -5.79
C ALA A 66 0.51 -48.56 -4.30
N LEU A 67 -0.53 -48.42 -3.48
CA LEU A 67 -0.40 -48.75 -2.06
C LEU A 67 -0.02 -50.22 -1.89
N ARG A 68 -0.62 -51.11 -2.68
CA ARG A 68 -0.29 -52.53 -2.62
C ARG A 68 1.19 -52.75 -2.94
N LYS A 69 1.68 -52.16 -4.03
CA LYS A 69 3.09 -52.31 -4.39
C LYS A 69 4.00 -51.74 -3.30
N MET A 70 3.49 -50.78 -2.54
CA MET A 70 4.25 -50.14 -1.46
C MET A 70 4.37 -51.02 -0.23
N GLY A 71 3.54 -52.06 -0.11
CA GLY A 71 3.52 -52.91 1.06
C GLY A 71 2.41 -52.62 2.06
N VAL A 72 1.48 -51.74 1.72
CA VAL A 72 0.41 -51.35 2.63
C VAL A 72 -0.69 -52.41 2.59
N LYS A 73 -1.16 -52.84 3.77
CA LYS A 73 -2.28 -53.76 3.83
C LYS A 73 -3.54 -53.08 3.31
N LEU A 74 -4.29 -53.78 2.47
CA LEU A 74 -5.46 -53.23 1.82
C LEU A 74 -6.67 -54.13 2.07
N THR A 75 -7.84 -53.49 2.15
CA THR A 75 -9.09 -54.20 2.37
C THR A 75 -10.22 -53.33 1.87
N PRO A 76 -11.37 -53.92 1.50
CA PRO A 76 -12.54 -53.11 1.18
C PRO A 76 -13.42 -52.74 2.36
N HIS A 77 -13.19 -53.33 3.53
CA HIS A 77 -14.10 -53.21 4.66
C HIS A 77 -13.54 -52.21 5.67
N ASN A 78 -14.26 -51.09 5.85
CA ASN A 78 -13.80 -50.06 6.76
C ASN A 78 -13.68 -50.58 8.19
N LYS A 79 -14.48 -51.58 8.56
CA LYS A 79 -14.39 -52.12 9.92
C LYS A 79 -13.05 -52.79 10.16
N GLU A 80 -12.49 -53.43 9.14
CA GLU A 80 -11.17 -54.06 9.28
C GLU A 80 -10.11 -53.02 9.61
N THR A 81 -10.13 -51.89 8.89
CA THR A 81 -9.18 -50.81 9.16
C THR A 81 -9.27 -50.33 10.60
N VAL A 82 -10.48 -50.11 11.09
CA VAL A 82 -10.69 -49.67 12.47
C VAL A 82 -10.09 -50.68 13.44
N GLN A 83 -10.38 -51.97 13.24
CA GLN A 83 -9.87 -53.01 14.15
C GLN A 83 -8.34 -53.14 14.07
N HIS A 84 -7.74 -52.84 12.92
CA HIS A 84 -6.29 -52.92 12.77
C HIS A 84 -5.56 -51.75 13.40
N SER A 85 -6.19 -50.59 13.49
CA SER A 85 -5.47 -49.32 13.66
C SER A 85 -5.51 -48.80 15.09
N ASP A 86 -4.47 -48.06 15.45
CA ASP A 86 -4.44 -47.22 16.64
C ASP A 86 -4.76 -45.77 16.30
N VAL A 87 -4.08 -45.21 15.31
CA VAL A 87 -4.39 -43.92 14.74
C VAL A 87 -5.17 -44.15 13.46
N LEU A 88 -6.35 -43.54 13.35
CA LEU A 88 -7.27 -43.76 12.25
C LEU A 88 -7.45 -42.45 11.48
N PHE A 89 -6.89 -42.37 10.28
CA PHE A 89 -7.03 -41.23 9.41
C PHE A 89 -8.30 -41.35 8.59
N LEU A 90 -9.11 -40.29 8.59
CA LEU A 90 -10.30 -40.21 7.74
C LEU A 90 -9.90 -39.43 6.49
N ALA A 91 -9.71 -40.14 5.39
CA ALA A 91 -9.30 -39.50 4.15
C ALA A 91 -10.35 -39.69 3.07
N VAL A 92 -11.60 -39.34 3.38
CA VAL A 92 -12.69 -39.35 2.41
C VAL A 92 -13.17 -37.92 2.20
N LYS A 93 -13.96 -37.73 1.13
CA LYS A 93 -14.48 -36.41 0.81
C LYS A 93 -15.37 -35.90 1.95
N PRO A 94 -15.50 -34.58 2.10
CA PRO A 94 -16.25 -34.03 3.24
C PRO A 94 -17.67 -34.58 3.41
N HIS A 95 -18.40 -34.74 2.31
CA HIS A 95 -19.77 -35.21 2.43
C HIS A 95 -19.85 -36.70 2.76
N ILE A 96 -18.73 -37.42 2.67
CA ILE A 96 -18.73 -38.86 2.99
C ILE A 96 -18.42 -39.13 4.47
N ILE A 97 -17.82 -38.16 5.18
CA ILE A 97 -17.49 -38.36 6.59
C ILE A 97 -18.69 -38.80 7.43
N PRO A 98 -19.85 -38.12 7.40
CA PRO A 98 -20.95 -38.55 8.28
C PRO A 98 -21.33 -40.00 8.09
N PHE A 99 -21.25 -40.50 6.86
CA PHE A 99 -21.61 -41.89 6.61
C PHE A 99 -20.56 -42.84 7.17
N ILE A 100 -19.28 -42.48 7.03
CA ILE A 100 -18.21 -43.30 7.62
C ILE A 100 -18.40 -43.40 9.12
N LEU A 101 -18.70 -42.28 9.76
CA LEU A 101 -18.85 -42.27 11.22
C LEU A 101 -20.04 -43.12 11.64
N ASP A 102 -21.14 -43.06 10.88
CA ASP A 102 -22.26 -43.97 11.13
C ASP A 102 -21.82 -45.42 11.05
N GLU A 103 -20.95 -45.75 10.09
CA GLU A 103 -20.58 -47.15 9.85
C GLU A 103 -19.69 -47.70 10.95
N ILE A 104 -18.62 -46.99 11.30
CA ILE A 104 -17.61 -47.51 12.21
C ILE A 104 -17.81 -47.04 13.64
N GLY A 105 -18.85 -46.23 13.90
CA GLY A 105 -19.01 -45.64 15.22
C GLY A 105 -19.00 -46.65 16.34
N ALA A 106 -19.71 -47.76 16.17
CA ALA A 106 -19.75 -48.81 17.19
C ALA A 106 -18.41 -49.54 17.34
N ASP A 107 -17.47 -49.33 16.44
CA ASP A 107 -16.19 -50.02 16.45
C ASP A 107 -15.06 -49.18 17.04
N ILE A 108 -15.31 -47.90 17.33
CA ILE A 108 -14.31 -47.07 17.97
C ILE A 108 -14.07 -47.57 19.39
N GLU A 109 -12.80 -47.84 19.71
CA GLU A 109 -12.40 -48.26 21.03
C GLU A 109 -11.78 -47.08 21.77
N ASP A 110 -11.42 -47.30 23.03
CA ASP A 110 -10.78 -46.25 23.81
C ASP A 110 -9.38 -45.92 23.27
N ARG A 111 -8.69 -46.90 22.70
CA ARG A 111 -7.33 -46.67 22.23
C ARG A 111 -7.27 -45.80 20.99
N HIS A 112 -8.39 -45.61 20.28
CA HIS A 112 -8.35 -44.97 18.97
C HIS A 112 -8.14 -43.46 19.08
N ILE A 113 -7.33 -42.93 18.17
CA ILE A 113 -7.29 -41.52 17.87
C ILE A 113 -7.81 -41.36 16.46
N VAL A 114 -8.92 -40.63 16.30
CA VAL A 114 -9.53 -40.43 15.00
C VAL A 114 -9.07 -39.08 14.48
N VAL A 115 -8.35 -39.10 13.36
CA VAL A 115 -7.77 -37.90 12.76
C VAL A 115 -8.52 -37.62 11.46
N SER A 116 -9.36 -36.59 11.46
CA SER A 116 -10.09 -36.23 10.25
C SER A 116 -9.25 -35.30 9.39
N CYS A 117 -9.06 -35.68 8.14
CA CYS A 117 -8.34 -34.87 7.17
C CYS A 117 -9.28 -34.10 6.24
N ALA A 118 -10.59 -34.28 6.39
CA ALA A 118 -11.52 -33.72 5.41
C ALA A 118 -11.59 -32.21 5.53
N ALA A 119 -11.61 -31.54 4.38
CA ALA A 119 -11.79 -30.09 4.37
C ALA A 119 -13.13 -29.73 5.00
N GLY A 120 -13.12 -28.77 5.92
CA GLY A 120 -14.35 -28.19 6.44
C GLY A 120 -15.08 -29.00 7.50
N VAL A 121 -14.87 -30.30 7.62
CA VAL A 121 -15.65 -31.06 8.59
C VAL A 121 -15.17 -30.73 9.99
N THR A 122 -16.07 -30.21 10.83
CA THR A 122 -15.71 -29.70 12.15
C THR A 122 -15.52 -30.82 13.16
N ILE A 123 -14.62 -30.57 14.13
CA ILE A 123 -14.47 -31.48 15.26
C ILE A 123 -15.81 -31.73 15.93
N SER A 124 -16.60 -30.66 16.11
CA SER A 124 -17.90 -30.78 16.77
C SER A 124 -18.79 -31.80 16.07
N SER A 125 -18.84 -31.77 14.74
CA SER A 125 -19.70 -32.68 13.98
C SER A 125 -19.22 -34.12 14.12
N ILE A 126 -17.90 -34.35 14.16
CA ILE A 126 -17.38 -35.70 14.31
C ILE A 126 -17.64 -36.22 15.72
N GLU A 127 -17.36 -35.41 16.74
CA GLU A 127 -17.61 -35.85 18.11
C GLU A 127 -19.09 -36.13 18.34
N LYS A 128 -19.97 -35.30 17.80
CA LYS A 128 -21.40 -35.52 18.01
C LYS A 128 -21.83 -36.87 17.44
N LYS A 129 -21.36 -37.21 16.25
CA LYS A 129 -21.66 -38.50 15.65
C LYS A 129 -21.12 -39.64 16.50
N LEU A 130 -19.81 -39.60 16.77
CA LEU A 130 -19.17 -40.71 17.48
C LEU A 130 -19.64 -40.83 18.92
N SER A 131 -20.02 -39.71 19.54
CA SER A 131 -20.44 -39.76 20.94
C SER A 131 -21.75 -40.50 21.11
N ALA A 132 -22.50 -40.72 20.02
CA ALA A 132 -23.72 -41.50 20.13
C ALA A 132 -23.43 -42.97 20.40
N PHE A 133 -22.24 -43.43 20.02
CA PHE A 133 -21.87 -44.83 20.19
C PHE A 133 -21.10 -45.08 21.47
N ARG A 134 -20.18 -44.17 21.81
CA ARG A 134 -19.32 -44.33 22.98
C ARG A 134 -18.84 -42.96 23.36
N PRO A 135 -18.82 -42.60 24.63
CA PRO A 135 -18.44 -41.23 25.01
C PRO A 135 -16.93 -41.03 24.89
N ALA A 136 -16.55 -39.76 24.87
CA ALA A 136 -15.16 -39.30 24.82
C ALA A 136 -14.37 -39.83 23.62
N PRO A 137 -14.88 -39.74 22.39
CA PRO A 137 -14.04 -40.05 21.24
C PRO A 137 -12.89 -39.06 21.14
N ARG A 138 -11.68 -39.58 20.92
CA ARG A 138 -10.46 -38.77 20.81
C ARG A 138 -10.32 -38.35 19.35
N VAL A 139 -10.62 -37.09 19.07
CA VAL A 139 -10.73 -36.59 17.70
C VAL A 139 -9.69 -35.49 17.51
N ILE A 140 -9.04 -35.52 16.36
CA ILE A 140 -8.14 -34.47 15.93
C ILE A 140 -8.53 -34.10 14.52
N ARG A 141 -8.62 -32.80 14.24
CA ARG A 141 -8.84 -32.32 12.88
C ARG A 141 -7.54 -31.78 12.33
N CYS A 142 -7.22 -32.13 11.08
CA CYS A 142 -6.01 -31.57 10.51
C CYS A 142 -6.28 -31.10 9.09
N MET A 143 -5.41 -30.22 8.62
CA MET A 143 -5.37 -29.82 7.23
C MET A 143 -3.93 -30.02 6.79
N THR A 144 -3.74 -30.82 5.75
CA THR A 144 -2.40 -31.10 5.25
C THR A 144 -2.41 -30.77 3.76
N ASN A 145 -1.46 -31.33 3.00
CA ASN A 145 -1.49 -31.13 1.56
C ASN A 145 -0.71 -32.25 0.89
N THR A 146 -0.86 -32.34 -0.44
CA THR A 146 -0.28 -33.48 -1.15
C THR A 146 1.25 -33.56 -1.10
N PRO A 147 2.00 -32.44 -0.97
CA PRO A 147 3.47 -32.58 -0.89
C PRO A 147 4.01 -33.38 0.29
N VAL A 148 3.15 -33.85 1.21
CA VAL A 148 3.62 -34.87 2.15
C VAL A 148 4.19 -36.08 1.40
N VAL A 149 3.78 -36.28 0.15
CA VAL A 149 4.29 -37.42 -0.62
C VAL A 149 5.80 -37.30 -0.89
N VAL A 150 6.34 -36.07 -0.89
CA VAL A 150 7.77 -35.87 -1.01
C VAL A 150 8.34 -35.34 0.30
N ARG A 151 7.61 -35.57 1.39
CA ARG A 151 8.01 -35.17 2.74
C ARG A 151 8.31 -33.68 2.83
N GLU A 152 7.52 -32.87 2.12
CA GLU A 152 7.57 -31.42 2.23
C GLU A 152 6.17 -30.84 2.38
N GLY A 153 5.33 -31.53 3.13
CA GLY A 153 3.98 -31.05 3.35
C GLY A 153 3.94 -29.87 4.32
N ALA A 154 2.76 -29.29 4.42
CA ALA A 154 2.43 -28.26 5.41
C ALA A 154 1.15 -28.68 6.09
N THR A 155 1.21 -28.89 7.40
CA THR A 155 0.12 -29.51 8.14
C THR A 155 -0.17 -28.71 9.40
N VAL A 156 -1.45 -28.48 9.67
CA VAL A 156 -1.85 -27.98 10.98
C VAL A 156 -2.86 -28.96 11.55
N TYR A 157 -3.01 -28.92 12.86
CA TYR A 157 -4.00 -29.78 13.49
C TYR A 157 -4.59 -29.04 14.69
N ALA A 158 -5.82 -29.40 15.02
CA ALA A 158 -6.48 -28.91 16.22
C ALA A 158 -6.96 -30.12 17.01
N THR A 159 -6.82 -30.07 18.33
CA THR A 159 -7.19 -31.17 19.21
C THR A 159 -8.64 -31.04 19.63
N GLY A 160 -9.33 -32.18 19.70
CA GLY A 160 -10.73 -32.21 20.06
C GLY A 160 -10.96 -32.18 21.55
N THR A 161 -12.24 -32.27 21.93
CA THR A 161 -12.64 -32.11 23.33
C THR A 161 -12.01 -33.18 24.22
N HIS A 162 -11.94 -34.42 23.73
CA HIS A 162 -11.50 -35.53 24.56
C HIS A 162 -10.12 -36.04 24.20
N ALA A 163 -9.49 -35.46 23.18
CA ALA A 163 -8.10 -35.79 22.88
C ALA A 163 -7.22 -35.41 24.05
N GLN A 164 -6.37 -36.34 24.47
CA GLN A 164 -5.42 -36.06 25.53
C GLN A 164 -4.29 -35.19 24.98
N VAL A 165 -3.61 -34.49 25.90
CA VAL A 165 -2.54 -33.60 25.46
C VAL A 165 -1.46 -34.37 24.70
N GLU A 166 -1.19 -35.60 25.14
CA GLU A 166 -0.20 -36.42 24.43
C GLU A 166 -0.70 -36.89 23.07
N ASP A 167 -2.01 -36.86 22.82
CA ASP A 167 -2.50 -37.20 21.48
C ASP A 167 -2.08 -36.14 20.47
N GLY A 168 -2.23 -34.86 20.84
CA GLY A 168 -1.76 -33.81 19.95
C GLY A 168 -0.26 -33.86 19.75
N ARG A 169 0.48 -34.16 20.82
CA ARG A 169 1.93 -34.30 20.70
C ARG A 169 2.31 -35.43 19.74
N LEU A 170 1.65 -36.58 19.88
CA LEU A 170 1.94 -37.70 18.99
C LEU A 170 1.68 -37.33 17.55
N MET A 171 0.53 -36.70 17.29
CA MET A 171 0.17 -36.30 15.94
CA MET A 171 0.23 -36.37 15.91
C MET A 171 1.21 -35.35 15.34
N GLU A 172 1.64 -34.37 16.13
CA GLU A 172 2.64 -33.43 15.63
C GLU A 172 3.93 -34.15 15.28
N GLN A 173 4.35 -35.10 16.12
CA GLN A 173 5.60 -35.80 15.82
C GLN A 173 5.46 -36.64 14.55
N LEU A 174 4.31 -37.32 14.39
CA LEU A 174 4.09 -38.12 13.19
C LEU A 174 4.05 -37.26 11.93
N LEU A 175 3.27 -36.19 11.96
CA LEU A 175 3.13 -35.37 10.76
CA LEU A 175 3.13 -35.38 10.75
C LEU A 175 4.35 -34.49 10.51
N SER A 176 5.16 -34.22 11.53
CA SER A 176 6.41 -33.52 11.30
C SER A 176 7.40 -34.37 10.52
N SER A 177 7.17 -35.69 10.43
CA SER A 177 8.05 -36.53 9.65
C SER A 177 7.86 -36.33 8.15
N VAL A 178 6.79 -35.68 7.73
CA VAL A 178 6.51 -35.53 6.31
C VAL A 178 6.36 -34.06 5.92
N GLY A 179 6.77 -33.14 6.78
CA GLY A 179 6.73 -31.72 6.45
C GLY A 179 6.58 -30.87 7.69
N PHE A 180 6.28 -29.60 7.47
CA PHE A 180 6.01 -28.69 8.58
C PHE A 180 4.72 -29.10 9.28
N CYS A 181 4.71 -29.05 10.60
CA CYS A 181 3.48 -29.35 11.33
C CYS A 181 3.40 -28.47 12.57
N THR A 182 2.22 -27.89 12.82
CA THR A 182 2.04 -27.13 14.05
C THR A 182 0.58 -27.18 14.50
N GLU A 183 0.38 -27.04 15.80
CA GLU A 183 -0.98 -26.99 16.33
C GLU A 183 -1.58 -25.61 16.07
N VAL A 184 -2.88 -25.58 15.74
CA VAL A 184 -3.65 -24.34 15.65
C VAL A 184 -4.97 -24.52 16.39
N GLU A 185 -5.59 -23.40 16.72
CA GLU A 185 -6.99 -23.41 17.10
C GLU A 185 -7.82 -23.82 15.90
N GLU A 186 -8.92 -24.54 16.16
CA GLU A 186 -9.70 -25.05 15.03
C GLU A 186 -10.23 -23.93 14.14
N ASP A 187 -10.48 -22.73 14.72
CA ASP A 187 -11.08 -21.69 13.88
C ASP A 187 -10.10 -21.06 12.91
N LEU A 188 -8.85 -21.53 12.85
CA LEU A 188 -7.92 -21.12 11.81
C LEU A 188 -7.81 -22.14 10.68
N ILE A 189 -8.41 -23.31 10.83
CA ILE A 189 -8.14 -24.36 9.84
C ILE A 189 -8.75 -23.99 8.49
N ASP A 190 -9.87 -23.27 8.48
CA ASP A 190 -10.45 -22.83 7.21
C ASP A 190 -9.48 -21.95 6.43
N ALA A 191 -8.80 -21.04 7.12
CA ALA A 191 -7.83 -20.17 6.46
C ALA A 191 -6.62 -20.97 5.99
N VAL A 192 -6.14 -21.90 6.81
CA VAL A 192 -5.03 -22.74 6.39
C VAL A 192 -5.41 -23.52 5.15
N THR A 193 -6.62 -24.05 5.11
CA THR A 193 -7.10 -24.75 3.91
C THR A 193 -6.95 -23.86 2.68
N GLY A 194 -7.35 -22.59 2.80
CA GLY A 194 -7.24 -21.67 1.67
C GLY A 194 -5.82 -21.32 1.30
N LEU A 195 -4.87 -21.43 2.24
CA LEU A 195 -3.49 -21.05 1.96
C LEU A 195 -2.65 -22.27 1.59
N SER A 196 -2.32 -23.14 2.55
CA SER A 196 -1.45 -24.27 2.24
C SER A 196 -2.19 -25.52 1.78
N GLY A 197 -3.47 -25.67 2.10
CA GLY A 197 -4.21 -26.83 1.61
C GLY A 197 -4.44 -26.76 0.11
N SER A 198 -5.03 -25.65 -0.36
CA SER A 198 -5.21 -25.39 -1.78
C SER A 198 -3.92 -24.94 -2.44
N GLY A 199 -2.95 -24.46 -1.65
CA GLY A 199 -1.73 -23.86 -2.14
C GLY A 199 -1.03 -24.58 -3.29
N PRO A 200 -0.82 -25.89 -3.16
CA PRO A 200 -0.14 -26.61 -4.27
C PRO A 200 -0.83 -26.43 -5.61
N ALA A 201 -2.17 -26.36 -5.63
CA ALA A 201 -2.86 -26.15 -6.90
C ALA A 201 -2.55 -24.77 -7.47
N TYR A 202 -2.39 -23.76 -6.62
CA TYR A 202 -1.99 -22.45 -7.11
C TYR A 202 -0.62 -22.53 -7.74
N ALA A 203 0.29 -23.26 -7.08
CA ALA A 203 1.64 -23.41 -7.58
C ALA A 203 1.68 -24.21 -8.89
N PHE A 204 0.86 -25.27 -9.01
CA PHE A 204 0.86 -26.03 -10.25
C PHE A 204 0.33 -25.17 -11.40
N THR A 205 -0.71 -24.38 -11.13
CA THR A 205 -1.20 -23.42 -12.12
C THR A 205 -0.11 -22.44 -12.51
N ALA A 206 0.56 -21.84 -11.51
CA ALA A 206 1.62 -20.88 -11.79
C ALA A 206 2.75 -21.51 -12.59
N LEU A 207 3.13 -22.74 -12.25
CA LEU A 207 4.24 -23.40 -12.94
C LEU A 207 3.87 -23.75 -14.38
N ASP A 208 2.63 -24.17 -14.63
CA ASP A 208 2.16 -24.39 -15.99
C ASP A 208 2.24 -23.10 -16.81
N ALA A 209 1.76 -21.99 -16.24
CA ALA A 209 1.78 -20.70 -16.93
C ALA A 209 3.20 -20.20 -17.13
N LEU A 210 4.05 -20.31 -16.11
CA LEU A 210 5.45 -19.91 -16.26
C LEU A 210 6.12 -20.72 -17.35
N ALA A 211 5.82 -22.02 -17.43
CA ALA A 211 6.38 -22.83 -18.50
C ALA A 211 5.87 -22.36 -19.86
N ASP A 212 4.56 -22.05 -19.96
CA ASP A 212 4.05 -21.49 -21.21
C ASP A 212 4.82 -20.23 -21.61
N GLY A 213 5.12 -19.39 -20.61
CA GLY A 213 5.90 -18.19 -20.89
C GLY A 213 7.30 -18.51 -21.38
N GLY A 214 7.95 -19.49 -20.75
CA GLY A 214 9.25 -19.93 -21.25
C GLY A 214 9.17 -20.45 -22.68
N VAL A 215 8.14 -21.24 -22.97
CA VAL A 215 7.94 -21.78 -24.32
C VAL A 215 7.71 -20.65 -25.31
N LYS A 216 6.92 -19.64 -24.94
CA LYS A 216 6.68 -18.51 -25.84
C LYS A 216 7.99 -17.84 -26.25
N MET A 217 8.90 -17.68 -25.29
CA MET A 217 10.17 -17.02 -25.55
C MET A 217 11.24 -17.95 -26.11
N GLY A 218 10.91 -19.20 -26.40
CA GLY A 218 11.80 -20.06 -27.17
C GLY A 218 12.35 -21.28 -26.45
N LEU A 219 11.96 -21.53 -25.17
CA LEU A 219 12.48 -22.69 -24.43
C LEU A 219 11.68 -23.94 -24.77
N PRO A 220 12.34 -25.09 -24.86
CA PRO A 220 11.61 -26.37 -24.91
C PRO A 220 10.77 -26.52 -23.65
N ARG A 221 9.62 -27.18 -23.81
CA ARG A 221 8.67 -27.27 -22.71
CA ARG A 221 8.66 -27.31 -22.72
C ARG A 221 9.29 -27.97 -21.49
N ARG A 222 9.97 -29.11 -21.71
CA ARG A 222 10.53 -29.87 -20.59
C ARG A 222 11.53 -29.03 -19.81
N LEU A 223 12.38 -28.28 -20.51
CA LEU A 223 13.33 -27.42 -19.80
C LEU A 223 12.61 -26.27 -19.08
N ALA A 224 11.61 -25.65 -19.73
CA ALA A 224 10.90 -24.56 -19.07
C ALA A 224 10.22 -25.03 -17.78
N VAL A 225 9.64 -26.24 -17.79
CA VAL A 225 8.99 -26.77 -16.59
C VAL A 225 10.02 -26.96 -15.50
N ARG A 226 11.15 -27.57 -15.84
CA ARG A 226 12.21 -27.86 -14.86
C ARG A 226 12.74 -26.57 -14.25
N LEU A 227 13.02 -25.56 -15.10
CA LEU A 227 13.58 -24.31 -14.61
C LEU A 227 12.57 -23.53 -13.77
N GLY A 228 11.32 -23.48 -14.21
CA GLY A 228 10.32 -22.78 -13.41
C GLY A 228 10.10 -23.45 -12.06
N ALA A 229 10.03 -24.78 -12.04
CA ALA A 229 9.84 -25.46 -10.77
C ALA A 229 11.06 -25.29 -9.86
N GLN A 230 12.27 -25.36 -10.43
CA GLN A 230 13.46 -25.15 -9.61
C GLN A 230 13.50 -23.73 -9.06
N ALA A 231 13.06 -22.76 -9.86
CA ALA A 231 13.06 -21.37 -9.41
C ALA A 231 12.08 -21.18 -8.25
N LEU A 232 10.90 -21.78 -8.33
CA LEU A 232 9.95 -21.67 -7.23
C LEU A 232 10.48 -22.37 -5.98
N LEU A 233 11.03 -23.57 -6.14
CA LEU A 233 11.55 -24.31 -4.99
C LEU A 233 12.66 -23.52 -4.30
N GLY A 234 13.61 -23.01 -5.09
CA GLY A 234 14.72 -22.29 -4.52
C GLY A 234 14.30 -21.02 -3.81
N ALA A 235 13.36 -20.27 -4.40
CA ALA A 235 12.86 -19.05 -3.79
C ALA A 235 12.16 -19.35 -2.48
N ALA A 236 11.32 -20.39 -2.47
CA ALA A 236 10.64 -20.77 -1.24
C ALA A 236 11.62 -21.19 -0.16
N LYS A 237 12.67 -21.95 -0.53
CA LYS A 237 13.67 -22.32 0.45
C LYS A 237 14.42 -21.10 0.96
N MET A 238 14.73 -20.15 0.08
CA MET A 238 15.37 -18.91 0.53
C MET A 238 14.54 -18.24 1.61
N LEU A 239 13.23 -18.13 1.38
CA LEU A 239 12.38 -17.44 2.34
C LEU A 239 12.34 -18.20 3.66
N LEU A 240 12.21 -19.54 3.60
CA LEU A 240 12.16 -20.33 4.82
C LEU A 240 13.45 -20.24 5.62
N HIS A 241 14.60 -20.17 4.94
CA HIS A 241 15.90 -20.10 5.59
C HIS A 241 16.33 -18.66 5.89
N SER A 242 15.50 -17.68 5.55
CA SER A 242 15.80 -16.29 5.79
C SER A 242 15.01 -15.79 7.00
N GLU A 243 15.59 -14.83 7.70
CA GLU A 243 14.79 -14.11 8.68
C GLU A 243 13.96 -13.00 8.03
N GLN A 244 14.16 -12.76 6.74
CA GLN A 244 13.75 -11.52 6.11
C GLN A 244 12.36 -11.61 5.49
N HIS A 245 11.81 -10.43 5.23
CA HIS A 245 10.50 -10.27 4.63
C HIS A 245 10.53 -10.73 3.17
N PRO A 246 9.46 -11.37 2.68
CA PRO A 246 9.41 -11.67 1.23
C PRO A 246 9.60 -10.43 0.38
N GLY A 247 9.00 -9.32 0.78
CA GLY A 247 9.23 -8.07 0.08
C GLY A 247 10.67 -7.63 0.14
N GLN A 248 11.32 -7.86 1.29
CA GLN A 248 12.74 -7.55 1.37
C GLN A 248 13.55 -8.43 0.42
N LEU A 249 13.17 -9.70 0.28
CA LEU A 249 13.87 -10.58 -0.65
C LEU A 249 13.56 -10.19 -2.10
N LYS A 250 12.31 -9.80 -2.37
CA LYS A 250 11.97 -9.18 -3.65
C LYS A 250 12.88 -7.99 -3.95
N ASP A 251 12.99 -7.06 -3.00
CA ASP A 251 13.89 -5.91 -3.16
C ASP A 251 15.31 -6.37 -3.47
N ASN A 252 15.84 -7.27 -2.64
CA ASN A 252 17.24 -7.66 -2.77
C ASN A 252 17.55 -8.26 -4.14
N VAL A 253 16.57 -8.86 -4.80
CA VAL A 253 16.84 -9.58 -6.05
C VAL A 253 16.28 -8.84 -7.29
N SER A 254 15.95 -7.55 -7.17
CA SER A 254 15.44 -6.76 -8.30
C SER A 254 16.36 -5.58 -8.55
N SER A 255 17.31 -5.72 -9.48
CA SER A 255 18.30 -4.67 -9.68
C SER A 255 17.74 -3.51 -10.52
N PRO A 256 18.26 -2.30 -10.30
CA PRO A 256 17.68 -1.10 -10.93
C PRO A 256 17.70 -1.17 -12.46
N GLY A 257 16.55 -0.87 -13.06
CA GLY A 257 16.43 -0.85 -14.49
C GLY A 257 16.49 -2.21 -15.17
N GLY A 258 16.57 -3.30 -14.40
CA GLY A 258 16.85 -4.61 -14.96
C GLY A 258 15.63 -5.36 -15.48
N ALA A 259 15.88 -6.60 -15.90
CA ALA A 259 14.83 -7.43 -16.46
C ALA A 259 13.76 -7.76 -15.43
N THR A 260 14.18 -8.08 -14.21
CA THR A 260 13.25 -8.51 -13.18
C THR A 260 12.26 -7.41 -12.81
N ILE A 261 12.74 -6.18 -12.57
CA ILE A 261 11.82 -5.13 -12.15
C ILE A 261 10.85 -4.80 -13.28
N HIS A 262 11.27 -4.95 -14.54
CA HIS A 262 10.33 -4.78 -15.64
C HIS A 262 9.22 -5.82 -15.58
N ALA A 263 9.58 -7.07 -15.31
CA ALA A 263 8.58 -8.12 -15.21
C ALA A 263 7.69 -7.92 -14.00
N LEU A 264 8.26 -7.44 -12.88
CA LEU A 264 7.43 -7.22 -11.70
C LEU A 264 6.36 -6.19 -12.00
N HIS A 265 6.70 -5.18 -12.79
CA HIS A 265 5.72 -4.16 -13.12
C HIS A 265 4.52 -4.76 -13.85
N VAL A 266 4.77 -5.66 -14.82
CA VAL A 266 3.62 -6.17 -15.57
C VAL A 266 2.77 -7.08 -14.67
N LEU A 267 3.40 -7.81 -13.73
CA LEU A 267 2.62 -8.49 -12.69
C LEU A 267 1.74 -7.52 -11.94
N GLU A 268 2.30 -6.39 -11.46
CA GLU A 268 1.53 -5.42 -10.70
C GLU A 268 0.38 -4.85 -11.52
N SER A 269 0.63 -4.57 -12.80
CA SER A 269 -0.40 -3.95 -13.62
C SER A 269 -1.60 -4.87 -13.82
N GLY A 270 -1.42 -6.18 -13.73
CA GLY A 270 -2.54 -7.07 -13.78
C GLY A 270 -3.16 -7.41 -12.43
N GLY A 271 -2.70 -6.79 -11.35
CA GLY A 271 -3.26 -7.09 -10.04
C GLY A 271 -2.91 -8.49 -9.54
N PHE A 272 -1.73 -9.00 -9.94
CA PHE A 272 -1.26 -10.34 -9.55
C PHE A 272 -1.45 -10.61 -8.05
N ARG A 273 -1.00 -9.71 -7.19
CA ARG A 273 -1.14 -9.90 -5.74
C ARG A 273 -2.60 -10.10 -5.35
N SER A 274 -3.49 -9.26 -5.86
CA SER A 274 -4.89 -9.36 -5.47
C SER A 274 -5.50 -10.69 -5.87
N LEU A 275 -5.02 -11.29 -6.97
CA LEU A 275 -5.56 -12.57 -7.40
C LEU A 275 -5.26 -13.66 -6.38
N LEU A 276 -4.05 -13.66 -5.82
CA LEU A 276 -3.68 -14.66 -4.84
C LEU A 276 -4.39 -14.43 -3.52
N ILE A 277 -4.62 -13.16 -3.15
CA ILE A 277 -5.49 -12.87 -2.02
C ILE A 277 -6.90 -13.39 -2.29
N ASN A 278 -7.43 -13.15 -3.49
CA ASN A 278 -8.75 -13.66 -3.86
C ASN A 278 -8.83 -15.17 -3.71
N ALA A 279 -7.76 -15.87 -4.10
CA ALA A 279 -7.76 -17.33 -4.07
C ALA A 279 -7.82 -17.85 -2.64
N VAL A 280 -6.93 -17.37 -1.78
CA VAL A 280 -6.97 -17.78 -0.37
C VAL A 280 -8.35 -17.53 0.22
N GLU A 281 -8.91 -16.34 -0.03
CA GLU A 281 -10.24 -16.01 0.47
C GLU A 281 -11.31 -16.97 -0.08
N ALA A 282 -11.29 -17.20 -1.40
CA ALA A 282 -12.33 -18.03 -2.01
C ALA A 282 -12.29 -19.46 -1.47
N SER A 283 -11.10 -20.01 -1.28
CA SER A 283 -10.98 -21.37 -0.77
C SER A 283 -11.42 -21.44 0.70
N CYS A 284 -10.99 -20.45 1.49
CA CYS A 284 -11.40 -20.38 2.90
C CYS A 284 -12.91 -20.26 3.04
N ILE A 285 -13.52 -19.35 2.28
CA ILE A 285 -14.96 -19.12 2.36
C ILE A 285 -15.73 -20.37 1.94
N ARG A 286 -15.28 -21.04 0.88
CA ARG A 286 -15.91 -22.30 0.50
C ARG A 286 -15.79 -23.33 1.61
N THR A 287 -14.62 -23.40 2.26
CA THR A 287 -14.45 -24.31 3.39
C THR A 287 -15.43 -23.98 4.52
N ARG A 288 -15.61 -22.69 4.83
CA ARG A 288 -16.60 -22.28 5.81
C ARG A 288 -18.01 -22.73 5.42
N GLU A 289 -18.34 -22.62 4.13
CA GLU A 289 -19.64 -23.15 3.70
C GLU A 289 -19.73 -24.65 3.93
N LEU A 290 -18.62 -25.37 3.80
CA LEU A 290 -18.61 -26.80 4.11
C LEU A 290 -18.73 -27.06 5.62
N GLN A 291 -18.07 -26.24 6.44
CA GLN A 291 -18.22 -26.36 7.90
C GLN A 291 -19.69 -26.20 8.30
N SER A 292 -20.41 -25.29 7.63
CA SER A 292 -21.82 -25.07 7.94
C SER A 292 -22.67 -26.26 7.52
N MET A 293 -22.33 -26.92 6.41
CA MET A 293 -23.03 -28.13 6.02
C MET A 293 -22.78 -29.24 7.03
N ALA A 294 -21.52 -29.44 7.41
CA ALA A 294 -21.17 -30.40 8.46
C ALA A 294 -21.98 -30.18 9.74
N ASP A 295 -22.11 -28.94 10.18
CA ASP A 295 -22.77 -28.62 11.43
C ASP A 295 -24.29 -28.48 11.32
N GLN A 296 -24.85 -28.48 10.12
CA GLN A 296 -26.31 -28.37 9.97
C GLN A 296 -26.94 -29.70 9.57
N ASN B 17 34.31 -37.10 -13.26
CA ASN B 17 34.32 -36.06 -12.23
C ASN B 17 35.65 -35.35 -12.19
N LEU B 18 35.63 -34.04 -12.45
CA LEU B 18 36.84 -33.23 -12.48
C LEU B 18 37.16 -32.73 -11.08
N TYR B 19 38.45 -32.61 -10.79
CA TYR B 19 38.92 -32.06 -9.52
C TYR B 19 39.05 -30.55 -9.66
N PHE B 20 38.33 -29.80 -8.82
CA PHE B 20 38.46 -28.35 -8.86
C PHE B 20 38.59 -27.73 -7.47
N GLN B 21 38.73 -28.53 -6.41
CA GLN B 21 38.62 -27.99 -5.06
C GLN B 21 39.72 -26.98 -4.76
N SER B 22 40.86 -27.09 -5.43
CA SER B 22 42.01 -26.25 -5.15
C SER B 22 42.08 -24.99 -6.00
N MET B 23 41.20 -24.85 -6.99
CA MET B 23 41.30 -23.70 -7.87
C MET B 23 40.80 -22.43 -7.19
N SER B 24 41.25 -21.30 -7.70
CA SER B 24 40.86 -20.00 -7.18
C SER B 24 39.79 -19.38 -8.07
N VAL B 25 38.82 -18.75 -7.43
CA VAL B 25 37.68 -18.18 -8.13
C VAL B 25 37.66 -16.68 -7.83
N GLY B 26 37.35 -15.89 -8.85
CA GLY B 26 37.25 -14.46 -8.69
C GLY B 26 35.93 -13.94 -9.20
N PHE B 27 35.48 -12.85 -8.59
CA PHE B 27 34.26 -12.15 -9.01
C PHE B 27 34.61 -10.70 -9.31
N ILE B 28 34.42 -10.28 -10.55
CA ILE B 28 34.39 -8.85 -10.85
C ILE B 28 32.98 -8.38 -10.54
N GLY B 29 32.84 -7.54 -9.52
CA GLY B 29 31.54 -7.22 -8.98
C GLY B 29 31.38 -7.93 -7.64
N ALA B 30 30.98 -7.20 -6.61
CA ALA B 30 30.87 -7.76 -5.28
C ALA B 30 29.48 -7.54 -4.72
N GLY B 31 28.47 -7.76 -5.55
CA GLY B 31 27.09 -7.46 -5.21
C GLY B 31 26.29 -8.70 -4.87
N GLN B 32 24.99 -8.68 -5.23
CA GLN B 32 24.08 -9.73 -4.81
C GLN B 32 24.45 -11.08 -5.42
N LEU B 33 24.82 -11.09 -6.70
CA LEU B 33 25.16 -12.36 -7.35
C LEU B 33 26.47 -12.93 -6.80
N ALA B 34 27.50 -12.09 -6.68
CA ALA B 34 28.77 -12.55 -6.13
C ALA B 34 28.57 -13.16 -4.74
N PHE B 35 27.82 -12.47 -3.89
CA PHE B 35 27.54 -13.02 -2.55
C PHE B 35 26.79 -14.34 -2.62
N ALA B 36 25.75 -14.41 -3.45
CA ALA B 36 24.94 -15.61 -3.51
C ALA B 36 25.78 -16.80 -3.96
N LEU B 37 26.57 -16.64 -5.04
CA LEU B 37 27.39 -17.74 -5.50
C LEU B 37 28.47 -18.10 -4.49
N ALA B 38 29.16 -17.10 -3.93
CA ALA B 38 30.23 -17.40 -3.00
C ALA B 38 29.69 -18.11 -1.75
N LYS B 39 28.51 -17.69 -1.29
CA LYS B 39 27.89 -18.34 -0.14
C LYS B 39 27.51 -19.77 -0.47
N GLY B 40 26.90 -19.99 -1.63
CA GLY B 40 26.53 -21.34 -2.04
C GLY B 40 27.73 -22.26 -2.16
N PHE B 41 28.80 -21.80 -2.84
CA PHE B 41 29.99 -22.63 -3.01
C PHE B 41 30.62 -23.00 -1.67
N THR B 42 30.74 -22.03 -0.78
CA THR B 42 31.39 -22.31 0.51
C THR B 42 30.49 -23.18 1.39
N ALA B 43 29.19 -22.91 1.39
CA ALA B 43 28.27 -23.76 2.15
C ALA B 43 28.23 -25.17 1.59
N ALA B 44 28.38 -25.34 0.28
CA ALA B 44 28.51 -26.66 -0.31
C ALA B 44 29.83 -27.32 0.04
N GLY B 45 30.79 -26.57 0.58
CA GLY B 45 32.10 -27.11 0.88
C GLY B 45 32.96 -27.44 -0.31
N VAL B 46 32.59 -26.99 -1.52
CA VAL B 46 33.34 -27.36 -2.72
C VAL B 46 34.49 -26.40 -3.01
N LEU B 47 34.49 -25.22 -2.37
CA LEU B 47 35.59 -24.27 -2.43
C LEU B 47 35.80 -23.70 -1.04
N ALA B 48 37.06 -23.46 -0.69
CA ALA B 48 37.38 -22.75 0.54
C ALA B 48 37.20 -21.26 0.33
N ALA B 49 36.72 -20.57 1.37
CA ALA B 49 36.42 -19.15 1.25
C ALA B 49 37.64 -18.34 0.81
N HIS B 50 38.82 -18.69 1.31
CA HIS B 50 40.04 -17.96 0.93
C HIS B 50 40.45 -18.21 -0.52
N LYS B 51 39.82 -19.16 -1.21
CA LYS B 51 40.02 -19.33 -2.64
C LYS B 51 39.28 -18.29 -3.47
N ILE B 52 38.45 -17.47 -2.84
CA ILE B 52 37.54 -16.57 -3.54
C ILE B 52 37.97 -15.13 -3.29
N MET B 53 38.02 -14.35 -4.35
CA MET B 53 38.30 -12.92 -4.29
C MET B 53 37.22 -12.19 -5.07
N ALA B 54 36.81 -11.04 -4.56
CA ALA B 54 35.80 -10.23 -5.22
C ALA B 54 36.24 -8.79 -5.20
N SER B 55 35.88 -8.04 -6.25
CA SER B 55 36.25 -6.64 -6.32
C SER B 55 35.06 -5.80 -6.72
N SER B 56 35.01 -4.60 -6.17
CA SER B 56 34.11 -3.54 -6.59
C SER B 56 34.75 -2.21 -6.22
N PRO B 57 34.34 -1.11 -6.84
CA PRO B 57 34.96 0.17 -6.47
C PRO B 57 34.58 0.64 -5.06
N ASP B 58 33.31 0.50 -4.67
CA ASP B 58 32.85 0.97 -3.35
C ASP B 58 32.98 -0.16 -2.34
N MET B 59 34.03 -0.11 -1.53
CA MET B 59 34.34 -1.15 -0.55
C MET B 59 33.66 -0.92 0.80
N ASP B 60 32.59 -0.13 0.83
CA ASP B 60 31.79 0.08 2.04
C ASP B 60 30.34 -0.37 1.81
N LEU B 61 30.14 -1.30 0.90
CA LEU B 61 28.80 -1.77 0.54
C LEU B 61 28.36 -2.91 1.45
N ALA B 62 27.05 -3.18 1.43
CA ALA B 62 26.48 -4.19 2.33
C ALA B 62 26.84 -5.61 1.87
N THR B 63 26.76 -5.87 0.56
CA THR B 63 27.16 -7.19 0.08
C THR B 63 28.66 -7.41 0.27
N VAL B 64 29.46 -6.35 0.10
CA VAL B 64 30.90 -6.45 0.36
C VAL B 64 31.14 -6.85 1.82
N SER B 65 30.42 -6.22 2.75
CA SER B 65 30.56 -6.58 4.16
C SER B 65 30.08 -8.01 4.40
N ALA B 66 29.02 -8.43 3.71
CA ALA B 66 28.54 -9.81 3.83
C ALA B 66 29.57 -10.80 3.31
N LEU B 67 30.17 -10.50 2.15
CA LEU B 67 31.30 -11.30 1.67
C LEU B 67 32.45 -11.30 2.66
N ARG B 68 32.70 -10.15 3.29
CA ARG B 68 33.82 -10.04 4.23
C ARG B 68 33.69 -11.04 5.37
N LYS B 69 32.51 -11.08 6.01
CA LYS B 69 32.31 -11.96 7.15
C LYS B 69 32.37 -13.44 6.75
N MET B 70 32.24 -13.72 5.46
CA MET B 70 32.32 -15.08 4.94
C MET B 70 33.76 -15.57 4.79
N GLY B 71 34.73 -14.66 4.76
CA GLY B 71 36.12 -15.03 4.57
C GLY B 71 36.66 -14.81 3.18
N VAL B 72 35.88 -14.22 2.30
CA VAL B 72 36.31 -13.92 0.93
C VAL B 72 37.32 -12.78 0.95
N LYS B 73 38.28 -12.84 0.04
CA LYS B 73 39.22 -11.73 -0.14
C LYS B 73 38.55 -10.62 -0.94
N LEU B 74 38.68 -9.38 -0.46
CA LEU B 74 38.03 -8.23 -1.07
C LEU B 74 39.07 -7.20 -1.46
N THR B 75 38.86 -6.54 -2.60
CA THR B 75 39.79 -5.53 -3.07
C THR B 75 39.04 -4.57 -3.99
N PRO B 76 39.46 -3.31 -4.09
CA PRO B 76 38.88 -2.44 -5.11
C PRO B 76 39.45 -2.67 -6.50
N HIS B 77 40.52 -3.45 -6.62
CA HIS B 77 41.32 -3.52 -7.84
C HIS B 77 40.92 -4.74 -8.66
N ASN B 78 40.24 -4.50 -9.79
CA ASN B 78 39.82 -5.61 -10.65
C ASN B 78 41.02 -6.42 -11.14
N LYS B 79 42.16 -5.76 -11.40
CA LYS B 79 43.33 -6.50 -11.85
C LYS B 79 43.79 -7.52 -10.83
N GLU B 80 43.69 -7.22 -9.53
CA GLU B 80 44.07 -8.18 -8.50
C GLU B 80 43.18 -9.42 -8.54
N THR B 81 41.87 -9.22 -8.74
CA THR B 81 40.95 -10.35 -8.87
C THR B 81 41.35 -11.23 -10.05
N VAL B 82 41.70 -10.62 -11.18
CA VAL B 82 42.11 -11.41 -12.35
C VAL B 82 43.38 -12.20 -12.04
N GLN B 83 44.38 -11.54 -11.46
CA GLN B 83 45.64 -12.21 -11.18
C GLN B 83 45.47 -13.33 -10.17
N HIS B 84 44.51 -13.19 -9.25
CA HIS B 84 44.23 -14.21 -8.25
C HIS B 84 43.54 -15.44 -8.85
N SER B 85 42.73 -15.25 -9.90
CA SER B 85 41.71 -16.23 -10.27
C SER B 85 42.19 -17.21 -11.34
N ASP B 86 41.61 -18.41 -11.30
CA ASP B 86 41.62 -19.36 -12.39
C ASP B 86 40.31 -19.31 -13.17
N VAL B 87 39.20 -19.40 -12.46
CA VAL B 87 37.87 -19.11 -13.01
C VAL B 87 37.46 -17.72 -12.57
N LEU B 88 37.06 -16.89 -13.52
CA LEU B 88 36.78 -15.48 -13.29
C LEU B 88 35.32 -15.24 -13.66
N PHE B 89 34.48 -14.97 -12.66
CA PHE B 89 33.08 -14.67 -12.90
C PHE B 89 32.91 -13.17 -13.13
N LEU B 90 32.14 -12.80 -14.15
CA LEU B 90 31.81 -11.39 -14.37
C LEU B 90 30.43 -11.16 -13.78
N ALA B 91 30.36 -10.38 -12.71
CA ALA B 91 29.14 -10.22 -11.94
C ALA B 91 28.83 -8.74 -11.78
N VAL B 92 29.02 -7.99 -12.86
CA VAL B 92 28.64 -6.58 -12.91
C VAL B 92 27.40 -6.45 -13.81
N LYS B 93 26.77 -5.28 -13.75
CA LYS B 93 25.62 -5.00 -14.59
C LYS B 93 26.02 -5.09 -16.07
N PRO B 94 25.08 -5.41 -16.95
CA PRO B 94 25.42 -5.61 -18.37
C PRO B 94 26.15 -4.44 -19.01
N HIS B 95 25.74 -3.21 -18.71
CA HIS B 95 26.38 -2.09 -19.37
C HIS B 95 27.79 -1.85 -18.87
N ILE B 96 28.17 -2.46 -17.75
CA ILE B 96 29.53 -2.35 -17.21
C ILE B 96 30.47 -3.37 -17.85
N ILE B 97 29.93 -4.47 -18.39
CA ILE B 97 30.79 -5.53 -18.94
C ILE B 97 31.81 -4.99 -19.94
N PRO B 98 31.44 -4.23 -20.97
CA PRO B 98 32.47 -3.78 -21.93
C PRO B 98 33.59 -2.97 -21.28
N PHE B 99 33.27 -2.16 -20.26
CA PHE B 99 34.32 -1.40 -19.57
C PHE B 99 35.27 -2.33 -18.81
N ILE B 100 34.71 -3.34 -18.13
CA ILE B 100 35.52 -4.34 -17.44
C ILE B 100 36.46 -5.04 -18.42
N LEU B 101 35.94 -5.42 -19.57
CA LEU B 101 36.75 -6.16 -20.54
C LEU B 101 37.88 -5.30 -21.09
N ASP B 102 37.62 -4.01 -21.29
CA ASP B 102 38.70 -3.10 -21.68
C ASP B 102 39.73 -2.98 -20.56
N GLU B 103 39.28 -2.98 -19.30
CA GLU B 103 40.19 -2.75 -18.18
C GLU B 103 41.10 -3.94 -17.94
N ILE B 104 40.57 -5.16 -17.96
CA ILE B 104 41.36 -6.32 -17.57
C ILE B 104 41.75 -7.20 -18.74
N GLY B 105 41.33 -6.86 -19.96
CA GLY B 105 41.63 -7.73 -21.10
C GLY B 105 43.10 -8.07 -21.23
N ALA B 106 43.99 -7.11 -20.95
CA ALA B 106 45.41 -7.38 -21.05
C ALA B 106 45.92 -8.32 -19.97
N ASP B 107 45.15 -8.54 -18.90
CA ASP B 107 45.57 -9.41 -17.81
C ASP B 107 45.02 -10.83 -17.92
N ILE B 108 44.15 -11.08 -18.89
CA ILE B 108 43.67 -12.44 -19.13
C ILE B 108 44.84 -13.30 -19.61
N GLU B 109 45.00 -14.46 -18.98
CA GLU B 109 46.05 -15.42 -19.29
C GLU B 109 45.42 -16.67 -19.88
N ASP B 110 46.28 -17.58 -20.35
CA ASP B 110 45.81 -18.81 -20.97
C ASP B 110 45.03 -19.68 -19.98
N ARG B 111 45.40 -19.63 -18.69
CA ARG B 111 44.72 -20.45 -17.69
C ARG B 111 43.28 -19.99 -17.44
N HIS B 112 42.93 -18.75 -17.79
CA HIS B 112 41.66 -18.20 -17.35
C HIS B 112 40.47 -18.81 -18.09
N ILE B 113 39.43 -19.16 -17.34
CA ILE B 113 38.08 -19.34 -17.87
C ILE B 113 37.25 -18.15 -17.43
N VAL B 114 36.76 -17.38 -18.40
CA VAL B 114 35.95 -16.20 -18.12
C VAL B 114 34.48 -16.60 -18.20
N VAL B 115 33.76 -16.45 -17.09
CA VAL B 115 32.38 -16.88 -17.01
C VAL B 115 31.53 -15.62 -16.81
N SER B 116 30.87 -15.18 -17.86
CA SER B 116 30.00 -14.02 -17.75
C SER B 116 28.64 -14.42 -17.22
N CYS B 117 28.19 -13.75 -16.17
CA CYS B 117 26.86 -14.01 -15.65
C CYS B 117 25.89 -12.89 -16.00
N ALA B 118 26.34 -11.89 -16.74
CA ALA B 118 25.52 -10.70 -16.99
C ALA B 118 24.35 -11.03 -17.89
N ALA B 119 23.19 -10.48 -17.54
CA ALA B 119 21.99 -10.68 -18.36
C ALA B 119 22.19 -10.10 -19.76
N GLY B 120 21.84 -10.87 -20.78
CA GLY B 120 21.78 -10.34 -22.12
C GLY B 120 23.09 -10.32 -22.88
N VAL B 121 24.23 -10.27 -22.19
CA VAL B 121 25.50 -10.00 -22.87
C VAL B 121 25.97 -11.25 -23.61
N THR B 122 26.21 -11.12 -24.90
CA THR B 122 26.53 -12.28 -25.75
C THR B 122 27.99 -12.71 -25.62
N ILE B 123 28.20 -14.02 -25.77
CA ILE B 123 29.55 -14.55 -25.88
C ILE B 123 30.32 -13.83 -26.97
N SER B 124 29.68 -13.60 -28.11
CA SER B 124 30.33 -12.93 -29.23
C SER B 124 30.91 -11.58 -28.82
N SER B 125 30.12 -10.76 -28.12
CA SER B 125 30.62 -9.44 -27.74
C SER B 125 31.77 -9.53 -26.74
N ILE B 126 31.74 -10.53 -25.84
CA ILE B 126 32.84 -10.71 -24.89
C ILE B 126 34.09 -11.17 -25.61
N GLU B 127 33.96 -12.18 -26.49
CA GLU B 127 35.12 -12.69 -27.22
C GLU B 127 35.75 -11.62 -28.11
N LYS B 128 34.92 -10.77 -28.71
CA LYS B 128 35.45 -9.71 -29.56
C LYS B 128 36.35 -8.76 -28.77
N LYS B 129 35.89 -8.35 -27.58
CA LYS B 129 36.69 -7.51 -26.70
C LYS B 129 37.98 -8.20 -26.28
N LEU B 130 37.87 -9.43 -25.75
CA LEU B 130 39.05 -10.07 -25.18
C LEU B 130 40.04 -10.51 -26.24
N SER B 131 39.55 -10.85 -27.44
CA SER B 131 40.45 -11.24 -28.53
C SER B 131 41.35 -10.10 -28.98
N ALA B 132 41.00 -8.85 -28.67
CA ALA B 132 41.89 -7.74 -28.99
C ALA B 132 43.24 -7.88 -28.28
N PHE B 133 43.27 -8.57 -27.14
CA PHE B 133 44.47 -8.67 -26.31
C PHE B 133 45.17 -10.01 -26.42
N ARG B 134 44.41 -11.10 -26.52
CA ARG B 134 45.00 -12.41 -26.58
C ARG B 134 44.04 -13.27 -27.38
N PRO B 135 44.52 -14.10 -28.29
CA PRO B 135 43.61 -14.96 -29.05
C PRO B 135 43.09 -16.08 -28.18
N ALA B 136 41.95 -16.60 -28.60
CA ALA B 136 41.32 -17.75 -27.95
C ALA B 136 41.01 -17.55 -26.47
N PRO B 137 40.37 -16.45 -26.05
CA PRO B 137 39.88 -16.40 -24.67
C PRO B 137 38.83 -17.47 -24.46
N ARG B 138 38.93 -18.14 -23.31
CA ARG B 138 37.99 -19.22 -22.94
C ARG B 138 36.81 -18.59 -22.22
N VAL B 139 35.66 -18.55 -22.87
CA VAL B 139 34.52 -17.80 -22.38
C VAL B 139 33.34 -18.75 -22.21
N ILE B 140 32.64 -18.60 -21.09
CA ILE B 140 31.39 -19.29 -20.84
C ILE B 140 30.37 -18.27 -20.39
N ARG B 141 29.16 -18.37 -20.91
CA ARG B 141 28.06 -17.51 -20.51
C ARG B 141 27.12 -18.30 -19.63
N CYS B 142 26.67 -17.66 -18.56
CA CYS B 142 25.88 -18.33 -17.54
C CYS B 142 24.66 -17.47 -17.22
N MET B 143 23.57 -18.12 -16.88
CA MET B 143 22.45 -17.46 -16.22
C MET B 143 22.08 -18.33 -15.03
N THR B 144 21.96 -17.71 -13.87
CA THR B 144 21.69 -18.45 -12.64
C THR B 144 20.65 -17.65 -11.87
N ASN B 145 20.55 -17.86 -10.56
CA ASN B 145 19.62 -17.05 -9.77
C ASN B 145 20.04 -17.08 -8.31
N THR B 146 19.44 -16.20 -7.52
CA THR B 146 19.92 -16.03 -6.15
C THR B 146 19.75 -17.26 -5.27
N PRO B 147 18.79 -18.18 -5.50
CA PRO B 147 18.71 -19.37 -4.62
C PRO B 147 19.93 -20.28 -4.65
N VAL B 148 20.96 -19.99 -5.45
CA VAL B 148 22.23 -20.67 -5.23
C VAL B 148 22.70 -20.45 -3.79
N VAL B 149 22.21 -19.40 -3.13
CA VAL B 149 22.65 -19.10 -1.78
C VAL B 149 22.19 -20.19 -0.81
N VAL B 150 21.10 -20.90 -1.13
CA VAL B 150 20.65 -22.07 -0.37
C VAL B 150 20.86 -23.36 -1.18
N ARG B 151 21.76 -23.32 -2.16
CA ARG B 151 22.12 -24.48 -2.97
C ARG B 151 20.91 -25.07 -3.70
N GLU B 152 19.98 -24.22 -4.12
CA GLU B 152 18.84 -24.65 -4.92
C GLU B 152 18.65 -23.72 -6.10
N GLY B 153 19.76 -23.25 -6.67
CA GLY B 153 19.70 -22.42 -7.85
C GLY B 153 19.27 -23.20 -9.08
N ALA B 154 18.99 -22.42 -10.13
CA ALA B 154 18.67 -22.92 -11.47
C ALA B 154 19.63 -22.23 -12.41
N THR B 155 20.56 -22.99 -12.99
CA THR B 155 21.66 -22.40 -13.75
C THR B 155 21.74 -23.06 -15.10
N VAL B 156 21.91 -22.25 -16.15
CA VAL B 156 22.26 -22.78 -17.47
C VAL B 156 23.57 -22.12 -17.90
N TYR B 157 24.26 -22.76 -18.84
CA TYR B 157 25.47 -22.16 -19.36
C TYR B 157 25.66 -22.56 -20.82
N ALA B 158 26.33 -21.71 -21.57
CA ALA B 158 26.72 -22.02 -22.94
C ALA B 158 28.22 -21.80 -23.07
N THR B 159 28.88 -22.65 -23.86
CA THR B 159 30.32 -22.60 -24.02
C THR B 159 30.69 -21.76 -25.24
N GLY B 160 31.75 -20.97 -25.10
CA GLY B 160 32.18 -20.06 -26.15
C GLY B 160 33.04 -20.76 -27.19
N THR B 161 33.54 -19.94 -28.12
CA THR B 161 34.23 -20.45 -29.30
C THR B 161 35.50 -21.22 -28.94
N HIS B 162 36.21 -20.80 -27.89
CA HIS B 162 37.52 -21.35 -27.58
C HIS B 162 37.53 -22.09 -26.25
N ALA B 163 36.35 -22.36 -25.71
CA ALA B 163 36.27 -23.09 -24.45
C ALA B 163 36.83 -24.49 -24.63
N GLN B 164 37.71 -24.88 -23.73
CA GLN B 164 38.37 -26.16 -23.89
C GLN B 164 37.39 -27.31 -23.69
N VAL B 165 37.90 -28.53 -23.93
CA VAL B 165 37.07 -29.74 -23.87
C VAL B 165 36.29 -29.78 -22.56
N GLU B 166 36.99 -29.60 -21.45
CA GLU B 166 36.45 -29.84 -20.12
C GLU B 166 36.09 -28.55 -19.40
N ASP B 167 36.18 -27.40 -20.07
CA ASP B 167 35.76 -26.14 -19.44
C ASP B 167 34.27 -26.16 -19.13
N GLY B 168 33.47 -26.67 -20.07
CA GLY B 168 32.04 -26.77 -19.83
C GLY B 168 31.70 -27.76 -18.74
N ARG B 169 32.37 -28.92 -18.76
CA ARG B 169 32.17 -29.91 -17.72
C ARG B 169 32.56 -29.36 -16.35
N LEU B 170 33.71 -28.67 -16.28
CA LEU B 170 34.14 -28.05 -15.02
C LEU B 170 33.10 -27.07 -14.50
N MET B 171 32.58 -26.21 -15.37
CA MET B 171 31.59 -25.25 -14.91
C MET B 171 30.29 -25.95 -14.53
N GLU B 172 29.93 -27.04 -15.20
CA GLU B 172 28.73 -27.75 -14.81
C GLU B 172 28.89 -28.41 -13.45
N GLN B 173 30.05 -29.02 -13.21
CA GLN B 173 30.33 -29.62 -11.90
C GLN B 173 30.29 -28.56 -10.81
N LEU B 174 30.98 -27.44 -11.01
CA LEU B 174 30.98 -26.38 -10.03
C LEU B 174 29.57 -25.89 -9.76
N LEU B 175 28.83 -25.51 -10.81
CA LEU B 175 27.52 -24.92 -10.59
C LEU B 175 26.47 -25.93 -10.15
N SER B 176 26.68 -27.23 -10.42
CA SER B 176 25.77 -28.24 -9.89
C SER B 176 25.86 -28.37 -8.38
N SER B 177 26.94 -27.88 -7.77
CA SER B 177 27.02 -27.95 -6.31
C SER B 177 26.06 -26.99 -5.63
N VAL B 178 25.50 -26.02 -6.35
CA VAL B 178 24.60 -25.06 -5.73
C VAL B 178 23.22 -25.05 -6.40
N GLY B 179 22.87 -26.10 -7.15
CA GLY B 179 21.53 -26.18 -7.72
C GLY B 179 21.51 -27.02 -8.99
N PHE B 180 20.40 -26.93 -9.70
CA PHE B 180 20.29 -27.53 -11.02
C PHE B 180 21.23 -26.80 -11.98
N CYS B 181 21.90 -27.55 -12.86
CA CYS B 181 22.75 -26.94 -13.87
C CYS B 181 22.72 -27.75 -15.14
N THR B 182 22.56 -27.09 -16.29
CA THR B 182 22.60 -27.81 -17.55
C THR B 182 23.15 -26.92 -18.65
N GLU B 183 23.82 -27.53 -19.62
CA GLU B 183 24.28 -26.78 -20.79
C GLU B 183 23.10 -26.46 -21.70
N VAL B 184 23.09 -25.27 -22.29
CA VAL B 184 22.11 -24.89 -23.31
C VAL B 184 22.83 -24.21 -24.47
N GLU B 185 22.15 -24.17 -25.61
CA GLU B 185 22.52 -23.27 -26.69
C GLU B 185 22.38 -21.84 -26.21
N GLU B 186 23.28 -20.96 -26.66
CA GLU B 186 23.26 -19.59 -26.15
C GLU B 186 21.94 -18.88 -26.46
N ASP B 187 21.30 -19.20 -27.59
CA ASP B 187 20.10 -18.44 -27.94
C ASP B 187 18.92 -18.73 -27.01
N LEU B 188 19.04 -19.66 -26.07
CA LEU B 188 18.01 -19.85 -25.05
C LEU B 188 18.21 -18.97 -23.81
N ILE B 189 19.36 -18.32 -23.64
CA ILE B 189 19.68 -17.83 -22.31
C ILE B 189 18.84 -16.60 -21.95
N ASP B 190 18.50 -15.74 -22.93
CA ASP B 190 17.65 -14.61 -22.60
C ASP B 190 16.28 -15.09 -22.08
N ALA B 191 15.75 -16.16 -22.65
CA ALA B 191 14.46 -16.68 -22.19
C ALA B 191 14.61 -17.33 -20.82
N VAL B 192 15.71 -18.05 -20.58
CA VAL B 192 15.99 -18.56 -19.23
C VAL B 192 16.01 -17.41 -18.22
N THR B 193 16.65 -16.30 -18.59
CA THR B 193 16.67 -15.13 -17.71
C THR B 193 15.26 -14.70 -17.31
N GLY B 194 14.34 -14.67 -18.28
CA GLY B 194 12.99 -14.24 -17.94
C GLY B 194 12.23 -15.23 -17.09
N LEU B 195 12.63 -16.50 -17.13
CA LEU B 195 11.92 -17.55 -16.40
C LEU B 195 12.57 -17.80 -15.03
N SER B 196 13.77 -18.40 -15.02
CA SER B 196 14.38 -18.73 -13.74
C SER B 196 15.29 -17.64 -13.19
N GLY B 197 15.79 -16.74 -14.01
CA GLY B 197 16.58 -15.64 -13.48
C GLY B 197 15.73 -14.67 -12.67
N SER B 198 14.66 -14.17 -13.29
CA SER B 198 13.74 -13.29 -12.59
C SER B 198 12.77 -14.07 -11.71
N GLY B 199 12.65 -15.37 -11.93
CA GLY B 199 11.68 -16.22 -11.27
C GLY B 199 11.54 -16.06 -9.77
N PRO B 200 12.66 -16.00 -9.03
CA PRO B 200 12.54 -15.84 -7.57
C PRO B 200 11.73 -14.61 -7.17
N ALA B 201 11.89 -13.48 -7.88
CA ALA B 201 11.11 -12.28 -7.55
C ALA B 201 9.63 -12.50 -7.78
N TYR B 202 9.27 -13.26 -8.83
CA TYR B 202 7.86 -13.63 -9.02
C TYR B 202 7.36 -14.40 -7.81
N ALA B 203 8.18 -15.34 -7.33
CA ALA B 203 7.79 -16.15 -6.18
C ALA B 203 7.71 -15.33 -4.90
N PHE B 204 8.65 -14.40 -4.68
CA PHE B 204 8.57 -13.59 -3.46
C PHE B 204 7.33 -12.71 -3.49
N THR B 205 7.00 -12.14 -4.65
CA THR B 205 5.75 -11.40 -4.79
C THR B 205 4.54 -12.29 -4.47
N ALA B 206 4.52 -13.49 -5.05
CA ALA B 206 3.40 -14.40 -4.82
C ALA B 206 3.29 -14.76 -3.35
N LEU B 207 4.44 -14.99 -2.69
CA LEU B 207 4.42 -15.38 -1.28
C LEU B 207 3.93 -14.25 -0.40
N ASP B 208 4.33 -13.02 -0.71
CA ASP B 208 3.84 -11.85 0.03
C ASP B 208 2.32 -11.76 -0.07
N ALA B 209 1.79 -11.94 -1.28
CA ALA B 209 0.36 -11.82 -1.52
C ALA B 209 -0.40 -12.97 -0.87
N LEU B 210 0.09 -14.20 -1.02
CA LEU B 210 -0.53 -15.32 -0.34
C LEU B 210 -0.55 -15.11 1.17
N ALA B 211 0.54 -14.58 1.73
CA ALA B 211 0.55 -14.29 3.15
C ALA B 211 -0.49 -13.23 3.50
N ASP B 212 -0.64 -12.21 2.66
CA ASP B 212 -1.70 -11.21 2.85
C ASP B 212 -3.07 -11.88 2.85
N GLY B 213 -3.29 -12.83 1.92
CA GLY B 213 -4.56 -13.54 1.90
C GLY B 213 -4.76 -14.38 3.14
N GLY B 214 -3.72 -15.06 3.60
CA GLY B 214 -3.81 -15.78 4.86
C GLY B 214 -4.14 -14.88 6.03
N VAL B 215 -3.49 -13.71 6.09
CA VAL B 215 -3.79 -12.75 7.15
C VAL B 215 -5.23 -12.24 7.04
N LYS B 216 -5.68 -11.95 5.82
CA LYS B 216 -7.06 -11.47 5.67
C LYS B 216 -8.05 -12.47 6.27
N MET B 217 -7.78 -13.76 6.08
CA MET B 217 -8.69 -14.81 6.53
C MET B 217 -8.40 -15.27 7.96
N GLY B 218 -7.50 -14.59 8.68
CA GLY B 218 -7.40 -14.74 10.13
C GLY B 218 -6.11 -15.36 10.63
N LEU B 219 -5.15 -15.65 9.76
CA LEU B 219 -3.92 -16.25 10.25
C LEU B 219 -2.91 -15.19 10.69
N PRO B 220 -2.13 -15.49 11.72
CA PRO B 220 -0.97 -14.64 12.05
C PRO B 220 -0.01 -14.57 10.89
N ARG B 221 0.62 -13.40 10.73
CA ARG B 221 1.49 -13.16 9.58
C ARG B 221 2.62 -14.19 9.49
N ARG B 222 3.28 -14.47 10.63
CA ARG B 222 4.41 -15.38 10.60
C ARG B 222 3.99 -16.77 10.15
N LEU B 223 2.84 -17.24 10.63
CA LEU B 223 2.31 -18.52 10.18
C LEU B 223 1.94 -18.49 8.71
N ALA B 224 1.31 -17.41 8.25
CA ALA B 224 0.89 -17.35 6.86
C ALA B 224 2.11 -17.37 5.93
N VAL B 225 3.17 -16.66 6.32
CA VAL B 225 4.41 -16.69 5.53
C VAL B 225 4.98 -18.10 5.47
N ARG B 226 5.03 -18.77 6.62
CA ARG B 226 5.65 -20.10 6.69
C ARG B 226 4.84 -21.12 5.88
N LEU B 227 3.50 -21.09 6.03
CA LEU B 227 2.65 -22.03 5.32
C LEU B 227 2.68 -21.79 3.81
N GLY B 228 2.59 -20.53 3.39
CA GLY B 228 2.69 -20.24 1.97
C GLY B 228 4.01 -20.73 1.36
N ALA B 229 5.13 -20.40 2.01
CA ALA B 229 6.44 -20.79 1.48
C ALA B 229 6.58 -22.31 1.45
N GLN B 230 6.15 -22.99 2.53
CA GLN B 230 6.21 -24.44 2.56
C GLN B 230 5.32 -25.06 1.48
N ALA B 231 4.13 -24.48 1.25
CA ALA B 231 3.26 -24.95 0.18
C ALA B 231 3.94 -24.83 -1.17
N LEU B 232 4.58 -23.68 -1.44
CA LEU B 232 5.23 -23.51 -2.73
C LEU B 232 6.40 -24.47 -2.88
N LEU B 233 7.20 -24.61 -1.83
CA LEU B 233 8.36 -25.49 -1.88
C LEU B 233 7.93 -26.93 -2.13
N GLY B 234 6.97 -27.41 -1.34
CA GLY B 234 6.50 -28.77 -1.49
C GLY B 234 5.92 -29.04 -2.86
N ALA B 235 5.11 -28.10 -3.38
CA ALA B 235 4.50 -28.29 -4.69
C ALA B 235 5.58 -28.33 -5.78
N ALA B 236 6.56 -27.43 -5.69
CA ALA B 236 7.62 -27.43 -6.68
C ALA B 236 8.39 -28.73 -6.64
N LYS B 237 8.67 -29.25 -5.43
CA LYS B 237 9.38 -30.50 -5.30
C LYS B 237 8.57 -31.66 -5.87
N MET B 238 7.25 -31.68 -5.62
CA MET B 238 6.39 -32.70 -6.20
C MET B 238 6.53 -32.74 -7.71
N LEU B 239 6.46 -31.57 -8.34
CA LEU B 239 6.53 -31.51 -9.79
C LEU B 239 7.88 -31.99 -10.30
N LEU B 240 8.96 -31.59 -9.63
CA LEU B 240 10.29 -32.04 -10.03
C LEU B 240 10.45 -33.55 -9.90
N HIS B 241 9.73 -34.18 -8.98
CA HIS B 241 9.85 -35.62 -8.76
C HIS B 241 8.76 -36.42 -9.44
N SER B 242 7.85 -35.76 -10.14
CA SER B 242 6.74 -36.42 -10.80
C SER B 242 7.01 -36.54 -12.30
N GLU B 243 6.48 -37.60 -12.91
CA GLU B 243 6.41 -37.67 -14.35
C GLU B 243 5.14 -37.07 -14.89
N GLN B 244 4.29 -36.53 -14.03
CA GLN B 244 2.96 -36.08 -14.40
C GLN B 244 2.95 -34.62 -14.81
N HIS B 245 1.98 -34.27 -15.65
CA HIS B 245 1.79 -32.89 -16.07
C HIS B 245 1.36 -32.03 -14.88
N PRO B 246 1.79 -30.77 -14.82
CA PRO B 246 1.31 -29.90 -13.73
C PRO B 246 -0.20 -29.78 -13.68
N GLY B 247 -0.88 -29.89 -14.82
CA GLY B 247 -2.33 -29.89 -14.81
C GLY B 247 -2.91 -31.12 -14.13
N GLN B 248 -2.25 -32.28 -14.27
CA GLN B 248 -2.73 -33.48 -13.59
C GLN B 248 -2.55 -33.36 -12.09
N LEU B 249 -1.38 -32.86 -11.66
CA LEU B 249 -1.16 -32.62 -10.24
C LEU B 249 -2.22 -31.66 -9.70
N LYS B 250 -2.55 -30.63 -10.48
CA LYS B 250 -3.61 -29.70 -10.10
C LYS B 250 -4.94 -30.43 -9.93
N ASP B 251 -5.27 -31.32 -10.89
CA ASP B 251 -6.51 -32.09 -10.78
C ASP B 251 -6.55 -32.93 -9.51
N ASN B 252 -5.39 -33.46 -9.08
CA ASN B 252 -5.31 -34.30 -7.89
C ASN B 252 -5.61 -33.55 -6.61
N VAL B 253 -5.43 -32.22 -6.59
CA VAL B 253 -5.71 -31.45 -5.39
C VAL B 253 -7.19 -31.21 -5.21
N SER B 254 -7.88 -30.82 -6.29
CA SER B 254 -9.21 -30.24 -6.15
C SER B 254 -10.27 -31.34 -6.07
N SER B 255 -11.05 -31.30 -5.04
CA SER B 255 -12.21 -32.18 -5.04
C SER B 255 -13.41 -31.48 -5.69
N PRO B 256 -14.35 -32.25 -6.25
CA PRO B 256 -15.52 -31.64 -6.89
C PRO B 256 -16.30 -30.75 -5.93
N GLY B 257 -16.64 -29.55 -6.41
CA GLY B 257 -17.36 -28.58 -5.61
C GLY B 257 -16.60 -28.02 -4.43
N GLY B 258 -15.30 -28.31 -4.33
CA GLY B 258 -14.54 -28.07 -3.12
C GLY B 258 -13.84 -26.72 -3.06
N ALA B 259 -13.05 -26.58 -2.01
CA ALA B 259 -12.41 -25.28 -1.73
C ALA B 259 -11.41 -24.90 -2.81
N THR B 260 -10.57 -25.84 -3.23
CA THR B 260 -9.52 -25.53 -4.18
C THR B 260 -10.07 -25.09 -5.53
N ILE B 261 -11.09 -25.78 -6.03
CA ILE B 261 -11.59 -25.44 -7.37
C ILE B 261 -12.28 -24.07 -7.34
N HIS B 262 -12.88 -23.68 -6.20
CA HIS B 262 -13.41 -22.33 -6.11
C HIS B 262 -12.29 -21.30 -6.19
N ALA B 263 -11.15 -21.57 -5.55
CA ALA B 263 -10.02 -20.64 -5.61
C ALA B 263 -9.41 -20.61 -7.00
N LEU B 264 -9.29 -21.77 -7.66
CA LEU B 264 -8.75 -21.78 -9.02
C LEU B 264 -9.61 -20.94 -9.95
N HIS B 265 -10.92 -20.94 -9.74
CA HIS B 265 -11.79 -20.12 -10.58
C HIS B 265 -11.44 -18.64 -10.45
N VAL B 266 -11.27 -18.13 -9.22
CA VAL B 266 -11.00 -16.70 -9.11
C VAL B 266 -9.62 -16.36 -9.68
N LEU B 267 -8.64 -17.26 -9.58
CA LEU B 267 -7.37 -17.04 -10.29
C LEU B 267 -7.60 -16.92 -11.79
N GLU B 268 -8.35 -17.86 -12.37
CA GLU B 268 -8.60 -17.82 -13.81
C GLU B 268 -9.35 -16.56 -14.23
N SER B 269 -10.32 -16.11 -13.42
CA SER B 269 -11.09 -14.93 -13.79
C SER B 269 -10.23 -13.67 -13.83
N GLY B 270 -9.11 -13.66 -13.12
CA GLY B 270 -8.18 -12.55 -13.20
C GLY B 270 -7.08 -12.71 -14.22
N GLY B 271 -7.09 -13.79 -15.00
CA GLY B 271 -6.02 -13.99 -15.98
C GLY B 271 -4.67 -14.29 -15.35
N PHE B 272 -4.67 -14.92 -14.16
CA PHE B 272 -3.45 -15.29 -13.42
C PHE B 272 -2.38 -15.90 -14.32
N ARG B 273 -2.77 -16.90 -15.12
CA ARG B 273 -1.82 -17.54 -16.03
C ARG B 273 -1.18 -16.51 -16.97
N SER B 274 -2.00 -15.65 -17.58
CA SER B 274 -1.49 -14.68 -18.55
C SER B 274 -0.50 -13.70 -17.91
N LEU B 275 -0.69 -13.39 -16.63
CA LEU B 275 0.22 -12.46 -15.98
C LEU B 275 1.62 -13.06 -15.87
N LEU B 276 1.71 -14.35 -15.57
CA LEU B 276 3.03 -14.98 -15.47
C LEU B 276 3.66 -15.14 -16.84
N ILE B 277 2.85 -15.39 -17.87
CA ILE B 277 3.38 -15.37 -19.24
C ILE B 277 3.88 -13.96 -19.58
N ASN B 278 3.10 -12.94 -19.24
CA ASN B 278 3.50 -11.56 -19.46
C ASN B 278 4.85 -11.27 -18.81
N ALA B 279 5.03 -11.78 -17.60
CA ALA B 279 6.25 -11.51 -16.83
C ALA B 279 7.49 -12.14 -17.48
N VAL B 280 7.42 -13.44 -17.82
CA VAL B 280 8.55 -14.09 -18.48
C VAL B 280 8.89 -13.36 -19.78
N GLU B 281 7.87 -12.99 -20.55
CA GLU B 281 8.10 -12.26 -21.79
C GLU B 281 8.74 -10.90 -21.54
N ALA B 282 8.20 -10.15 -20.57
CA ALA B 282 8.72 -8.82 -20.28
C ALA B 282 10.17 -8.86 -19.82
N SER B 283 10.52 -9.82 -18.97
CA SER B 283 11.90 -9.92 -18.51
C SER B 283 12.83 -10.32 -19.65
N CYS B 284 12.39 -11.28 -20.47
CA CYS B 284 13.21 -11.71 -21.62
C CYS B 284 13.44 -10.56 -22.59
N ILE B 285 12.37 -9.82 -22.89
CA ILE B 285 12.48 -8.70 -23.83
C ILE B 285 13.38 -7.60 -23.27
N ARG B 286 13.22 -7.27 -21.99
CA ARG B 286 14.12 -6.28 -21.38
C ARG B 286 15.57 -6.76 -21.40
N THR B 287 15.77 -8.06 -21.16
CA THR B 287 17.13 -8.61 -21.22
C THR B 287 17.75 -8.37 -22.59
N ARG B 288 16.99 -8.56 -23.66
CA ARG B 288 17.53 -8.30 -25.00
C ARG B 288 17.87 -6.82 -25.16
N GLU B 289 17.11 -5.93 -24.51
CA GLU B 289 17.43 -4.50 -24.56
C GLU B 289 18.66 -4.16 -23.74
N LEU B 290 18.90 -4.86 -22.62
CA LEU B 290 20.11 -4.59 -21.86
C LEU B 290 21.37 -4.95 -22.64
N GLN B 291 21.25 -5.81 -23.64
CA GLN B 291 22.42 -6.11 -24.48
C GLN B 291 22.63 -5.06 -25.54
N SER B 292 21.57 -4.72 -26.29
CA SER B 292 21.67 -3.65 -27.27
C SER B 292 22.01 -2.31 -26.63
N MET B 293 21.68 -2.13 -25.34
CA MET B 293 22.09 -0.92 -24.63
C MET B 293 23.58 -0.93 -24.36
N ALA B 294 24.10 -2.03 -23.79
CA ALA B 294 25.53 -2.18 -23.56
C ALA B 294 26.32 -2.29 -24.85
N ASP B 295 25.65 -2.55 -25.96
CA ASP B 295 26.29 -2.70 -27.26
C ASP B 295 26.64 -1.34 -27.89
N TYR C 19 4.28 17.41 33.55
CA TYR C 19 3.00 17.80 34.13
C TYR C 19 2.30 16.60 34.76
N PHE C 20 2.68 15.39 34.32
CA PHE C 20 2.19 14.16 34.92
C PHE C 20 3.24 13.60 35.87
N GLN C 21 3.44 14.32 36.98
CA GLN C 21 4.53 14.01 37.90
C GLN C 21 4.39 12.61 38.48
N SER C 22 3.20 12.26 38.97
CA SER C 22 2.99 11.03 39.70
C SER C 22 2.24 9.96 38.92
N MET C 23 1.59 10.33 37.81
CA MET C 23 0.64 9.44 37.16
C MET C 23 1.32 8.18 36.62
N SER C 24 0.66 7.03 36.80
CA SER C 24 1.16 5.79 36.26
C SER C 24 0.23 5.28 35.15
N VAL C 25 0.82 4.63 34.17
CA VAL C 25 0.11 4.19 32.98
C VAL C 25 0.33 2.69 32.82
N GLY C 26 -0.72 1.96 32.47
CA GLY C 26 -0.59 0.55 32.20
C GLY C 26 -1.12 0.19 30.83
N PHE C 27 -0.60 -0.91 30.29
CA PHE C 27 -1.05 -1.49 29.03
C PHE C 27 -1.50 -2.91 29.28
N ILE C 28 -2.74 -3.22 28.94
CA ILE C 28 -3.16 -4.60 28.77
C ILE C 28 -2.95 -4.94 27.30
N GLY C 29 -1.99 -5.83 27.06
CA GLY C 29 -1.50 -6.08 25.73
C GLY C 29 -0.10 -5.52 25.55
N ALA C 30 0.70 -6.20 24.73
CA ALA C 30 2.08 -5.78 24.54
C ALA C 30 2.50 -5.96 23.09
N GLY C 31 1.61 -5.64 22.17
CA GLY C 31 1.88 -5.82 20.74
C GLY C 31 2.29 -4.54 20.06
N GLN C 32 1.94 -4.45 18.77
CA GLN C 32 2.37 -3.31 17.95
C GLN C 32 1.92 -1.99 18.55
N LEU C 33 0.66 -1.90 18.97
CA LEU C 33 0.16 -0.62 19.45
C LEU C 33 0.68 -0.30 20.85
N ALA C 34 0.57 -1.25 21.79
CA ALA C 34 1.09 -1.01 23.13
C ALA C 34 2.57 -0.65 23.09
N PHE C 35 3.35 -1.33 22.27
CA PHE C 35 4.77 -0.99 22.17
C PHE C 35 4.96 0.41 21.61
N ALA C 36 4.24 0.76 20.55
CA ALA C 36 4.40 2.07 19.92
C ALA C 36 4.08 3.18 20.90
N LEU C 37 2.99 3.02 21.67
CA LEU C 37 2.60 4.05 22.63
C LEU C 37 3.59 4.12 23.78
N ALA C 38 4.01 2.97 24.31
CA ALA C 38 4.97 3.00 25.42
C ALA C 38 6.27 3.65 24.98
N LYS C 39 6.71 3.38 23.75
CA LYS C 39 7.95 3.96 23.25
C LYS C 39 7.79 5.45 22.98
N GLY C 40 6.65 5.85 22.40
CA GLY C 40 6.39 7.27 22.19
C GLY C 40 6.26 8.06 23.48
N PHE C 41 5.51 7.52 24.45
CA PHE C 41 5.45 8.16 25.76
C PHE C 41 6.82 8.28 26.39
N THR C 42 7.62 7.22 26.27
CA THR C 42 8.97 7.25 26.84
C THR C 42 9.82 8.32 26.17
N ALA C 43 9.79 8.36 24.84
CA ALA C 43 10.56 9.36 24.11
C ALA C 43 10.08 10.78 24.39
N ALA C 44 8.78 10.96 24.64
CA ALA C 44 8.26 12.28 24.95
C ALA C 44 8.72 12.76 26.31
N GLY C 45 9.11 11.83 27.20
CA GLY C 45 9.47 12.19 28.55
C GLY C 45 8.32 12.68 29.38
N VAL C 46 7.07 12.31 29.04
CA VAL C 46 5.92 12.85 29.75
C VAL C 46 5.58 12.09 31.03
N LEU C 47 6.20 10.95 31.28
CA LEU C 47 5.98 10.20 32.51
C LEU C 47 7.28 10.04 33.28
N ALA C 48 7.19 10.02 34.61
CA ALA C 48 8.37 9.77 35.42
C ALA C 48 8.93 8.37 35.12
N ALA C 49 10.09 8.07 35.70
CA ALA C 49 10.74 6.79 35.47
C ALA C 49 9.96 5.65 36.13
N HIS C 50 9.87 4.52 35.42
CA HIS C 50 9.25 3.28 35.89
C HIS C 50 7.75 3.41 36.07
N LYS C 51 7.11 4.38 35.42
CA LYS C 51 5.67 4.59 35.59
C LYS C 51 4.83 3.83 34.59
N ILE C 52 5.44 3.08 33.68
CA ILE C 52 4.72 2.32 32.65
C ILE C 52 4.86 0.83 32.94
N MET C 53 3.74 0.12 32.92
CA MET C 53 3.72 -1.33 33.05
C MET C 53 2.91 -1.91 31.90
N ALA C 54 3.38 -3.03 31.35
CA ALA C 54 2.65 -3.74 30.30
C ALA C 54 2.53 -5.21 30.65
N SER C 55 1.39 -5.82 30.29
CA SER C 55 1.20 -7.24 30.53
C SER C 55 0.65 -7.93 29.29
N SER C 56 1.08 -9.16 29.08
CA SER C 56 0.50 -10.05 28.09
C SER C 56 0.87 -11.48 28.46
N PRO C 57 0.16 -12.47 27.94
CA PRO C 57 0.37 -13.84 28.41
C PRO C 57 1.53 -14.58 27.77
N ASP C 58 2.06 -14.11 26.64
CA ASP C 58 3.08 -14.87 25.93
C ASP C 58 4.01 -13.91 25.20
N MET C 59 4.48 -12.88 25.91
CA MET C 59 5.14 -11.75 25.29
C MET C 59 6.41 -12.18 24.56
N ASP C 60 6.50 -11.81 23.29
CA ASP C 60 7.67 -12.14 22.49
C ASP C 60 8.94 -11.65 23.18
N LEU C 61 9.96 -12.51 23.24
CA LEU C 61 11.16 -12.17 24.00
C LEU C 61 11.85 -10.92 23.44
N ALA C 62 11.74 -10.67 22.13
CA ALA C 62 12.29 -9.44 21.58
C ALA C 62 11.55 -8.22 22.10
N THR C 63 10.24 -8.35 22.32
CA THR C 63 9.46 -7.27 22.92
C THR C 63 9.79 -7.11 24.40
N VAL C 64 9.91 -8.23 25.12
CA VAL C 64 10.36 -8.17 26.50
C VAL C 64 11.67 -7.41 26.59
N SER C 65 12.62 -7.77 25.73
CA SER C 65 13.95 -7.16 25.79
C SER C 65 13.87 -5.67 25.51
N ALA C 66 13.14 -5.29 24.47
CA ALA C 66 13.06 -3.89 24.08
C ALA C 66 12.36 -3.06 25.15
N LEU C 67 11.23 -3.53 25.67
CA LEU C 67 10.52 -2.77 26.70
C LEU C 67 11.34 -2.67 27.97
N ARG C 68 11.99 -3.77 28.38
CA ARG C 68 12.78 -3.72 29.60
C ARG C 68 13.92 -2.71 29.49
N LYS C 69 14.62 -2.69 28.34
CA LYS C 69 15.72 -1.74 28.15
C LYS C 69 15.20 -0.30 28.20
N MET C 70 13.94 -0.10 27.83
CA MET C 70 13.26 1.19 27.83
C MET C 70 12.87 1.66 29.23
N GLY C 71 12.89 0.77 30.22
CA GLY C 71 12.47 1.11 31.56
C GLY C 71 11.05 0.70 31.92
N VAL C 72 10.36 -0.03 31.05
CA VAL C 72 8.96 -0.39 31.24
C VAL C 72 8.87 -1.66 32.08
N LYS C 73 7.99 -1.65 33.08
CA LYS C 73 7.77 -2.83 33.90
C LYS C 73 6.89 -3.83 33.17
N LEU C 74 7.15 -5.12 33.41
CA LEU C 74 6.51 -6.19 32.66
C LEU C 74 6.02 -7.27 33.61
N THR C 75 4.88 -7.87 33.26
CA THR C 75 4.31 -8.93 34.07
C THR C 75 3.36 -9.72 33.20
N PRO C 76 3.17 -11.02 33.47
CA PRO C 76 2.10 -11.74 32.77
C PRO C 76 0.71 -11.51 33.38
N HIS C 77 0.63 -10.84 34.52
CA HIS C 77 -0.61 -10.78 35.30
C HIS C 77 -1.32 -9.45 35.05
N ASN C 78 -2.44 -9.49 34.33
CA ASN C 78 -3.19 -8.28 34.02
C ASN C 78 -3.65 -7.57 35.29
N LYS C 79 -3.97 -8.32 36.35
CA LYS C 79 -4.38 -7.69 37.60
C LYS C 79 -3.26 -6.82 38.17
N GLU C 80 -2.00 -7.22 37.98
CA GLU C 80 -0.90 -6.41 38.48
C GLU C 80 -0.80 -5.10 37.71
N THR C 81 -1.03 -5.14 36.40
CA THR C 81 -1.07 -3.89 35.62
C THR C 81 -2.14 -2.97 36.16
N VAL C 82 -3.33 -3.51 36.41
CA VAL C 82 -4.43 -2.70 36.96
C VAL C 82 -4.03 -2.11 38.29
N GLN C 83 -3.42 -2.90 39.17
CA GLN C 83 -3.06 -2.38 40.48
C GLN C 83 -1.99 -1.30 40.36
N HIS C 84 -1.12 -1.41 39.36
CA HIS C 84 -0.06 -0.43 39.14
C HIS C 84 -0.58 0.88 38.57
N SER C 85 -1.69 0.85 37.83
CA SER C 85 -2.00 1.91 36.88
C SER C 85 -3.06 2.88 37.41
N ASP C 86 -2.93 4.13 36.96
CA ASP C 86 -3.99 5.14 37.02
C ASP C 86 -4.75 5.21 35.71
N VAL C 87 -4.03 5.30 34.60
CA VAL C 87 -4.59 5.24 33.26
C VAL C 87 -4.28 3.86 32.69
N LEU C 88 -5.31 3.15 32.26
CA LEU C 88 -5.17 1.76 31.81
C LEU C 88 -5.57 1.70 30.34
N PHE C 89 -4.60 1.46 29.45
CA PHE C 89 -4.87 1.27 28.03
C PHE C 89 -5.19 -0.19 27.76
N LEU C 90 -6.27 -0.43 27.02
CA LEU C 90 -6.63 -1.77 26.56
C LEU C 90 -6.14 -1.90 25.13
N ALA C 91 -5.04 -2.64 24.93
CA ALA C 91 -4.39 -2.69 23.62
C ALA C 91 -4.36 -4.13 23.15
N VAL C 92 -5.50 -4.79 23.22
CA VAL C 92 -5.67 -6.15 22.74
C VAL C 92 -6.64 -6.11 21.55
N LYS C 93 -6.70 -7.22 20.83
CA LYS C 93 -7.61 -7.34 19.69
C LYS C 93 -9.05 -7.15 20.14
N PRO C 94 -9.92 -6.64 19.25
CA PRO C 94 -11.31 -6.37 19.64
C PRO C 94 -12.04 -7.54 20.28
N HIS C 95 -11.86 -8.76 19.77
CA HIS C 95 -12.61 -9.85 20.38
C HIS C 95 -12.04 -10.26 21.72
N ILE C 96 -10.83 -9.81 22.07
CA ILE C 96 -10.24 -10.10 23.37
C ILE C 96 -10.75 -9.12 24.45
N ILE C 97 -11.22 -7.93 24.06
CA ILE C 97 -11.67 -6.93 25.04
C ILE C 97 -12.64 -7.50 26.07
N PRO C 98 -13.75 -8.15 25.69
CA PRO C 98 -14.70 -8.59 26.73
C PRO C 98 -14.11 -9.61 27.70
N PHE C 99 -13.16 -10.43 27.25
CA PHE C 99 -12.50 -11.34 28.19
C PHE C 99 -11.65 -10.58 29.20
N ILE C 100 -10.96 -9.53 28.74
CA ILE C 100 -10.18 -8.70 29.65
C ILE C 100 -11.08 -8.03 30.68
N LEU C 101 -12.20 -7.48 30.22
CA LEU C 101 -13.12 -6.78 31.12
C LEU C 101 -13.64 -7.73 32.19
N ASP C 102 -13.92 -8.98 31.81
CA ASP C 102 -14.38 -9.95 32.81
C ASP C 102 -13.27 -10.27 33.80
N GLU C 103 -12.03 -10.39 33.31
CA GLU C 103 -10.91 -10.70 34.20
C GLU C 103 -10.62 -9.57 35.18
N ILE C 104 -10.55 -8.33 34.69
CA ILE C 104 -10.08 -7.22 35.52
C ILE C 104 -11.22 -6.42 36.14
N GLY C 105 -12.47 -6.70 35.77
CA GLY C 105 -13.58 -5.84 36.17
C GLY C 105 -13.70 -5.66 37.67
N ALA C 106 -13.43 -6.72 38.44
CA ALA C 106 -13.51 -6.61 39.89
C ALA C 106 -12.37 -5.78 40.47
N ASP C 107 -11.30 -5.57 39.71
CA ASP C 107 -10.14 -4.84 40.19
C ASP C 107 -10.15 -3.37 39.80
N ILE C 108 -11.11 -2.92 39.00
CA ILE C 108 -11.21 -1.50 38.66
C ILE C 108 -11.57 -0.71 39.92
N GLU C 109 -10.87 0.41 40.11
CA GLU C 109 -11.04 1.26 41.28
C GLU C 109 -11.60 2.61 40.85
N ASP C 110 -11.97 3.42 41.84
CA ASP C 110 -12.47 4.76 41.57
C ASP C 110 -11.46 5.56 40.74
N ARG C 111 -10.17 5.43 41.05
CA ARG C 111 -9.17 6.27 40.41
C ARG C 111 -8.97 5.94 38.94
N HIS C 112 -9.42 4.78 38.48
CA HIS C 112 -9.01 4.29 37.16
C HIS C 112 -9.72 5.03 36.02
N ILE C 113 -8.96 5.38 34.99
CA ILE C 113 -9.50 5.71 33.68
C ILE C 113 -9.14 4.58 32.73
N VAL C 114 -10.14 3.96 32.14
CA VAL C 114 -9.94 2.83 31.25
C VAL C 114 -10.03 3.36 29.83
N VAL C 115 -8.95 3.19 29.07
CA VAL C 115 -8.85 3.74 27.71
C VAL C 115 -8.82 2.57 26.76
N SER C 116 -9.92 2.34 26.04
CA SER C 116 -9.93 1.29 25.04
C SER C 116 -9.36 1.83 23.74
N CYS C 117 -8.37 1.12 23.20
CA CYS C 117 -7.77 1.42 21.92
C CYS C 117 -8.31 0.54 20.80
N ALA C 118 -9.20 -0.40 21.12
CA ALA C 118 -9.56 -1.45 20.18
C ALA C 118 -10.47 -0.94 19.07
N ALA C 119 -10.18 -1.34 17.84
CA ALA C 119 -11.05 -1.01 16.71
C ALA C 119 -12.47 -1.50 16.97
N GLY C 120 -13.43 -0.63 16.71
CA GLY C 120 -14.82 -1.04 16.64
C GLY C 120 -15.57 -1.13 17.95
N VAL C 121 -14.86 -1.37 19.06
CA VAL C 121 -15.51 -1.73 20.32
C VAL C 121 -16.13 -0.49 20.95
N THR C 122 -17.44 -0.53 21.22
CA THR C 122 -18.13 0.69 21.64
C THR C 122 -17.95 0.95 23.13
N ILE C 123 -17.97 2.24 23.49
CA ILE C 123 -18.01 2.61 24.90
C ILE C 123 -19.14 1.89 25.60
N SER C 124 -20.30 1.81 24.94
CA SER C 124 -21.48 1.18 25.55
C SER C 124 -21.17 -0.25 25.99
N SER C 125 -20.55 -1.04 25.11
CA SER C 125 -20.28 -2.43 25.43
C SER C 125 -19.26 -2.56 26.55
N ILE C 126 -18.30 -1.65 26.60
CA ILE C 126 -17.29 -1.67 27.66
C ILE C 126 -17.94 -1.32 29.00
N GLU C 127 -18.77 -0.27 29.00
CA GLU C 127 -19.38 0.16 30.26
C GLU C 127 -20.32 -0.90 30.80
N LYS C 128 -21.06 -1.58 29.92
CA LYS C 128 -21.98 -2.62 30.38
C LYS C 128 -21.24 -3.73 31.11
N LYS C 129 -20.11 -4.18 30.54
CA LYS C 129 -19.30 -5.21 31.18
C LYS C 129 -18.76 -4.74 32.53
N LEU C 130 -18.15 -3.54 32.55
CA LEU C 130 -17.51 -3.08 33.77
C LEU C 130 -18.52 -2.73 34.85
N SER C 131 -19.71 -2.26 34.45
CA SER C 131 -20.69 -1.83 35.44
C SER C 131 -21.30 -2.99 36.22
N ALA C 132 -21.14 -4.23 35.74
CA ALA C 132 -21.56 -5.36 36.54
C ALA C 132 -20.75 -5.48 37.81
N PHE C 133 -19.53 -4.94 37.84
CA PHE C 133 -18.65 -5.06 39.00
C PHE C 133 -18.72 -3.85 39.92
N ARG C 134 -18.63 -2.64 39.36
CA ARG C 134 -18.63 -1.45 40.14
C ARG C 134 -19.29 -0.39 39.26
N PRO C 135 -20.20 0.41 39.80
CA PRO C 135 -20.85 1.42 38.97
C PRO C 135 -19.87 2.52 38.58
N ALA C 136 -20.23 3.23 37.55
CA ALA C 136 -19.55 4.42 37.05
C ALA C 136 -18.10 4.20 36.63
N PRO C 137 -17.78 3.15 35.87
CA PRO C 137 -16.43 3.06 35.29
C PRO C 137 -16.15 4.25 34.38
N ARG C 138 -14.96 4.82 34.53
CA ARG C 138 -14.55 5.98 33.73
C ARG C 138 -13.87 5.47 32.47
N VAL C 139 -14.55 5.60 31.33
CA VAL C 139 -14.16 4.93 30.09
C VAL C 139 -13.93 5.98 29.03
N ILE C 140 -12.82 5.85 28.31
CA ILE C 140 -12.54 6.64 27.12
C ILE C 140 -12.23 5.66 26.00
N ARG C 141 -12.72 5.97 24.81
CA ARG C 141 -12.42 5.19 23.62
C ARG C 141 -11.54 6.02 22.71
N CYS C 142 -10.47 5.43 22.19
CA CYS C 142 -9.64 6.16 21.25
C CYS C 142 -9.36 5.31 20.03
N MET C 143 -8.96 6.00 18.98
CA MET C 143 -8.33 5.36 17.82
C MET C 143 -7.06 6.15 17.55
N THR C 144 -5.94 5.46 17.45
CA THR C 144 -4.67 6.13 17.24
C THR C 144 -3.98 5.44 16.07
N ASN C 145 -2.65 5.46 15.98
CA ASN C 145 -1.98 4.68 14.95
C ASN C 145 -0.53 4.48 15.36
N THR C 146 0.16 3.60 14.63
CA THR C 146 1.50 3.22 15.12
C THR C 146 2.53 4.35 15.05
N PRO C 147 2.38 5.38 14.17
CA PRO C 147 3.36 6.48 14.22
C PRO C 147 3.47 7.22 15.55
N VAL C 148 2.65 6.90 16.55
CA VAL C 148 2.94 7.42 17.89
C VAL C 148 4.35 7.04 18.33
N VAL C 149 4.91 5.97 17.74
CA VAL C 149 6.24 5.49 18.13
C VAL C 149 7.31 6.52 17.79
N VAL C 150 7.06 7.39 16.80
CA VAL C 150 7.94 8.50 16.49
C VAL C 150 7.29 9.84 16.84
N ARG C 151 6.28 9.79 17.71
CA ARG C 151 5.60 10.98 18.24
C ARG C 151 4.93 11.78 17.14
N GLU C 152 4.43 11.09 16.10
CA GLU C 152 3.69 11.73 15.04
C GLU C 152 2.41 10.97 14.77
N GLY C 153 1.79 10.47 15.84
CA GLY C 153 0.54 9.75 15.69
C GLY C 153 -0.60 10.69 15.32
N ALA C 154 -1.75 10.07 15.00
CA ALA C 154 -2.99 10.80 14.79
C ALA C 154 -4.04 10.11 15.67
N THR C 155 -4.52 10.81 16.68
CA THR C 155 -5.37 10.18 17.70
C THR C 155 -6.67 10.96 17.81
N VAL C 156 -7.79 10.24 17.90
CA VAL C 156 -9.05 10.82 18.33
C VAL C 156 -9.52 10.05 19.56
N TYR C 157 -10.35 10.69 20.37
CA TYR C 157 -10.93 10.00 21.51
C TYR C 157 -12.34 10.51 21.74
N ALA C 158 -13.16 9.65 22.36
CA ALA C 158 -14.50 10.02 22.82
C ALA C 158 -14.63 9.65 24.28
N THR C 159 -15.31 10.49 25.04
CA THR C 159 -15.47 10.27 26.47
C THR C 159 -16.76 9.50 26.76
N GLY C 160 -16.67 8.57 27.72
CA GLY C 160 -17.80 7.76 28.10
C GLY C 160 -18.73 8.45 29.07
N THR C 161 -19.76 7.69 29.49
CA THR C 161 -20.86 8.24 30.26
C THR C 161 -20.42 8.76 31.62
N HIS C 162 -19.45 8.11 32.24
CA HIS C 162 -19.01 8.46 33.58
C HIS C 162 -17.60 9.05 33.61
N ALA C 163 -16.99 9.26 32.46
CA ALA C 163 -15.70 9.94 32.44
C ALA C 163 -15.90 11.36 32.91
N GLN C 164 -15.16 11.77 33.93
CA GLN C 164 -15.21 13.15 34.40
C GLN C 164 -14.65 14.06 33.32
N VAL C 165 -15.10 15.32 33.30
CA VAL C 165 -14.67 16.19 32.22
C VAL C 165 -13.16 16.34 32.21
N GLU C 166 -12.51 16.31 33.38
CA GLU C 166 -11.06 16.39 33.40
C GLU C 166 -10.38 15.13 32.85
N ASP C 167 -11.11 14.01 32.78
CA ASP C 167 -10.53 12.78 32.23
C ASP C 167 -10.25 12.95 30.73
N GLY C 168 -11.17 13.61 30.02
CA GLY C 168 -10.95 13.84 28.60
C GLY C 168 -9.82 14.82 28.37
N ARG C 169 -9.73 15.85 29.23
CA ARG C 169 -8.62 16.79 29.14
C ARG C 169 -7.28 16.10 29.37
N LEU C 170 -7.21 15.24 30.40
CA LEU C 170 -5.97 14.51 30.68
C LEU C 170 -5.58 13.65 29.50
N MET C 171 -6.54 12.91 28.95
CA MET C 171 -6.32 12.05 27.79
CA MET C 171 -6.20 12.04 27.85
C MET C 171 -5.72 12.84 26.65
N GLU C 172 -6.35 13.99 26.35
CA GLU C 172 -5.86 14.82 25.25
C GLU C 172 -4.42 15.26 25.49
N GLN C 173 -4.11 15.70 26.71
CA GLN C 173 -2.75 16.15 27.02
C GLN C 173 -1.76 15.00 26.93
N LEU C 174 -2.14 13.82 27.40
CA LEU C 174 -1.26 12.66 27.30
C LEU C 174 -1.03 12.24 25.85
N LEU C 175 -2.09 12.09 25.07
CA LEU C 175 -1.88 11.63 23.69
C LEU C 175 -1.36 12.73 22.78
N SER C 176 -1.53 14.00 23.16
CA SER C 176 -0.89 15.08 22.40
C SER C 176 0.63 15.02 22.47
N SER C 177 1.20 14.31 23.46
CA SER C 177 2.66 14.22 23.53
C SER C 177 3.26 13.30 22.46
N VAL C 178 2.44 12.49 21.78
CA VAL C 178 2.94 11.58 20.77
C VAL C 178 2.27 11.79 19.41
N GLY C 179 1.60 12.92 19.23
CA GLY C 179 1.03 13.22 17.93
C GLY C 179 -0.12 14.19 18.02
N PHE C 180 -0.83 14.32 16.90
CA PHE C 180 -2.07 15.09 16.88
C PHE C 180 -3.14 14.36 17.71
N CYS C 181 -3.93 15.12 18.45
CA CYS C 181 -5.01 14.49 19.23
C CYS C 181 -6.18 15.44 19.36
N THR C 182 -7.39 14.91 19.17
CA THR C 182 -8.57 15.75 19.33
C THR C 182 -9.77 14.91 19.75
N GLU C 183 -10.70 15.54 20.46
CA GLU C 183 -11.93 14.89 20.87
C GLU C 183 -12.90 14.80 19.69
N VAL C 184 -13.64 13.70 19.59
CA VAL C 184 -14.68 13.54 18.60
C VAL C 184 -15.89 12.87 19.25
N GLU C 185 -17.05 13.00 18.60
CA GLU C 185 -18.17 12.12 18.93
C GLU C 185 -17.80 10.67 18.61
N GLU C 186 -18.29 9.74 19.42
CA GLU C 186 -17.92 8.34 19.23
C GLU C 186 -18.33 7.82 17.86
N ASP C 187 -19.42 8.35 17.28
CA ASP C 187 -19.86 7.80 16.00
C ASP C 187 -18.95 8.16 14.83
N LEU C 188 -17.89 8.94 15.06
CA LEU C 188 -16.88 9.20 14.03
C LEU C 188 -15.71 8.22 14.07
N ILE C 189 -15.58 7.41 15.14
CA ILE C 189 -14.31 6.72 15.34
C ILE C 189 -14.11 5.58 14.34
N ASP C 190 -15.18 4.89 13.93
CA ASP C 190 -15.01 3.84 12.92
C ASP C 190 -14.48 4.42 11.62
N ALA C 191 -14.95 5.60 11.22
CA ALA C 191 -14.44 6.25 10.02
C ALA C 191 -12.99 6.72 10.21
N VAL C 192 -12.66 7.26 11.39
CA VAL C 192 -11.27 7.61 11.68
C VAL C 192 -10.39 6.37 11.56
N THR C 193 -10.87 5.24 12.05
CA THR C 193 -10.11 4.00 11.94
C THR C 193 -9.78 3.70 10.49
N GLY C 194 -10.75 3.88 9.60
CA GLY C 194 -10.53 3.62 8.19
C GLY C 194 -9.57 4.58 7.54
N LEU C 195 -9.43 5.79 8.09
CA LEU C 195 -8.59 6.83 7.51
C LEU C 195 -7.21 6.86 8.17
N SER C 196 -7.10 7.31 9.43
CA SER C 196 -5.77 7.42 10.04
C SER C 196 -5.34 6.16 10.80
N GLY C 197 -6.26 5.29 11.18
CA GLY C 197 -5.87 4.06 11.84
C GLY C 197 -5.16 3.11 10.87
N SER C 198 -5.81 2.81 9.75
CA SER C 198 -5.23 2.00 8.69
C SER C 198 -4.31 2.81 7.77
N GLY C 199 -4.40 4.13 7.83
CA GLY C 199 -3.66 5.01 6.97
C GLY C 199 -2.18 4.68 6.77
N PRO C 200 -1.46 4.42 7.87
CA PRO C 200 -0.03 4.12 7.71
C PRO C 200 0.23 2.92 6.81
N ALA C 201 -0.63 1.89 6.88
CA ALA C 201 -0.45 0.75 6.00
C ALA C 201 -0.65 1.13 4.53
N TYR C 202 -1.59 2.05 4.25
CA TYR C 202 -1.72 2.52 2.89
C TYR C 202 -0.44 3.22 2.46
N ALA C 203 0.12 4.03 3.36
CA ALA C 203 1.36 4.74 3.05
C ALA C 203 2.52 3.78 2.83
N PHE C 204 2.64 2.73 3.68
CA PHE C 204 3.75 1.78 3.47
C PHE C 204 3.60 1.06 2.14
N THR C 205 2.38 0.70 1.77
CA THR C 205 2.14 0.10 0.46
C THR C 205 2.55 1.06 -0.65
N ALA C 206 2.14 2.34 -0.53
CA ALA C 206 2.48 3.32 -1.54
C ALA C 206 3.99 3.52 -1.65
N LEU C 207 4.68 3.54 -0.51
CA LEU C 207 6.12 3.75 -0.52
C LEU C 207 6.86 2.58 -1.14
N ASP C 208 6.40 1.36 -0.85
CA ASP C 208 6.97 0.19 -1.50
C ASP C 208 6.79 0.27 -3.01
N ALA C 209 5.58 0.65 -3.46
CA ALA C 209 5.35 0.77 -4.91
C ALA C 209 6.16 1.92 -5.52
N LEU C 210 6.20 3.08 -4.86
CA LEU C 210 6.98 4.19 -5.38
C LEU C 210 8.46 3.81 -5.49
N ALA C 211 8.96 3.07 -4.51
CA ALA C 211 10.34 2.60 -4.57
C ALA C 211 10.53 1.62 -5.73
N ASP C 212 9.57 0.71 -5.95
CA ASP C 212 9.65 -0.14 -7.15
C ASP C 212 9.74 0.71 -8.41
N GLY C 213 8.95 1.79 -8.46
CA GLY C 213 9.00 2.68 -9.62
C GLY C 213 10.35 3.35 -9.79
N GLY C 214 10.93 3.84 -8.69
CA GLY C 214 12.27 4.40 -8.78
C GLY C 214 13.31 3.36 -9.22
N VAL C 215 13.20 2.14 -8.71
CA VAL C 215 14.10 1.07 -9.11
C VAL C 215 13.93 0.75 -10.60
N LYS C 216 12.68 0.70 -11.08
CA LYS C 216 12.48 0.42 -12.51
C LYS C 216 13.18 1.46 -13.38
N MET C 217 13.14 2.72 -12.97
CA MET C 217 13.77 3.77 -13.73
C MET C 217 15.26 3.95 -13.39
N GLY C 218 15.83 3.07 -12.56
CA GLY C 218 17.27 2.99 -12.42
C GLY C 218 17.87 3.39 -11.09
N LEU C 219 17.04 3.66 -10.07
CA LEU C 219 17.59 4.06 -8.78
C LEU C 219 17.90 2.85 -7.93
N PRO C 220 18.98 2.90 -7.14
CA PRO C 220 19.21 1.87 -6.14
C PRO C 220 18.03 1.84 -5.18
N ARG C 221 17.69 0.63 -4.74
CA ARG C 221 16.52 0.45 -3.88
C ARG C 221 16.61 1.33 -2.63
N ARG C 222 17.78 1.34 -1.97
CA ARG C 222 17.90 2.10 -0.72
C ARG C 222 17.62 3.58 -0.96
N LEU C 223 18.14 4.13 -2.04
CA LEU C 223 17.90 5.54 -2.33
C LEU C 223 16.44 5.79 -2.70
N ALA C 224 15.82 4.87 -3.45
CA ALA C 224 14.42 5.03 -3.83
C ALA C 224 13.52 5.07 -2.60
N VAL C 225 13.78 4.18 -1.64
CA VAL C 225 12.98 4.15 -0.41
C VAL C 225 13.14 5.45 0.37
N ARG C 226 14.39 5.92 0.50
CA ARG C 226 14.66 7.14 1.26
C ARG C 226 13.98 8.35 0.61
N LEU C 227 14.13 8.49 -0.71
CA LEU C 227 13.55 9.62 -1.42
C LEU C 227 12.02 9.60 -1.40
N GLY C 228 11.42 8.42 -1.59
CA GLY C 228 9.96 8.35 -1.61
C GLY C 228 9.38 8.69 -0.25
N ALA C 229 9.99 8.15 0.81
CA ALA C 229 9.53 8.44 2.16
C ALA C 229 9.72 9.92 2.48
N GLN C 230 10.86 10.50 2.08
CA GLN C 230 11.07 11.92 2.36
C GLN C 230 10.09 12.79 1.58
N ALA C 231 9.80 12.42 0.33
CA ALA C 231 8.82 13.15 -0.47
C ALA C 231 7.45 13.12 0.20
N LEU C 232 7.04 11.97 0.69
CA LEU C 232 5.75 11.87 1.37
C LEU C 232 5.74 12.68 2.65
N LEU C 233 6.80 12.57 3.46
CA LEU C 233 6.86 13.33 4.71
C LEU C 233 6.79 14.82 4.44
N GLY C 234 7.62 15.30 3.49
CA GLY C 234 7.64 16.72 3.17
C GLY C 234 6.33 17.23 2.61
N ALA C 235 5.69 16.46 1.73
CA ALA C 235 4.42 16.89 1.18
C ALA C 235 3.35 16.97 2.26
N ALA C 236 3.33 15.98 3.15
CA ALA C 236 2.36 15.99 4.25
C ALA C 236 2.58 17.17 5.16
N LYS C 237 3.84 17.49 5.46
CA LYS C 237 4.13 18.65 6.30
C LYS C 237 3.72 19.94 5.62
N MET C 238 3.94 20.05 4.30
CA MET C 238 3.48 21.23 3.58
C MET C 238 1.99 21.43 3.75
N LEU C 239 1.21 20.36 3.58
CA LEU C 239 -0.25 20.49 3.67
C LEU C 239 -0.67 20.85 5.08
N LEU C 240 -0.04 20.24 6.08
CA LEU C 240 -0.37 20.57 7.46
C LEU C 240 -0.04 22.02 7.79
N HIS C 241 1.03 22.57 7.20
CA HIS C 241 1.43 23.93 7.50
C HIS C 241 0.87 24.96 6.52
N SER C 242 0.05 24.55 5.58
CA SER C 242 -0.53 25.43 4.57
C SER C 242 -2.00 25.64 4.89
N GLU C 243 -2.50 26.82 4.56
CA GLU C 243 -3.93 27.08 4.62
C GLU C 243 -4.62 26.73 3.31
N GLN C 244 -3.90 26.16 2.35
CA GLN C 244 -4.39 25.94 1.00
C GLN C 244 -4.93 24.53 0.81
N HIS C 245 -5.78 24.40 -0.20
CA HIS C 245 -6.37 23.12 -0.55
C HIS C 245 -5.30 22.20 -1.12
N PRO C 246 -5.35 20.88 -0.84
CA PRO C 246 -4.39 19.97 -1.48
C PRO C 246 -4.42 20.06 -2.99
N GLY C 247 -5.57 20.37 -3.59
CA GLY C 247 -5.61 20.57 -5.02
C GLY C 247 -4.81 21.79 -5.45
N GLN C 248 -4.78 22.82 -4.60
CA GLN C 248 -4.00 24.02 -4.93
C GLN C 248 -2.51 23.74 -4.80
N LEU C 249 -2.10 22.95 -3.80
CA LEU C 249 -0.70 22.58 -3.70
C LEU C 249 -0.28 21.70 -4.88
N LYS C 250 -1.18 20.82 -5.32
CA LYS C 250 -0.95 20.05 -6.53
C LYS C 250 -0.70 20.96 -7.73
N ASP C 251 -1.50 22.02 -7.87
CA ASP C 251 -1.33 22.92 -9.01
C ASP C 251 0.05 23.58 -9.02
N ASN C 252 0.64 23.83 -7.85
CA ASN C 252 1.92 24.53 -7.78
C ASN C 252 3.10 23.66 -8.23
N VAL C 253 2.99 22.34 -8.16
CA VAL C 253 4.02 21.46 -8.69
C VAL C 253 3.86 21.25 -10.19
N SER C 254 2.61 21.21 -10.66
CA SER C 254 2.30 20.74 -12.02
C SER C 254 2.54 21.87 -13.01
N SER C 255 3.77 21.96 -13.51
CA SER C 255 4.07 22.94 -14.53
C SER C 255 3.49 22.49 -15.88
N PRO C 256 3.02 23.43 -16.71
CA PRO C 256 2.38 23.06 -17.98
C PRO C 256 3.28 22.20 -18.85
N GLY C 257 2.71 21.12 -19.38
CA GLY C 257 3.41 20.20 -20.24
C GLY C 257 4.50 19.40 -19.57
N GLY C 258 4.66 19.51 -18.25
CA GLY C 258 5.83 19.01 -17.55
C GLY C 258 5.72 17.57 -17.10
N ALA C 259 6.75 17.13 -16.37
CA ALA C 259 6.85 15.74 -15.95
C ALA C 259 5.73 15.38 -14.98
N THR C 260 5.46 16.27 -14.02
CA THR C 260 4.50 15.95 -12.98
C THR C 260 3.09 15.77 -13.53
N ILE C 261 2.66 16.68 -14.41
CA ILE C 261 1.28 16.59 -14.91
C ILE C 261 1.11 15.35 -15.77
N HIS C 262 2.17 14.91 -16.45
CA HIS C 262 2.12 13.65 -17.19
C HIS C 262 1.92 12.47 -16.24
N ALA C 263 2.63 12.47 -15.10
CA ALA C 263 2.45 11.39 -14.12
C ALA C 263 1.08 11.46 -13.47
N LEU C 264 0.59 12.66 -13.18
CA LEU C 264 -0.75 12.76 -12.58
C LEU C 264 -1.80 12.18 -13.53
N HIS C 265 -1.61 12.35 -14.84
CA HIS C 265 -2.58 11.80 -15.78
C HIS C 265 -2.67 10.28 -15.66
N VAL C 266 -1.52 9.59 -15.60
CA VAL C 266 -1.59 8.13 -15.51
C VAL C 266 -2.16 7.70 -14.16
N LEU C 267 -1.95 8.45 -13.08
CA LEU C 267 -2.66 8.13 -11.83
C LEU C 267 -4.16 8.22 -12.04
N GLU C 268 -4.61 9.30 -12.69
CA GLU C 268 -6.03 9.49 -12.90
C GLU C 268 -6.60 8.39 -13.79
N SER C 269 -5.86 8.00 -14.83
CA SER C 269 -6.36 6.97 -15.74
C SER C 269 -6.57 5.63 -15.04
N GLY C 270 -5.84 5.37 -13.96
CA GLY C 270 -6.10 4.16 -13.20
C GLY C 270 -7.09 4.32 -12.07
N GLY C 271 -7.74 5.49 -11.94
CA GLY C 271 -8.67 5.68 -10.84
C GLY C 271 -8.02 5.67 -9.47
N PHE C 272 -6.75 6.10 -9.39
CA PHE C 272 -5.99 6.26 -8.15
C PHE C 272 -6.82 6.82 -6.99
N ARG C 273 -7.49 7.95 -7.23
CA ARG C 273 -8.28 8.57 -6.16
C ARG C 273 -9.35 7.61 -5.64
N SER C 274 -10.03 6.92 -6.56
CA SER C 274 -11.12 6.04 -6.13
C SER C 274 -10.61 4.87 -5.30
N LEU C 275 -9.38 4.42 -5.56
CA LEU C 275 -8.84 3.31 -4.78
C LEU C 275 -8.66 3.71 -3.33
N LEU C 276 -8.19 4.95 -3.10
CA LEU C 276 -8.01 5.42 -1.73
C LEU C 276 -9.37 5.61 -1.04
N ILE C 277 -10.37 6.10 -1.78
CA ILE C 277 -11.71 6.18 -1.21
C ILE C 277 -12.21 4.77 -0.87
N ASN C 278 -12.00 3.82 -1.79
CA ASN C 278 -12.39 2.43 -1.53
C ASN C 278 -11.75 1.91 -0.24
N ALA C 279 -10.45 2.19 -0.05
CA ALA C 279 -9.73 1.69 1.12
C ALA C 279 -10.32 2.23 2.42
N VAL C 280 -10.48 3.55 2.53
CA VAL C 280 -11.07 4.12 3.74
C VAL C 280 -12.44 3.50 4.00
N GLU C 281 -13.25 3.38 2.95
CA GLU C 281 -14.59 2.81 3.11
C GLU C 281 -14.50 1.36 3.56
N ALA C 282 -13.60 0.58 2.96
CA ALA C 282 -13.51 -0.84 3.28
C ALA C 282 -13.06 -1.05 4.72
N SER C 283 -12.07 -0.28 5.18
CA SER C 283 -11.59 -0.42 6.56
C SER C 283 -12.67 0.01 7.55
N CYS C 284 -13.36 1.11 7.27
CA CYS C 284 -14.43 1.57 8.15
C CYS C 284 -15.55 0.54 8.23
N ILE C 285 -15.97 0.00 7.08
CA ILE C 285 -17.06 -0.97 7.06
C ILE C 285 -16.64 -2.24 7.81
N ARG C 286 -15.40 -2.69 7.62
CA ARG C 286 -14.93 -3.88 8.33
C ARG C 286 -14.88 -3.62 9.83
N THR C 287 -14.46 -2.42 10.22
CA THR C 287 -14.46 -2.05 11.64
C THR C 287 -15.85 -2.21 12.25
N ARG C 288 -16.87 -1.72 11.54
CA ARG C 288 -18.25 -1.90 11.97
C ARG C 288 -18.63 -3.38 12.09
N GLU C 289 -18.01 -4.26 11.29
CA GLU C 289 -18.27 -5.69 11.43
C GLU C 289 -17.47 -6.33 12.56
N LEU C 290 -16.26 -5.83 12.84
CA LEU C 290 -15.53 -6.26 14.03
C LEU C 290 -16.30 -6.00 15.31
N GLN C 291 -17.38 -5.22 15.26
CA GLN C 291 -18.22 -4.97 16.42
C GLN C 291 -19.62 -5.55 16.29
N SER C 292 -20.27 -5.41 15.13
CA SER C 292 -21.59 -6.02 14.95
C SER C 292 -21.52 -7.53 15.11
N MET C 293 -20.35 -8.14 14.87
CA MET C 293 -20.17 -9.55 15.16
C MET C 293 -20.09 -9.78 16.67
N ALA C 294 -19.37 -8.91 17.38
CA ALA C 294 -19.22 -9.07 18.83
C ALA C 294 -20.52 -8.79 19.58
N ASP C 295 -21.43 -8.00 19.01
CA ASP C 295 -22.70 -7.71 19.66
C ASP C 295 -23.83 -8.57 19.08
N ASN D 17 32.90 21.60 8.80
CA ASN D 17 31.89 22.38 8.10
C ASN D 17 32.47 23.66 7.51
N LEU D 18 32.09 23.95 6.28
CA LEU D 18 32.59 25.12 5.57
C LEU D 18 31.88 26.37 6.06
N TYR D 19 32.63 27.47 6.17
CA TYR D 19 32.04 28.76 6.51
C TYR D 19 31.46 29.39 5.24
N PHE D 20 30.13 29.51 5.18
CA PHE D 20 29.47 30.18 4.06
C PHE D 20 28.38 31.14 4.52
N GLN D 21 28.24 31.35 5.83
CA GLN D 21 27.22 32.24 6.38
C GLN D 21 27.17 33.59 5.67
N SER D 22 28.30 34.04 5.12
CA SER D 22 28.44 35.38 4.56
C SER D 22 28.26 35.45 3.03
N MET D 23 28.03 34.33 2.35
CA MET D 23 28.04 34.38 0.90
C MET D 23 26.67 34.79 0.34
N SER D 24 26.67 35.14 -0.95
CA SER D 24 25.51 35.67 -1.64
C SER D 24 24.96 34.62 -2.61
N VAL D 25 23.64 34.53 -2.68
CA VAL D 25 22.95 33.55 -3.49
C VAL D 25 21.98 34.26 -4.43
N GLY D 26 21.89 33.77 -5.66
CA GLY D 26 20.98 34.35 -6.63
C GLY D 26 20.11 33.28 -7.27
N PHE D 27 18.92 33.70 -7.67
CA PHE D 27 17.98 32.87 -8.41
C PHE D 27 17.68 33.53 -9.75
N ILE D 28 17.99 32.86 -10.84
CA ILE D 28 17.44 33.22 -12.15
C ILE D 28 16.10 32.53 -12.24
N GLY D 29 15.03 33.31 -12.32
CA GLY D 29 13.71 32.75 -12.12
C GLY D 29 13.26 33.08 -10.70
N ALA D 30 12.03 33.54 -10.56
CA ALA D 30 11.49 33.96 -9.27
C ALA D 30 10.13 33.33 -9.06
N GLY D 31 10.06 32.03 -9.28
CA GLY D 31 8.78 31.33 -9.26
C GLY D 31 8.65 30.41 -8.07
N GLN D 32 7.98 29.27 -8.27
CA GLN D 32 7.67 28.36 -7.15
C GLN D 32 8.93 27.83 -6.48
N LEU D 33 9.90 27.39 -7.27
CA LEU D 33 11.10 26.81 -6.70
C LEU D 33 11.95 27.86 -6.01
N ALA D 34 12.14 29.01 -6.66
CA ALA D 34 12.95 30.06 -6.04
C ALA D 34 12.35 30.47 -4.70
N PHE D 35 11.03 30.64 -4.63
CA PHE D 35 10.39 30.93 -3.35
C PHE D 35 10.62 29.82 -2.33
N ALA D 36 10.40 28.57 -2.73
CA ALA D 36 10.48 27.47 -1.77
C ALA D 36 11.89 27.36 -1.20
N LEU D 37 12.92 27.48 -2.05
CA LEU D 37 14.29 27.40 -1.57
C LEU D 37 14.66 28.60 -0.72
N ALA D 38 14.33 29.81 -1.18
CA ALA D 38 14.66 31.00 -0.42
C ALA D 38 13.96 30.98 0.94
N LYS D 39 12.69 30.56 0.96
CA LYS D 39 11.96 30.44 2.22
C LYS D 39 12.65 29.43 3.14
N GLY D 40 13.03 28.27 2.60
CA GLY D 40 13.70 27.27 3.42
C GLY D 40 15.05 27.73 3.93
N PHE D 41 15.87 28.34 3.07
CA PHE D 41 17.20 28.80 3.50
C PHE D 41 17.09 29.85 4.61
N THR D 42 16.15 30.81 4.47
CA THR D 42 16.03 31.86 5.47
C THR D 42 15.41 31.32 6.76
N ALA D 43 14.43 30.41 6.64
CA ALA D 43 13.86 29.78 7.84
C ALA D 43 14.89 28.95 8.58
N ALA D 44 15.82 28.30 7.85
CA ALA D 44 16.90 27.56 8.48
C ALA D 44 17.91 28.48 9.17
N GLY D 45 17.92 29.77 8.84
CA GLY D 45 18.90 30.67 9.40
C GLY D 45 20.29 30.57 8.80
N VAL D 46 20.47 29.86 7.68
CA VAL D 46 21.80 29.70 7.12
C VAL D 46 22.14 30.79 6.12
N LEU D 47 21.14 31.44 5.53
CA LEU D 47 21.36 32.61 4.70
C LEU D 47 20.47 33.73 5.18
N ALA D 48 21.00 34.95 5.19
CA ALA D 48 20.19 36.13 5.43
C ALA D 48 19.44 36.51 4.16
N ALA D 49 18.20 36.97 4.34
CA ALA D 49 17.35 37.26 3.18
C ALA D 49 17.94 38.35 2.29
N HIS D 50 18.63 39.34 2.87
CA HIS D 50 19.20 40.37 2.00
C HIS D 50 20.41 39.86 1.19
N LYS D 51 20.92 38.67 1.50
CA LYS D 51 21.99 38.09 0.71
C LYS D 51 21.47 37.29 -0.48
N ILE D 52 20.15 37.27 -0.66
CA ILE D 52 19.49 36.54 -1.74
C ILE D 52 18.92 37.54 -2.73
N MET D 53 19.14 37.28 -4.02
CA MET D 53 18.55 38.08 -5.08
C MET D 53 17.86 37.14 -6.07
N ALA D 54 16.73 37.58 -6.61
CA ALA D 54 16.02 36.78 -7.61
C ALA D 54 15.53 37.69 -8.73
N SER D 55 15.55 37.16 -9.96
CA SER D 55 15.13 37.92 -11.12
C SER D 55 14.11 37.14 -11.94
N SER D 56 13.15 37.88 -12.50
CA SER D 56 12.24 37.37 -13.53
C SER D 56 11.80 38.57 -14.35
N PRO D 57 11.31 38.35 -15.59
CA PRO D 57 10.97 39.50 -16.44
C PRO D 57 9.67 40.20 -16.08
N ASP D 58 8.82 39.60 -15.23
CA ASP D 58 7.56 40.22 -14.81
C ASP D 58 7.59 40.40 -13.29
N MET D 59 7.62 41.65 -12.84
CA MET D 59 7.84 41.97 -11.44
C MET D 59 6.54 42.10 -10.64
N ASP D 60 5.40 41.78 -11.22
CA ASP D 60 4.11 41.83 -10.52
C ASP D 60 3.53 40.43 -10.35
N LEU D 61 4.38 39.44 -10.13
CA LEU D 61 3.94 38.07 -9.94
C LEU D 61 3.73 37.77 -8.46
N ALA D 62 2.96 36.70 -8.20
CA ALA D 62 2.63 36.34 -6.82
C ALA D 62 3.86 35.81 -6.08
N THR D 63 4.68 34.99 -6.74
CA THR D 63 5.90 34.51 -6.09
C THR D 63 6.90 35.63 -5.89
N VAL D 64 6.99 36.55 -6.86
CA VAL D 64 7.84 37.73 -6.71
C VAL D 64 7.42 38.52 -5.47
N SER D 65 6.12 38.74 -5.31
CA SER D 65 5.65 39.46 -4.13
C SER D 65 5.91 38.68 -2.85
N ALA D 66 5.79 37.35 -2.91
CA ALA D 66 6.11 36.54 -1.74
C ALA D 66 7.59 36.65 -1.38
N LEU D 67 8.46 36.49 -2.39
CA LEU D 67 9.88 36.77 -2.20
C LEU D 67 10.10 38.18 -1.67
N ARG D 68 9.30 39.14 -2.15
CA ARG D 68 9.43 40.53 -1.73
C ARG D 68 9.24 40.66 -0.22
N LYS D 69 8.14 40.11 0.31
CA LYS D 69 7.85 40.26 1.74
C LYS D 69 8.87 39.56 2.61
N MET D 70 9.59 38.59 2.04
CA MET D 70 10.65 37.86 2.73
C MET D 70 11.92 38.69 2.92
N GLY D 71 12.08 39.79 2.18
CA GLY D 71 13.30 40.58 2.23
C GLY D 71 14.30 40.26 1.15
N VAL D 72 13.98 39.35 0.23
CA VAL D 72 14.85 39.04 -0.88
C VAL D 72 14.93 40.24 -1.82
N LYS D 73 16.10 40.45 -2.43
CA LYS D 73 16.24 41.49 -3.44
C LYS D 73 15.63 41.00 -4.75
N LEU D 74 14.87 41.86 -5.41
CA LEU D 74 14.23 41.49 -6.67
C LEU D 74 14.64 42.45 -7.77
N THR D 75 14.74 41.92 -8.99
CA THR D 75 15.12 42.74 -10.13
C THR D 75 14.62 42.05 -11.40
N PRO D 76 14.29 42.82 -12.45
CA PRO D 76 14.01 42.19 -13.74
C PRO D 76 15.26 41.75 -14.49
N HIS D 77 16.46 42.12 -14.02
CA HIS D 77 17.69 42.02 -14.80
C HIS D 77 18.52 40.83 -14.33
N ASN D 78 18.52 39.75 -15.14
CA ASN D 78 19.33 38.58 -14.79
C ASN D 78 20.79 38.92 -14.61
N LYS D 79 21.31 39.92 -15.33
CA LYS D 79 22.73 40.25 -15.19
C LYS D 79 23.02 40.76 -13.78
N GLU D 80 22.11 41.56 -13.22
CA GLU D 80 22.24 42.01 -11.84
C GLU D 80 22.29 40.82 -10.87
N THR D 81 21.46 39.81 -11.09
CA THR D 81 21.49 38.62 -10.23
C THR D 81 22.86 37.94 -10.30
N VAL D 82 23.39 37.79 -11.52
CA VAL D 82 24.71 37.18 -11.68
C VAL D 82 25.77 37.99 -10.95
N GLN D 83 25.75 39.31 -11.13
CA GLN D 83 26.76 40.16 -10.49
C GLN D 83 26.65 40.12 -8.97
N HIS D 84 25.44 39.89 -8.45
CA HIS D 84 25.21 39.82 -7.02
C HIS D 84 25.71 38.51 -6.41
N SER D 85 25.66 37.42 -7.17
CA SER D 85 25.69 36.09 -6.59
C SER D 85 27.09 35.50 -6.50
N ASP D 86 27.29 34.65 -5.50
CA ASP D 86 28.39 33.69 -5.46
C ASP D 86 27.92 32.32 -5.91
N VAL D 87 26.82 31.84 -5.33
CA VAL D 87 26.10 30.66 -5.80
C VAL D 87 24.88 31.14 -6.59
N LEU D 88 24.72 30.63 -7.80
CA LEU D 88 23.69 31.08 -8.74
C LEU D 88 22.82 29.90 -9.12
N PHE D 89 21.57 29.90 -8.61
CA PHE D 89 20.60 28.87 -8.94
C PHE D 89 19.87 29.24 -10.23
N LEU D 90 19.72 28.26 -11.11
CA LEU D 90 18.92 28.44 -12.32
C LEU D 90 17.56 27.80 -12.02
N ALA D 91 16.54 28.64 -11.86
CA ALA D 91 15.24 28.14 -11.47
C ALA D 91 14.20 28.61 -12.48
N VAL D 92 14.52 28.43 -13.75
CA VAL D 92 13.59 28.70 -14.84
C VAL D 92 13.19 27.35 -15.44
N LYS D 93 12.16 27.38 -16.28
CA LYS D 93 11.71 26.17 -16.97
C LYS D 93 12.82 25.61 -17.85
N PRO D 94 12.84 24.28 -18.08
CA PRO D 94 13.93 23.68 -18.87
C PRO D 94 14.17 24.33 -20.23
N HIS D 95 13.12 24.65 -20.97
CA HIS D 95 13.34 25.23 -22.29
C HIS D 95 13.85 26.67 -22.24
N ILE D 96 13.79 27.32 -21.07
CA ILE D 96 14.37 28.66 -20.93
C ILE D 96 15.86 28.60 -20.61
N ILE D 97 16.36 27.47 -20.11
CA ILE D 97 17.75 27.40 -19.66
C ILE D 97 18.75 27.85 -20.73
N PRO D 98 18.70 27.37 -21.98
CA PRO D 98 19.73 27.80 -22.95
C PRO D 98 19.70 29.28 -23.26
N PHE D 99 18.52 29.92 -23.18
CA PHE D 99 18.46 31.36 -23.41
C PHE D 99 19.11 32.13 -22.27
N ILE D 100 18.90 31.67 -21.03
CA ILE D 100 19.56 32.27 -19.87
C ILE D 100 21.07 32.15 -20.00
N LEU D 101 21.56 30.97 -20.38
CA LEU D 101 22.99 30.77 -20.48
C LEU D 101 23.61 31.66 -21.55
N ASP D 102 22.90 31.84 -22.67
CA ASP D 102 23.37 32.78 -23.68
C ASP D 102 23.37 34.21 -23.15
N GLU D 103 22.37 34.56 -22.34
CA GLU D 103 22.24 35.93 -21.86
C GLU D 103 23.35 36.27 -20.87
N ILE D 104 23.58 35.39 -19.89
CA ILE D 104 24.44 35.68 -18.76
C ILE D 104 25.82 35.04 -18.90
N GLY D 105 26.06 34.25 -19.95
CA GLY D 105 27.31 33.52 -20.06
C GLY D 105 28.55 34.39 -19.96
N ALA D 106 28.51 35.59 -20.56
CA ALA D 106 29.67 36.48 -20.51
C ALA D 106 29.87 37.11 -19.14
N ASP D 107 28.89 37.00 -18.24
CA ASP D 107 28.98 37.59 -16.91
C ASP D 107 29.45 36.59 -15.85
N ILE D 108 29.60 35.33 -16.20
CA ILE D 108 30.08 34.33 -15.27
C ILE D 108 31.54 34.60 -14.93
N GLU D 109 31.86 34.58 -13.64
CA GLU D 109 33.22 34.81 -13.16
C GLU D 109 33.76 33.53 -12.53
N ASP D 110 35.06 33.59 -12.18
CA ASP D 110 35.70 32.45 -11.55
C ASP D 110 35.01 32.05 -10.25
N ARG D 111 34.50 33.04 -9.50
CA ARG D 111 33.90 32.76 -8.20
C ARG D 111 32.59 31.98 -8.29
N HIS D 112 31.99 31.89 -9.47
CA HIS D 112 30.60 31.43 -9.55
C HIS D 112 30.47 29.92 -9.51
N ILE D 113 29.54 29.43 -8.71
CA ILE D 113 29.04 28.08 -8.81
C ILE D 113 27.64 28.18 -9.40
N VAL D 114 27.43 27.58 -10.57
CA VAL D 114 26.15 27.61 -11.26
C VAL D 114 25.41 26.32 -10.90
N VAL D 115 24.26 26.46 -10.25
CA VAL D 115 23.48 25.30 -9.80
C VAL D 115 22.18 25.27 -10.61
N SER D 116 22.08 24.34 -11.54
CA SER D 116 20.88 24.18 -12.32
C SER D 116 19.90 23.32 -11.55
N CYS D 117 18.67 23.80 -11.40
CA CYS D 117 17.59 23.00 -10.82
C CYS D 117 16.62 22.50 -11.87
N ALA D 118 16.87 22.75 -13.15
CA ALA D 118 15.87 22.48 -14.17
C ALA D 118 15.77 20.98 -14.42
N ALA D 119 14.52 20.48 -14.48
CA ALA D 119 14.29 19.09 -14.82
C ALA D 119 14.93 18.75 -16.17
N GLY D 120 15.60 17.60 -16.22
CA GLY D 120 16.09 17.04 -17.46
C GLY D 120 17.37 17.64 -18.01
N VAL D 121 17.70 18.88 -17.67
CA VAL D 121 18.76 19.61 -18.39
C VAL D 121 20.12 19.11 -17.92
N THR D 122 20.94 18.65 -18.87
CA THR D 122 22.18 17.95 -18.55
C THR D 122 23.32 18.93 -18.24
N ILE D 123 24.21 18.50 -17.37
CA ILE D 123 25.42 19.27 -17.07
C ILE D 123 26.19 19.55 -18.33
N SER D 124 26.24 18.57 -19.24
CA SER D 124 26.98 18.71 -20.49
C SER D 124 26.44 19.86 -21.32
N SER D 125 25.13 19.97 -21.45
CA SER D 125 24.54 21.05 -22.24
C SER D 125 24.81 22.40 -21.60
N ILE D 126 24.77 22.47 -20.28
CA ILE D 126 25.05 23.73 -19.58
C ILE D 126 26.51 24.12 -19.75
N GLU D 127 27.42 23.16 -19.54
CA GLU D 127 28.84 23.47 -19.65
C GLU D 127 29.19 23.87 -21.08
N LYS D 128 28.59 23.21 -22.07
CA LYS D 128 28.85 23.55 -23.47
C LYS D 128 28.48 25.00 -23.75
N LYS D 129 27.31 25.45 -23.28
CA LYS D 129 26.91 26.84 -23.48
C LYS D 129 27.86 27.79 -22.77
N LEU D 130 28.10 27.55 -21.48
CA LEU D 130 28.89 28.50 -20.70
C LEU D 130 30.34 28.54 -21.15
N SER D 131 30.86 27.39 -21.61
CA SER D 131 32.25 27.30 -22.02
C SER D 131 32.57 28.14 -23.24
N ALA D 132 31.56 28.50 -24.04
CA ALA D 132 31.80 29.38 -25.18
C ALA D 132 32.23 30.77 -24.75
N PHE D 133 31.93 31.16 -23.52
CA PHE D 133 32.25 32.48 -23.00
C PHE D 133 33.49 32.48 -22.12
N ARG D 134 33.68 31.44 -21.32
CA ARG D 134 34.75 31.40 -20.35
C ARG D 134 34.96 29.94 -19.98
N PRO D 135 36.20 29.47 -19.93
CA PRO D 135 36.43 28.04 -19.68
C PRO D 135 36.24 27.70 -18.21
N ALA D 136 36.03 26.41 -17.98
CA ALA D 136 35.89 25.82 -16.66
C ALA D 136 34.75 26.42 -15.84
N PRO D 137 33.55 26.58 -16.39
CA PRO D 137 32.42 26.95 -15.52
C PRO D 137 32.21 25.87 -14.47
N ARG D 138 31.97 26.31 -13.24
CA ARG D 138 31.74 25.39 -12.12
C ARG D 138 30.24 25.14 -12.07
N VAL D 139 29.83 23.92 -12.43
CA VAL D 139 28.42 23.61 -12.64
C VAL D 139 28.03 22.46 -11.72
N ILE D 140 26.87 22.61 -11.09
CA ILE D 140 26.25 21.54 -10.32
C ILE D 140 24.82 21.42 -10.81
N ARG D 141 24.35 20.19 -10.97
CA ARG D 141 22.97 19.93 -11.32
C ARG D 141 22.27 19.34 -10.10
N CYS D 142 21.08 19.82 -9.80
CA CYS D 142 20.33 19.24 -8.70
C CYS D 142 18.87 19.00 -9.10
N MET D 143 18.24 18.13 -8.31
CA MET D 143 16.80 17.93 -8.36
C MET D 143 16.33 17.98 -6.91
N THR D 144 15.29 18.76 -6.65
CA THR D 144 14.81 18.96 -5.29
C THR D 144 13.29 18.87 -5.36
N ASN D 145 12.59 19.44 -4.38
CA ASN D 145 11.14 19.45 -4.46
C ASN D 145 10.62 20.56 -3.57
N THR D 146 9.32 20.87 -3.72
CA THR D 146 8.80 22.05 -3.06
C THR D 146 8.82 21.97 -1.53
N PRO D 147 8.80 20.77 -0.90
CA PRO D 147 8.87 20.75 0.57
C PRO D 147 10.13 21.33 1.19
N VAL D 148 11.13 21.75 0.40
CA VAL D 148 12.18 22.57 1.01
C VAL D 148 11.59 23.79 1.71
N VAL D 149 10.37 24.18 1.34
CA VAL D 149 9.73 25.35 1.91
C VAL D 149 9.41 25.15 3.39
N VAL D 150 9.26 23.90 3.82
CA VAL D 150 9.12 23.56 5.23
C VAL D 150 10.33 22.76 5.71
N ARG D 151 11.45 22.91 4.99
CA ARG D 151 12.72 22.30 5.36
CA ARG D 151 12.73 22.31 5.36
C ARG D 151 12.64 20.78 5.46
N GLU D 152 11.81 20.17 4.62
CA GLU D 152 11.72 18.72 4.54
C GLU D 152 11.79 18.28 3.09
N GLY D 153 12.65 18.93 2.32
CA GLY D 153 12.81 18.56 0.93
C GLY D 153 13.60 17.27 0.78
N ALA D 154 13.66 16.80 -0.47
CA ALA D 154 14.48 15.66 -0.87
C ALA D 154 15.34 16.12 -2.04
N THR D 155 16.65 16.21 -1.83
CA THR D 155 17.50 16.82 -2.84
C THR D 155 18.65 15.90 -3.22
N VAL D 156 18.91 15.80 -4.53
CA VAL D 156 20.12 15.14 -5.00
C VAL D 156 20.86 16.14 -5.88
N TYR D 157 22.18 15.93 -5.98
CA TYR D 157 22.99 16.77 -6.85
C TYR D 157 24.11 15.95 -7.47
N ALA D 158 24.58 16.39 -8.63
CA ALA D 158 25.74 15.83 -9.31
C ALA D 158 26.67 16.98 -9.67
N THR D 159 27.96 16.74 -9.52
CA THR D 159 28.97 17.77 -9.76
C THR D 159 29.47 17.72 -11.19
N GLY D 160 29.66 18.89 -11.79
CA GLY D 160 30.10 18.99 -13.16
C GLY D 160 31.60 18.80 -13.31
N THR D 161 32.06 18.99 -14.55
CA THR D 161 33.44 18.66 -14.93
C THR D 161 34.45 19.53 -14.21
N HIS D 162 34.12 20.80 -13.99
CA HIS D 162 35.08 21.75 -13.45
C HIS D 162 34.73 22.17 -12.02
N ALA D 163 33.74 21.53 -11.40
CA ALA D 163 33.42 21.81 -10.01
C ALA D 163 34.65 21.62 -9.14
N GLN D 164 34.91 22.60 -8.27
CA GLN D 164 36.12 22.57 -7.49
C GLN D 164 35.95 21.64 -6.30
N VAL D 165 37.04 21.47 -5.54
CA VAL D 165 37.11 20.38 -4.57
C VAL D 165 35.94 20.44 -3.59
N GLU D 166 35.60 21.64 -3.10
CA GLU D 166 34.62 21.81 -2.04
C GLU D 166 33.28 22.34 -2.56
N ASP D 167 33.10 22.44 -3.88
CA ASP D 167 31.82 22.90 -4.41
C ASP D 167 30.70 21.94 -4.06
N GLY D 168 30.92 20.64 -4.26
CA GLY D 168 29.93 19.66 -3.86
C GLY D 168 29.65 19.70 -2.37
N ARG D 169 30.70 19.79 -1.56
CA ARG D 169 30.52 19.82 -0.11
C ARG D 169 29.72 21.05 0.31
N LEU D 170 30.00 22.21 -0.32
CA LEU D 170 29.25 23.43 -0.02
C LEU D 170 27.79 23.25 -0.37
N MET D 171 27.52 22.75 -1.58
CA MET D 171 26.13 22.64 -1.96
CA MET D 171 26.15 22.54 -2.04
C MET D 171 25.41 21.60 -1.10
N GLU D 172 26.06 20.51 -0.69
CA GLU D 172 25.39 19.58 0.21
C GLU D 172 25.12 20.21 1.56
N GLN D 173 26.08 20.98 2.09
CA GLN D 173 25.87 21.66 3.35
C GLN D 173 24.69 22.63 3.27
N LEU D 174 24.63 23.41 2.19
CA LEU D 174 23.52 24.35 2.02
C LEU D 174 22.18 23.64 1.87
N LEU D 175 22.10 22.66 0.96
CA LEU D 175 20.81 22.03 0.72
CA LEU D 175 20.82 22.02 0.71
C LEU D 175 20.39 21.08 1.84
N SER D 176 21.33 20.58 2.64
CA SER D 176 20.95 19.76 3.79
C SER D 176 20.21 20.56 4.84
N SER D 177 20.33 21.89 4.82
CA SER D 177 19.63 22.73 5.79
C SER D 177 18.14 22.77 5.53
N VAL D 178 17.68 22.33 4.36
CA VAL D 178 16.26 22.38 4.02
C VAL D 178 15.70 20.99 3.69
N GLY D 179 16.43 19.93 4.01
CA GLY D 179 15.90 18.59 3.82
C GLY D 179 17.01 17.57 3.64
N PHE D 180 16.62 16.38 3.21
CA PHE D 180 17.59 15.36 2.86
C PHE D 180 18.37 15.82 1.64
N CYS D 181 19.69 15.57 1.64
CA CYS D 181 20.51 15.89 0.49
C CYS D 181 21.62 14.85 0.33
N THR D 182 21.83 14.38 -0.90
CA THR D 182 22.93 13.46 -1.15
C THR D 182 23.44 13.63 -2.59
N GLU D 183 24.72 13.34 -2.77
CA GLU D 183 25.29 13.34 -4.11
C GLU D 183 24.90 12.07 -4.87
N VAL D 184 24.66 12.21 -6.17
CA VAL D 184 24.36 11.07 -7.04
C VAL D 184 25.16 11.24 -8.33
N GLU D 185 25.31 10.14 -9.07
CA GLU D 185 25.70 10.22 -10.47
C GLU D 185 24.60 10.92 -11.25
N GLU D 186 25.00 11.71 -12.26
CA GLU D 186 24.00 12.49 -12.98
C GLU D 186 22.97 11.59 -13.65
N ASP D 187 23.36 10.38 -14.06
CA ASP D 187 22.41 9.55 -14.79
C ASP D 187 21.27 9.03 -13.91
N LEU D 188 21.25 9.31 -12.60
CA LEU D 188 20.10 8.99 -11.75
C LEU D 188 19.08 10.12 -11.65
N ILE D 189 19.39 11.33 -12.11
CA ILE D 189 18.60 12.48 -11.68
C ILE D 189 17.23 12.51 -12.36
N ASP D 190 17.14 12.07 -13.63
CA ASP D 190 15.83 11.99 -14.27
C ASP D 190 14.89 11.07 -13.51
N ALA D 191 15.40 9.91 -13.06
CA ALA D 191 14.60 9.02 -12.23
C ALA D 191 14.23 9.67 -10.90
N VAL D 192 15.17 10.36 -10.24
CA VAL D 192 14.84 11.04 -9.00
C VAL D 192 13.72 12.04 -9.24
N THR D 193 13.76 12.72 -10.39
CA THR D 193 12.72 13.68 -10.75
C THR D 193 11.34 13.01 -10.75
N GLY D 194 11.25 11.81 -11.33
CA GLY D 194 9.98 11.10 -11.36
C GLY D 194 9.51 10.61 -10.01
N LEU D 195 10.43 10.42 -9.07
CA LEU D 195 10.11 9.91 -7.72
C LEU D 195 9.90 11.05 -6.73
N SER D 196 10.97 11.73 -6.31
CA SER D 196 10.79 12.77 -5.28
C SER D 196 10.54 14.17 -5.85
N GLY D 197 10.91 14.43 -7.09
CA GLY D 197 10.57 15.72 -7.69
C GLY D 197 9.07 15.87 -7.90
N SER D 198 8.46 14.89 -8.56
CA SER D 198 7.01 14.85 -8.75
C SER D 198 6.27 14.30 -7.54
N GLY D 199 6.98 13.60 -6.65
CA GLY D 199 6.41 12.94 -5.49
C GLY D 199 5.38 13.72 -4.69
N PRO D 200 5.67 14.97 -4.34
CA PRO D 200 4.68 15.74 -3.56
C PRO D 200 3.32 15.83 -4.24
N ALA D 201 3.27 15.99 -5.57
CA ALA D 201 1.96 16.02 -6.24
C ALA D 201 1.22 14.68 -6.11
N TYR D 202 1.96 13.56 -6.15
CA TYR D 202 1.30 12.28 -5.89
C TYR D 202 0.69 12.30 -4.50
N ALA D 203 1.43 12.82 -3.54
CA ALA D 203 0.97 12.86 -2.15
C ALA D 203 -0.25 13.76 -2.00
N PHE D 204 -0.24 14.94 -2.65
CA PHE D 204 -1.39 15.83 -2.54
C PHE D 204 -2.64 15.19 -3.15
N THR D 205 -2.49 14.51 -4.28
CA THR D 205 -3.61 13.79 -4.88
C THR D 205 -4.13 12.72 -3.93
N ALA D 206 -3.20 11.94 -3.35
CA ALA D 206 -3.58 10.91 -2.40
C ALA D 206 -4.30 11.50 -1.20
N LEU D 207 -3.82 12.65 -0.70
CA LEU D 207 -4.42 13.24 0.50
C LEU D 207 -5.81 13.77 0.21
N ASP D 208 -6.01 14.35 -0.96
CA ASP D 208 -7.35 14.79 -1.38
C ASP D 208 -8.31 13.60 -1.41
N ALA D 209 -7.88 12.50 -2.03
CA ALA D 209 -8.72 11.32 -2.16
C ALA D 209 -8.97 10.66 -0.79
N LEU D 210 -7.92 10.55 0.03
CA LEU D 210 -8.14 9.98 1.37
C LEU D 210 -9.15 10.80 2.15
N ALA D 211 -9.09 12.14 2.00
CA ALA D 211 -10.02 13.00 2.70
C ALA D 211 -11.44 12.83 2.16
N ASP D 212 -11.57 12.68 0.83
CA ASP D 212 -12.85 12.32 0.24
C ASP D 212 -13.38 11.02 0.86
N GLY D 213 -12.51 10.04 1.08
CA GLY D 213 -12.95 8.80 1.69
C GLY D 213 -13.41 9.00 3.13
N GLY D 214 -12.64 9.77 3.90
CA GLY D 214 -13.07 10.14 5.23
C GLY D 214 -14.43 10.82 5.24
N VAL D 215 -14.64 11.76 4.31
CA VAL D 215 -15.92 12.46 4.22
C VAL D 215 -17.05 11.50 3.86
N LYS D 216 -16.81 10.59 2.92
CA LYS D 216 -17.86 9.63 2.55
C LYS D 216 -18.31 8.84 3.77
N MET D 217 -17.38 8.49 4.64
CA MET D 217 -17.71 7.67 5.80
C MET D 217 -18.14 8.48 7.01
N GLY D 218 -18.30 9.81 6.88
CA GLY D 218 -18.94 10.60 7.92
C GLY D 218 -18.08 11.64 8.60
N LEU D 219 -16.78 11.83 8.17
CA LEU D 219 -15.92 12.79 8.84
C LEU D 219 -16.06 14.17 8.20
N PRO D 220 -16.06 15.21 9.02
CA PRO D 220 -15.94 16.57 8.49
C PRO D 220 -14.67 16.70 7.66
N ARG D 221 -14.77 17.47 6.58
CA ARG D 221 -13.66 17.60 5.65
C ARG D 221 -12.39 18.09 6.35
N ARG D 222 -12.50 19.11 7.20
CA ARG D 222 -11.30 19.66 7.83
C ARG D 222 -10.61 18.60 8.67
N LEU D 223 -11.38 17.82 9.44
CA LEU D 223 -10.81 16.75 10.23
C LEU D 223 -10.21 15.66 9.34
N ALA D 224 -10.89 15.30 8.25
CA ALA D 224 -10.37 14.24 7.40
C ALA D 224 -9.04 14.64 6.76
N VAL D 225 -8.92 15.91 6.35
CA VAL D 225 -7.66 16.37 5.75
C VAL D 225 -6.54 16.32 6.77
N ARG D 226 -6.82 16.80 7.99
CA ARG D 226 -5.83 16.79 9.07
C ARG D 226 -5.37 15.38 9.40
N LEU D 227 -6.32 14.46 9.60
CA LEU D 227 -5.98 13.08 9.94
C LEU D 227 -5.23 12.38 8.82
N GLY D 228 -5.70 12.56 7.58
CA GLY D 228 -5.02 11.93 6.45
C GLY D 228 -3.59 12.42 6.32
N ALA D 229 -3.38 13.73 6.44
CA ALA D 229 -2.03 14.28 6.29
C ALA D 229 -1.14 13.84 7.44
N GLN D 230 -1.68 13.83 8.67
CA GLN D 230 -0.90 13.38 9.81
C GLN D 230 -0.52 11.91 9.68
N ALA D 231 -1.47 11.09 9.20
CA ALA D 231 -1.20 9.68 8.96
C ALA D 231 -0.04 9.52 7.99
N LEU D 232 -0.07 10.26 6.88
CA LEU D 232 1.00 10.12 5.88
C LEU D 232 2.34 10.60 6.44
N LEU D 233 2.35 11.74 7.13
CA LEU D 233 3.60 12.23 7.72
C LEU D 233 4.17 11.23 8.72
N GLY D 234 3.32 10.77 9.65
CA GLY D 234 3.78 9.84 10.67
C GLY D 234 4.30 8.53 10.08
N ALA D 235 3.61 8.00 9.07
CA ALA D 235 4.06 6.75 8.45
C ALA D 235 5.40 6.93 7.75
N ALA D 236 5.57 8.04 7.01
CA ALA D 236 6.85 8.29 6.37
C ALA D 236 7.97 8.43 7.40
N LYS D 237 7.72 9.17 8.48
CA LYS D 237 8.74 9.32 9.52
C LYS D 237 9.04 7.99 10.19
N MET D 238 8.00 7.20 10.46
CA MET D 238 8.17 5.86 11.00
C MET D 238 9.10 5.02 10.11
N LEU D 239 8.85 5.06 8.79
CA LEU D 239 9.69 4.29 7.88
C LEU D 239 11.12 4.81 7.87
N LEU D 240 11.30 6.13 7.82
CA LEU D 240 12.64 6.71 7.81
C LEU D 240 13.43 6.35 9.06
N HIS D 241 12.77 6.28 10.21
CA HIS D 241 13.46 6.00 11.46
C HIS D 241 13.54 4.51 11.77
N SER D 242 12.83 3.66 11.06
CA SER D 242 12.99 2.23 11.26
C SER D 242 14.06 1.70 10.32
N GLU D 243 14.75 0.65 10.76
CA GLU D 243 15.63 -0.08 9.86
C GLU D 243 14.86 -1.14 9.08
N GLN D 244 13.66 -0.81 8.62
CA GLN D 244 12.71 -1.81 8.16
C GLN D 244 12.30 -1.57 6.72
N HIS D 245 12.05 -2.68 6.04
CA HIS D 245 11.42 -2.66 4.72
C HIS D 245 9.98 -2.17 4.87
N PRO D 246 9.49 -1.33 3.95
CA PRO D 246 8.09 -0.88 4.04
C PRO D 246 7.10 -2.04 4.07
N GLY D 247 7.40 -3.14 3.38
CA GLY D 247 6.53 -4.30 3.47
C GLY D 247 6.50 -4.88 4.87
N GLN D 248 7.64 -4.88 5.56
CA GLN D 248 7.67 -5.36 6.93
C GLN D 248 6.78 -4.51 7.83
N LEU D 249 6.84 -3.18 7.67
CA LEU D 249 6.00 -2.32 8.49
C LEU D 249 4.53 -2.48 8.12
N LYS D 250 4.24 -2.63 6.83
CA LYS D 250 2.91 -3.07 6.40
C LYS D 250 2.52 -4.36 7.13
N ASP D 251 3.39 -5.37 7.08
CA ASP D 251 3.11 -6.65 7.75
C ASP D 251 2.93 -6.47 9.24
N ASN D 252 3.88 -5.77 9.90
CA ASN D 252 3.82 -5.59 11.34
C ASN D 252 2.51 -4.94 11.77
N VAL D 253 2.08 -3.89 11.07
CA VAL D 253 0.94 -3.12 11.58
C VAL D 253 -0.41 -3.76 11.26
N SER D 254 -0.50 -4.58 10.21
CA SER D 254 -1.75 -5.28 9.90
C SER D 254 -2.02 -6.39 10.92
N SER D 255 -3.31 -6.65 11.18
CA SER D 255 -3.78 -7.71 12.07
C SER D 255 -4.72 -8.66 11.32
N PRO D 256 -4.71 -9.94 11.69
CA PRO D 256 -5.52 -10.94 10.96
C PRO D 256 -7.01 -10.65 11.02
N GLY D 257 -7.66 -10.74 9.86
CA GLY D 257 -9.09 -10.49 9.75
C GLY D 257 -9.50 -9.04 9.94
N GLY D 258 -8.55 -8.13 10.14
CA GLY D 258 -8.85 -6.79 10.61
C GLY D 258 -9.21 -5.80 9.51
N ALA D 259 -9.45 -4.55 9.95
CA ALA D 259 -9.92 -3.52 9.03
C ALA D 259 -8.84 -3.19 7.99
N THR D 260 -7.59 -3.09 8.44
CA THR D 260 -6.51 -2.66 7.56
C THR D 260 -6.32 -3.66 6.41
N ILE D 261 -6.26 -4.95 6.73
CA ILE D 261 -5.98 -5.92 5.67
C ILE D 261 -7.14 -5.99 4.69
N HIS D 262 -8.38 -5.77 5.14
CA HIS D 262 -9.48 -5.66 4.19
C HIS D 262 -9.29 -4.48 3.24
N ALA D 263 -8.85 -3.33 3.78
CA ALA D 263 -8.59 -2.18 2.93
C ALA D 263 -7.41 -2.43 1.99
N LEU D 264 -6.35 -3.09 2.50
CA LEU D 264 -5.21 -3.36 1.63
C LEU D 264 -5.63 -4.21 0.44
N HIS D 265 -6.55 -5.15 0.66
CA HIS D 265 -7.04 -5.97 -0.44
C HIS D 265 -7.70 -5.12 -1.53
N VAL D 266 -8.56 -4.17 -1.14
CA VAL D 266 -9.22 -3.40 -2.20
C VAL D 266 -8.20 -2.51 -2.93
N LEU D 267 -7.17 -2.01 -2.23
CA LEU D 267 -6.09 -1.33 -2.93
C LEU D 267 -5.46 -2.26 -3.98
N GLU D 268 -5.12 -3.50 -3.57
CA GLU D 268 -4.48 -4.44 -4.49
C GLU D 268 -5.38 -4.74 -5.68
N SER D 269 -6.68 -4.93 -5.43
CA SER D 269 -7.60 -5.29 -6.51
C SER D 269 -7.67 -4.19 -7.57
N GLY D 270 -7.40 -2.95 -7.19
CA GLY D 270 -7.32 -1.85 -8.13
C GLY D 270 -5.97 -1.68 -8.80
N GLY D 271 -4.98 -2.52 -8.46
CA GLY D 271 -3.65 -2.31 -9.00
C GLY D 271 -2.98 -1.04 -8.52
N PHE D 272 -3.32 -0.62 -7.29
CA PHE D 272 -2.77 0.58 -6.65
C PHE D 272 -1.25 0.68 -6.81
N ARG D 273 -0.52 -0.40 -6.49
CA ARG D 273 0.94 -0.38 -6.61
C ARG D 273 1.36 -0.04 -8.04
N SER D 274 0.71 -0.66 -9.03
CA SER D 274 1.12 -0.44 -10.41
C SER D 274 0.92 1.01 -10.85
N LEU D 275 -0.08 1.71 -10.29
CA LEU D 275 -0.32 3.09 -10.69
C LEU D 275 0.83 4.00 -10.27
N LEU D 276 1.35 3.77 -9.06
CA LEU D 276 2.47 4.57 -8.56
C LEU D 276 3.75 4.26 -9.33
N ILE D 277 3.94 3.01 -9.72
CA ILE D 277 5.04 2.69 -10.62
C ILE D 277 4.84 3.41 -11.95
N ASN D 278 3.62 3.36 -12.49
CA ASN D 278 3.32 4.07 -13.74
C ASN D 278 3.68 5.54 -13.63
N ALA D 279 3.36 6.16 -12.48
CA ALA D 279 3.56 7.59 -12.31
C ALA D 279 5.05 7.94 -12.33
N VAL D 280 5.85 7.25 -11.50
CA VAL D 280 7.29 7.51 -11.48
C VAL D 280 7.88 7.33 -12.88
N GLU D 281 7.50 6.26 -13.55
CA GLU D 281 7.99 6.02 -14.91
C GLU D 281 7.56 7.14 -15.86
N ALA D 282 6.29 7.57 -15.77
CA ALA D 282 5.80 8.57 -16.70
C ALA D 282 6.50 9.91 -16.51
N SER D 283 6.71 10.31 -15.26
CA SER D 283 7.41 11.57 -14.98
C SER D 283 8.88 11.49 -15.43
N CYS D 284 9.54 10.37 -15.15
CA CYS D 284 10.93 10.20 -15.60
C CYS D 284 11.03 10.24 -17.12
N ILE D 285 10.15 9.50 -17.81
CA ILE D 285 10.20 9.48 -19.28
C ILE D 285 9.92 10.86 -19.86
N ARG D 286 8.93 11.56 -19.30
CA ARG D 286 8.64 12.91 -19.79
C ARG D 286 9.86 13.81 -19.57
N THR D 287 10.51 13.67 -18.42
CA THR D 287 11.71 14.46 -18.15
C THR D 287 12.77 14.22 -19.22
N ARG D 288 13.00 12.93 -19.55
CA ARG D 288 13.97 12.58 -20.60
C ARG D 288 13.54 13.09 -21.96
N GLU D 289 12.24 13.05 -22.22
CA GLU D 289 11.69 13.47 -23.51
C GLU D 289 11.99 14.93 -23.79
N LEU D 290 11.69 15.80 -22.81
CA LEU D 290 11.89 17.22 -22.98
C LEU D 290 13.35 17.54 -23.30
N GLN D 291 14.28 16.81 -22.68
CA GLN D 291 15.69 17.09 -22.93
C GLN D 291 16.12 16.60 -24.31
N SER D 292 15.60 15.45 -24.76
CA SER D 292 15.91 14.98 -26.11
C SER D 292 15.45 15.99 -27.15
N MET D 293 14.31 16.62 -26.91
CA MET D 293 13.86 17.71 -27.79
C MET D 293 14.79 18.91 -27.70
N ALA D 294 15.22 19.26 -26.49
CA ALA D 294 16.15 20.38 -26.33
C ALA D 294 17.46 20.15 -27.06
N ASP D 295 17.93 18.90 -27.11
CA ASP D 295 19.20 18.57 -27.75
C ASP D 295 19.13 18.73 -29.27
N SER E 22 -41.19 44.71 3.49
CA SER E 22 -41.36 44.62 4.93
C SER E 22 -41.02 43.22 5.45
N MET E 23 -40.93 42.27 4.53
CA MET E 23 -40.78 40.88 4.90
C MET E 23 -39.42 40.60 5.53
N SER E 24 -39.41 39.77 6.57
CA SER E 24 -38.19 39.36 7.23
C SER E 24 -37.95 37.87 7.01
N VAL E 25 -36.68 37.50 6.93
CA VAL E 25 -36.25 36.15 6.60
C VAL E 25 -35.29 35.67 7.68
N GLY E 26 -35.46 34.43 8.12
CA GLY E 26 -34.55 33.83 9.09
C GLY E 26 -33.96 32.54 8.55
N PHE E 27 -32.73 32.26 8.98
CA PHE E 27 -32.07 30.99 8.72
C PHE E 27 -31.79 30.30 10.05
N ILE E 28 -32.28 29.07 10.19
CA ILE E 28 -31.80 28.17 11.24
C ILE E 28 -30.64 27.39 10.65
N GLY E 29 -29.44 27.65 11.16
CA GLY E 29 -28.23 27.16 10.52
C GLY E 29 -27.52 28.30 9.79
N ALA E 30 -26.17 28.21 9.76
CA ALA E 30 -25.36 29.28 9.17
C ALA E 30 -24.18 28.70 8.40
N GLY E 31 -24.41 27.64 7.64
CA GLY E 31 -23.37 26.94 6.91
C GLY E 31 -23.30 27.33 5.44
N GLN E 32 -22.86 26.37 4.62
CA GLN E 32 -22.67 26.64 3.19
C GLN E 32 -23.95 27.12 2.53
N LEU E 33 -25.09 26.50 2.83
CA LEU E 33 -26.30 26.87 2.10
C LEU E 33 -26.92 28.15 2.64
N ALA E 34 -27.07 28.27 3.96
CA ALA E 34 -27.60 29.51 4.52
C ALA E 34 -26.76 30.71 4.06
N PHE E 35 -25.44 30.58 4.09
CA PHE E 35 -24.59 31.67 3.65
C PHE E 35 -24.81 31.98 2.17
N ALA E 36 -24.87 30.94 1.34
CA ALA E 36 -25.09 31.13 -0.09
C ALA E 36 -26.41 31.85 -0.35
N LEU E 37 -27.47 31.41 0.32
CA LEU E 37 -28.78 32.05 0.15
C LEU E 37 -28.77 33.47 0.69
N ALA E 38 -28.19 33.68 1.88
CA ALA E 38 -28.21 35.02 2.46
C ALA E 38 -27.43 35.99 1.59
N LYS E 39 -26.25 35.57 1.11
CA LYS E 39 -25.47 36.44 0.23
C LYS E 39 -26.21 36.70 -1.08
N GLY E 40 -26.83 35.66 -1.64
CA GLY E 40 -27.55 35.83 -2.88
C GLY E 40 -28.76 36.73 -2.77
N PHE E 41 -29.57 36.56 -1.70
CA PHE E 41 -30.70 37.46 -1.47
C PHE E 41 -30.22 38.90 -1.33
N THR E 42 -29.14 39.09 -0.57
CA THR E 42 -28.59 40.43 -0.38
C THR E 42 -28.15 41.03 -1.71
N ALA E 43 -27.42 40.24 -2.52
CA ALA E 43 -26.97 40.72 -3.82
C ALA E 43 -28.15 41.04 -4.73
N ALA E 44 -29.23 40.27 -4.63
CA ALA E 44 -30.43 40.51 -5.42
C ALA E 44 -31.17 41.76 -4.99
N GLY E 45 -30.97 42.22 -3.76
CA GLY E 45 -31.69 43.37 -3.28
C GLY E 45 -33.17 43.14 -3.06
N VAL E 46 -33.62 41.89 -2.99
CA VAL E 46 -35.02 41.62 -2.64
C VAL E 46 -35.27 41.86 -1.17
N LEU E 47 -34.23 41.78 -0.35
CA LEU E 47 -34.34 42.01 1.08
C LEU E 47 -33.21 42.92 1.52
N ALA E 48 -33.55 43.96 2.29
CA ALA E 48 -32.53 44.63 3.08
C ALA E 48 -31.87 43.58 3.99
N ALA E 49 -30.54 43.62 4.05
CA ALA E 49 -29.82 42.57 4.76
C ALA E 49 -30.15 42.55 6.25
N HIS E 50 -30.56 43.68 6.82
CA HIS E 50 -30.97 43.69 8.22
C HIS E 50 -32.33 43.05 8.43
N LYS E 51 -33.04 42.70 7.36
CA LYS E 51 -34.24 41.87 7.46
C LYS E 51 -33.91 40.39 7.52
N ILE E 52 -32.63 40.04 7.49
CA ILE E 52 -32.18 38.66 7.53
C ILE E 52 -31.52 38.41 8.88
N MET E 53 -31.86 37.28 9.50
CA MET E 53 -31.21 36.85 10.73
C MET E 53 -30.82 35.39 10.55
N ALA E 54 -29.64 35.02 11.06
CA ALA E 54 -29.19 33.63 11.04
C ALA E 54 -28.74 33.19 12.42
N SER E 55 -29.00 31.93 12.75
CA SER E 55 -28.60 31.38 14.05
C SER E 55 -27.89 30.04 13.84
N SER E 56 -26.85 29.82 14.64
CA SER E 56 -26.20 28.51 14.78
C SER E 56 -25.49 28.49 16.14
N PRO E 57 -25.22 27.31 16.69
CA PRO E 57 -24.73 27.24 18.08
C PRO E 57 -23.24 27.50 18.26
N ASP E 58 -22.42 27.29 17.25
CA ASP E 58 -20.96 27.41 17.37
C ASP E 58 -20.42 28.05 16.10
N MET E 59 -21.05 29.14 15.68
CA MET E 59 -20.79 29.71 14.37
C MET E 59 -19.33 30.10 14.22
N ASP E 60 -18.76 29.72 13.08
CA ASP E 60 -17.36 29.97 12.83
C ASP E 60 -17.07 31.46 12.85
N LEU E 61 -15.99 31.85 13.52
CA LEU E 61 -15.67 33.27 13.67
C LEU E 61 -15.48 33.94 12.32
N ALA E 62 -15.10 33.19 11.28
CA ALA E 62 -14.99 33.77 9.95
C ALA E 62 -16.34 33.86 9.26
N THR E 63 -17.31 33.02 9.62
CA THR E 63 -18.66 33.18 9.12
C THR E 63 -19.36 34.35 9.81
N VAL E 64 -19.12 34.52 11.11
CA VAL E 64 -19.66 35.67 11.82
C VAL E 64 -19.19 36.96 11.16
N SER E 65 -17.89 37.04 10.87
CA SER E 65 -17.34 38.27 10.28
C SER E 65 -18.00 38.57 8.93
N ALA E 66 -18.12 37.54 8.08
CA ALA E 66 -18.63 37.77 6.73
C ALA E 66 -20.11 38.12 6.74
N LEU E 67 -20.91 37.44 7.57
CA LEU E 67 -22.33 37.77 7.62
C LEU E 67 -22.56 39.14 8.23
N ARG E 68 -21.85 39.47 9.32
CA ARG E 68 -22.06 40.77 9.96
C ARG E 68 -21.65 41.91 9.02
N LYS E 69 -20.56 41.73 8.27
CA LYS E 69 -20.16 42.75 7.30
C LYS E 69 -21.23 42.93 6.24
N MET E 70 -21.97 41.87 5.93
CA MET E 70 -23.02 41.89 4.93
C MET E 70 -24.31 42.56 5.44
N GLY E 71 -24.41 42.78 6.74
CA GLY E 71 -25.62 43.34 7.32
C GLY E 71 -26.58 42.33 7.91
N VAL E 72 -26.20 41.06 7.96
CA VAL E 72 -27.09 40.02 8.51
C VAL E 72 -26.99 40.03 10.03
N LYS E 73 -28.14 39.97 10.69
CA LYS E 73 -28.16 39.83 12.14
C LYS E 73 -27.86 38.40 12.54
N LEU E 74 -27.18 38.23 13.67
CA LEU E 74 -26.69 36.94 14.11
C LEU E 74 -27.06 36.68 15.57
N THR E 75 -27.39 35.42 15.88
CA THR E 75 -27.70 35.06 17.25
C THR E 75 -27.43 33.58 17.44
N PRO E 76 -26.98 33.15 18.61
CA PRO E 76 -26.90 31.71 18.88
C PRO E 76 -28.23 31.08 19.24
N HIS E 77 -29.28 31.88 19.43
CA HIS E 77 -30.57 31.40 19.94
C HIS E 77 -31.56 31.24 18.78
N ASN E 78 -31.86 29.99 18.43
CA ASN E 78 -32.83 29.72 17.38
C ASN E 78 -34.18 30.37 17.66
N LYS E 79 -34.59 30.46 18.93
CA LYS E 79 -35.90 31.06 19.22
C LYS E 79 -35.94 32.52 18.78
N GLU E 80 -34.82 33.24 18.94
CA GLU E 80 -34.79 34.62 18.49
C GLU E 80 -34.94 34.73 16.98
N THR E 81 -34.32 33.82 16.22
CA THR E 81 -34.54 33.78 14.77
C THR E 81 -36.01 33.62 14.44
N VAL E 82 -36.67 32.67 15.11
CA VAL E 82 -38.09 32.44 14.85
C VAL E 82 -38.90 33.70 15.13
N GLN E 83 -38.62 34.36 16.25
CA GLN E 83 -39.38 35.56 16.62
C GLN E 83 -39.11 36.74 15.68
N HIS E 84 -37.96 36.76 15.00
CA HIS E 84 -37.65 37.82 14.05
C HIS E 84 -38.25 37.58 12.68
N SER E 85 -38.52 36.33 12.32
CA SER E 85 -38.72 35.96 10.93
C SER E 85 -40.20 35.82 10.58
N ASP E 86 -40.51 36.12 9.32
CA ASP E 86 -41.75 35.71 8.66
C ASP E 86 -41.54 34.44 7.86
N VAL E 87 -40.52 34.43 7.00
CA VAL E 87 -40.12 33.25 6.26
C VAL E 87 -38.91 32.65 6.95
N LEU E 88 -38.99 31.38 7.31
CA LEU E 88 -37.99 30.72 8.14
C LEU E 88 -37.41 29.56 7.36
N PHE E 89 -36.15 29.70 6.94
CA PHE E 89 -35.43 28.66 6.22
C PHE E 89 -34.75 27.72 7.21
N LEU E 90 -34.99 26.42 7.04
CA LEU E 90 -34.29 25.40 7.82
C LEU E 90 -33.09 24.96 6.97
N ALA E 91 -31.90 25.35 7.38
CA ALA E 91 -30.66 25.12 6.65
C ALA E 91 -29.68 24.32 7.49
N VAL E 92 -30.20 23.29 8.15
CA VAL E 92 -29.38 22.38 8.95
C VAL E 92 -29.33 21.03 8.26
N LYS E 93 -28.43 20.17 8.73
CA LYS E 93 -28.32 18.82 8.18
C LYS E 93 -29.62 18.06 8.40
N PRO E 94 -29.96 17.14 7.49
CA PRO E 94 -31.24 16.44 7.62
C PRO E 94 -31.48 15.81 8.97
N HIS E 95 -30.49 15.14 9.55
CA HIS E 95 -30.75 14.50 10.85
C HIS E 95 -30.93 15.51 11.97
N ILE E 96 -30.60 16.79 11.74
CA ILE E 96 -30.82 17.84 12.73
C ILE E 96 -32.23 18.42 12.66
N ILE E 97 -32.89 18.30 11.49
CA ILE E 97 -34.23 18.90 11.34
C ILE E 97 -35.19 18.52 12.46
N PRO E 98 -35.40 17.25 12.80
CA PRO E 98 -36.38 16.96 13.86
C PRO E 98 -36.03 17.62 15.19
N PHE E 99 -34.74 17.72 15.53
CA PHE E 99 -34.38 18.40 16.77
C PHE E 99 -34.75 19.87 16.72
N ILE E 100 -34.55 20.51 15.57
CA ILE E 100 -34.95 21.91 15.42
C ILE E 100 -36.46 22.05 15.57
N LEU E 101 -37.23 21.16 14.92
CA LEU E 101 -38.68 21.30 14.99
C LEU E 101 -39.16 21.14 16.43
N ASP E 102 -38.57 20.21 17.18
CA ASP E 102 -38.91 20.08 18.60
C ASP E 102 -38.56 21.34 19.38
N GLU E 103 -37.45 21.98 19.02
CA GLU E 103 -37.00 23.16 19.77
C GLU E 103 -37.90 24.36 19.54
N ILE E 104 -38.24 24.62 18.27
CA ILE E 104 -38.94 25.85 17.90
C ILE E 104 -40.43 25.66 17.67
N GLY E 105 -40.93 24.43 17.74
CA GLY E 105 -42.32 24.17 17.37
C GLY E 105 -43.34 25.00 18.13
N ALA E 106 -43.07 25.25 19.41
CA ALA E 106 -43.99 26.06 20.20
C ALA E 106 -43.93 27.54 19.87
N ASP E 107 -42.93 27.99 19.13
CA ASP E 107 -42.80 29.39 18.78
C ASP E 107 -43.31 29.70 17.37
N ILE E 108 -43.74 28.69 16.62
CA ILE E 108 -44.34 28.92 15.30
C ILE E 108 -45.65 29.65 15.47
N GLU E 109 -45.81 30.76 14.76
CA GLU E 109 -47.03 31.56 14.74
C GLU E 109 -47.78 31.35 13.43
N ASP E 110 -48.96 31.97 13.34
CA ASP E 110 -49.74 31.89 12.11
C ASP E 110 -49.00 32.48 10.92
N ARG E 111 -48.28 33.57 11.15
CA ARG E 111 -47.61 34.29 10.07
C ARG E 111 -46.48 33.49 9.44
N HIS E 112 -45.99 32.44 10.10
CA HIS E 112 -44.74 31.80 9.67
C HIS E 112 -44.94 30.91 8.44
N ILE E 113 -43.99 31.02 7.51
CA ILE E 113 -43.80 30.03 6.46
C ILE E 113 -42.47 29.35 6.74
N VAL E 114 -42.51 28.05 7.00
CA VAL E 114 -41.32 27.26 7.32
C VAL E 114 -40.87 26.60 6.03
N VAL E 115 -39.65 26.90 5.60
CA VAL E 115 -39.12 26.39 4.35
C VAL E 115 -37.95 25.48 4.68
N SER E 116 -38.15 24.19 4.49
CA SER E 116 -37.08 23.22 4.71
C SER E 116 -36.22 23.12 3.46
N CYS E 117 -34.92 23.31 3.63
CA CYS E 117 -33.96 23.11 2.56
C CYS E 117 -33.24 21.78 2.66
N ALA E 118 -33.58 20.96 3.66
CA ALA E 118 -32.80 19.78 3.94
C ALA E 118 -33.05 18.70 2.89
N ALA E 119 -31.96 18.05 2.45
CA ALA E 119 -32.08 16.92 1.54
C ALA E 119 -32.94 15.83 2.15
N GLY E 120 -33.85 15.27 1.35
CA GLY E 120 -34.59 14.08 1.72
C GLY E 120 -35.74 14.25 2.69
N VAL E 121 -35.74 15.28 3.53
CA VAL E 121 -36.72 15.36 4.62
C VAL E 121 -38.10 15.70 4.04
N THR E 122 -39.08 14.86 4.34
CA THR E 122 -40.40 14.98 3.72
C THR E 122 -41.23 16.05 4.39
N ILE E 123 -42.11 16.67 3.60
CA ILE E 123 -43.09 17.61 4.13
C ILE E 123 -43.92 16.94 5.23
N SER E 124 -44.26 15.67 5.04
CA SER E 124 -45.09 14.95 6.00
C SER E 124 -44.43 14.89 7.37
N SER E 125 -43.13 14.58 7.41
CA SER E 125 -42.42 14.48 8.68
C SER E 125 -42.33 15.83 9.38
N ILE E 126 -42.18 16.91 8.61
CA ILE E 126 -42.11 18.24 9.20
C ILE E 126 -43.46 18.64 9.78
N GLU E 127 -44.52 18.46 8.99
CA GLU E 127 -45.86 18.84 9.44
C GLU E 127 -46.27 18.03 10.66
N LYS E 128 -45.89 16.76 10.73
CA LYS E 128 -46.25 15.95 11.89
C LYS E 128 -45.60 16.50 13.15
N LYS E 129 -44.30 16.83 13.08
CA LYS E 129 -43.62 17.43 14.22
C LYS E 129 -44.30 18.73 14.63
N LEU E 130 -44.51 19.63 13.68
CA LEU E 130 -44.99 20.95 14.04
C LEU E 130 -46.46 20.93 14.43
N SER E 131 -47.26 20.01 13.87
CA SER E 131 -48.68 19.97 14.19
C SER E 131 -48.95 19.54 15.63
N ALA E 132 -47.96 18.96 16.32
CA ALA E 132 -48.16 18.63 17.72
C ALA E 132 -48.18 19.87 18.60
N PHE E 133 -47.71 21.01 18.08
CA PHE E 133 -47.68 22.26 18.82
C PHE E 133 -48.83 23.18 18.44
N ARG E 134 -49.10 23.32 17.14
CA ARG E 134 -50.11 24.22 16.65
C ARG E 134 -50.59 23.62 15.33
N PRO E 135 -51.90 23.60 15.09
CA PRO E 135 -52.40 23.03 13.84
C PRO E 135 -52.06 23.92 12.66
N ALA E 136 -52.11 23.32 11.48
CA ALA E 136 -51.94 23.98 10.21
C ALA E 136 -50.62 24.74 10.05
N PRO E 137 -49.45 24.13 10.34
CA PRO E 137 -48.19 24.80 10.00
C PRO E 137 -48.05 24.91 8.48
N ARG E 138 -47.60 26.09 8.03
CA ARG E 138 -47.40 26.39 6.62
C ARG E 138 -45.98 25.99 6.25
N VAL E 139 -45.84 24.89 5.52
CA VAL E 139 -44.55 24.27 5.25
C VAL E 139 -44.32 24.24 3.75
N ILE E 140 -43.10 24.57 3.35
CA ILE E 140 -42.66 24.44 1.98
C ILE E 140 -41.35 23.68 2.03
N ARG E 141 -41.17 22.76 1.11
CA ARG E 141 -39.92 22.03 0.96
C ARG E 141 -39.23 22.46 -0.33
N CYS E 142 -37.94 22.72 -0.26
CA CYS E 142 -37.22 23.07 -1.47
C CYS E 142 -35.93 22.27 -1.56
N MET E 143 -35.42 22.19 -2.79
CA MET E 143 -34.05 21.76 -3.05
C MET E 143 -33.44 22.83 -3.94
N THR E 144 -32.25 23.30 -3.58
CA THR E 144 -31.60 24.38 -4.30
C THR E 144 -30.15 23.95 -4.46
N ASN E 145 -29.24 24.90 -4.64
CA ASN E 145 -27.82 24.55 -4.71
C ASN E 145 -27.00 25.80 -4.43
N THR E 146 -25.69 25.62 -4.27
CA THR E 146 -24.87 26.73 -3.81
C THR E 146 -24.73 27.87 -4.83
N PRO E 147 -24.90 27.66 -6.16
CA PRO E 147 -24.81 28.82 -7.07
C PRO E 147 -25.84 29.94 -6.83
N VAL E 148 -26.75 29.78 -5.87
CA VAL E 148 -27.58 30.90 -5.48
C VAL E 148 -26.69 32.06 -5.05
N VAL E 149 -25.46 31.76 -4.60
CA VAL E 149 -24.55 32.80 -4.14
C VAL E 149 -24.17 33.76 -5.27
N VAL E 150 -24.28 33.33 -6.52
CA VAL E 150 -24.06 34.20 -7.65
C VAL E 150 -25.35 34.40 -8.45
N ARG E 151 -26.49 34.13 -7.81
CA ARG E 151 -27.82 34.33 -8.38
C ARG E 151 -28.04 33.50 -9.63
N GLU E 152 -27.43 32.32 -9.71
CA GLU E 152 -27.69 31.36 -10.77
C GLU E 152 -27.99 29.99 -10.18
N GLY E 153 -28.70 29.97 -9.06
CA GLY E 153 -29.13 28.72 -8.48
C GLY E 153 -30.15 28.01 -9.35
N ALA E 154 -30.42 26.75 -8.98
CA ALA E 154 -31.48 25.94 -9.56
C ALA E 154 -32.33 25.42 -8.41
N THR E 155 -33.57 25.89 -8.31
CA THR E 155 -34.40 25.63 -7.14
C THR E 155 -35.74 25.03 -7.57
N VAL E 156 -36.15 23.96 -6.89
CA VAL E 156 -37.51 23.48 -7.00
C VAL E 156 -38.13 23.50 -5.61
N TYR E 157 -39.45 23.57 -5.56
CA TYR E 157 -40.13 23.58 -4.28
C TYR E 157 -41.47 22.88 -4.42
N ALA E 158 -41.93 22.30 -3.31
CA ALA E 158 -43.28 21.73 -3.21
C ALA E 158 -43.98 22.33 -2.00
N THR E 159 -45.27 22.61 -2.13
CA THR E 159 -46.02 23.24 -1.07
C THR E 159 -46.68 22.20 -0.17
N GLY E 160 -46.75 22.50 1.13
CA GLY E 160 -47.31 21.59 2.11
C GLY E 160 -48.83 21.66 2.16
N THR E 161 -49.36 20.86 3.10
CA THR E 161 -50.81 20.70 3.22
C THR E 161 -51.52 22.02 3.52
N HIS E 162 -50.91 22.85 4.36
CA HIS E 162 -51.56 24.06 4.84
C HIS E 162 -50.99 25.31 4.20
N ALA E 163 -50.11 25.17 3.21
CA ALA E 163 -49.58 26.32 2.51
C ALA E 163 -50.69 26.97 1.70
N GLN E 164 -50.92 28.26 1.94
CA GLN E 164 -51.87 29.01 1.14
C GLN E 164 -51.32 29.19 -0.28
N VAL E 165 -52.22 29.55 -1.20
CA VAL E 165 -51.79 29.71 -2.59
C VAL E 165 -50.73 30.79 -2.69
N GLU E 166 -50.90 31.89 -1.93
CA GLU E 166 -49.94 32.99 -1.96
C GLU E 166 -48.57 32.56 -1.45
N ASP E 167 -48.51 31.54 -0.58
CA ASP E 167 -47.23 31.09 -0.04
C ASP E 167 -46.30 30.57 -1.14
N GLY E 168 -46.84 29.74 -2.04
CA GLY E 168 -46.03 29.26 -3.14
C GLY E 168 -45.55 30.37 -4.05
N ARG E 169 -46.46 31.29 -4.38
CA ARG E 169 -46.10 32.43 -5.23
C ARG E 169 -45.01 33.28 -4.56
N LEU E 170 -45.16 33.55 -3.27
CA LEU E 170 -44.14 34.31 -2.54
C LEU E 170 -42.80 33.58 -2.54
N MET E 171 -42.83 32.28 -2.20
CA MET E 171 -41.62 31.47 -2.26
C MET E 171 -40.95 31.54 -3.62
N GLU E 172 -41.75 31.45 -4.69
CA GLU E 172 -41.16 31.42 -6.03
C GLU E 172 -40.58 32.78 -6.42
N GLN E 173 -41.27 33.87 -6.07
CA GLN E 173 -40.70 35.19 -6.29
C GLN E 173 -39.38 35.36 -5.54
N LEU E 174 -39.34 34.93 -4.29
CA LEU E 174 -38.13 35.07 -3.48
C LEU E 174 -36.98 34.24 -4.07
N LEU E 175 -37.23 32.98 -4.41
CA LEU E 175 -36.13 32.15 -4.91
C LEU E 175 -35.83 32.41 -6.38
N SER E 176 -36.77 32.98 -7.14
CA SER E 176 -36.43 33.38 -8.51
C SER E 176 -35.44 34.52 -8.53
N SER E 177 -35.31 35.27 -7.44
CA SER E 177 -34.34 36.35 -7.40
C SER E 177 -32.91 35.83 -7.39
N VAL E 178 -32.69 34.56 -7.04
CA VAL E 178 -31.33 34.03 -6.98
C VAL E 178 -31.13 32.86 -7.94
N GLY E 179 -32.00 32.70 -8.94
CA GLY E 179 -31.78 31.68 -9.95
C GLY E 179 -33.09 31.16 -10.51
N PHE E 180 -32.97 30.02 -11.20
CA PHE E 180 -34.15 29.33 -11.70
C PHE E 180 -34.94 28.78 -10.53
N CYS E 181 -36.27 28.87 -10.61
CA CYS E 181 -37.13 28.35 -9.56
C CYS E 181 -38.46 27.88 -10.16
N THR E 182 -38.88 26.66 -9.81
CA THR E 182 -40.18 26.17 -10.29
C THR E 182 -40.79 25.24 -9.26
N GLU E 183 -42.13 25.20 -9.24
CA GLU E 183 -42.84 24.24 -8.40
C GLU E 183 -42.79 22.85 -9.01
N VAL E 184 -42.64 21.83 -8.16
CA VAL E 184 -42.72 20.43 -8.59
C VAL E 184 -43.56 19.66 -7.58
N GLU E 185 -43.98 18.47 -7.98
CA GLU E 185 -44.49 17.49 -7.03
C GLU E 185 -43.38 17.05 -6.10
N GLU E 186 -43.71 16.81 -4.83
CA GLU E 186 -42.67 16.50 -3.85
C GLU E 186 -41.93 15.22 -4.21
N ASP E 187 -42.58 14.27 -4.90
CA ASP E 187 -41.88 13.01 -5.15
C ASP E 187 -40.78 13.14 -6.21
N LEU E 188 -40.61 14.31 -6.84
CA LEU E 188 -39.48 14.54 -7.73
C LEU E 188 -38.23 15.08 -7.04
N ILE E 189 -38.35 15.52 -5.77
CA ILE E 189 -37.30 16.36 -5.20
C ILE E 189 -36.03 15.57 -4.90
N ASP E 190 -36.15 14.31 -4.48
CA ASP E 190 -34.96 13.50 -4.27
C ASP E 190 -34.15 13.32 -5.55
N ALA E 191 -34.83 13.15 -6.68
CA ALA E 191 -34.11 13.06 -7.96
C ALA E 191 -33.48 14.40 -8.33
N VAL E 192 -34.20 15.50 -8.11
CA VAL E 192 -33.62 16.83 -8.35
C VAL E 192 -32.37 17.01 -7.53
N THR E 193 -32.40 16.54 -6.27
CA THR E 193 -31.23 16.60 -5.41
C THR E 193 -30.02 15.91 -6.06
N GLY E 194 -30.25 14.74 -6.67
CA GLY E 194 -29.15 14.04 -7.35
C GLY E 194 -28.64 14.74 -8.60
N LEU E 195 -29.47 15.59 -9.21
CA LEU E 195 -29.09 16.26 -10.45
C LEU E 195 -28.58 17.67 -10.19
N SER E 196 -29.45 18.63 -9.83
CA SER E 196 -28.98 20.00 -9.65
C SER E 196 -28.49 20.29 -8.24
N GLY E 197 -28.90 19.51 -7.24
CA GLY E 197 -28.39 19.68 -5.89
C GLY E 197 -26.93 19.30 -5.78
N SER E 198 -26.60 18.08 -6.20
CA SER E 198 -25.21 17.63 -6.24
C SER E 198 -24.46 18.14 -7.46
N GLY E 199 -25.19 18.59 -8.47
CA GLY E 199 -24.63 18.98 -9.75
C GLY E 199 -23.42 19.89 -9.71
N PRO E 200 -23.46 20.95 -8.88
CA PRO E 200 -22.27 21.83 -8.84
C PRO E 200 -20.99 21.09 -8.49
N ALA E 201 -21.06 20.07 -7.63
CA ALA E 201 -19.86 19.29 -7.32
C ALA E 201 -19.37 18.49 -8.52
N TYR E 202 -20.29 17.96 -9.33
CA TYR E 202 -19.84 17.28 -10.56
C TYR E 202 -19.11 18.27 -11.45
N ALA E 203 -19.63 19.49 -11.54
CA ALA E 203 -19.03 20.50 -12.39
C ALA E 203 -17.67 20.92 -11.87
N PHE E 204 -17.55 21.10 -10.55
CA PHE E 204 -16.24 21.48 -10.01
C PHE E 204 -15.21 20.38 -10.27
N THR E 205 -15.63 19.13 -10.16
CA THR E 205 -14.75 18.01 -10.50
C THR E 205 -14.35 18.07 -11.95
N ALA E 206 -15.33 18.27 -12.84
CA ALA E 206 -15.05 18.35 -14.27
C ALA E 206 -14.11 19.51 -14.59
N LEU E 207 -14.34 20.67 -13.97
CA LEU E 207 -13.53 21.84 -14.24
C LEU E 207 -12.09 21.65 -13.76
N ASP E 208 -11.91 20.97 -12.63
CA ASP E 208 -10.56 20.67 -12.17
C ASP E 208 -9.85 19.77 -13.17
N ALA E 209 -10.54 18.74 -13.65
CA ALA E 209 -9.97 17.80 -14.62
C ALA E 209 -9.70 18.49 -15.95
N LEU E 210 -10.64 19.31 -16.42
CA LEU E 210 -10.41 20.02 -17.68
C LEU E 210 -9.18 20.92 -17.58
N ALA E 211 -9.00 21.57 -16.42
CA ALA E 211 -7.82 22.42 -16.23
C ALA E 211 -6.53 21.58 -16.20
N ASP E 212 -6.56 20.43 -15.51
CA ASP E 212 -5.44 19.49 -15.60
C ASP E 212 -5.11 19.15 -17.05
N GLY E 213 -6.14 18.89 -17.87
CA GLY E 213 -5.89 18.61 -19.28
C GLY E 213 -5.26 19.79 -20.01
N GLY E 214 -5.76 20.99 -19.75
CA GLY E 214 -5.15 22.16 -20.36
C GLY E 214 -3.70 22.32 -19.94
N VAL E 215 -3.42 22.12 -18.65
CA VAL E 215 -2.06 22.22 -18.15
C VAL E 215 -1.17 21.15 -18.77
N LYS E 216 -1.70 19.92 -18.91
CA LYS E 216 -0.92 18.90 -19.59
C LYS E 216 -0.50 19.35 -20.98
N MET E 217 -1.39 20.01 -21.70
CA MET E 217 -1.08 20.41 -23.07
C MET E 217 -0.37 21.76 -23.13
N GLY E 218 0.04 22.31 -21.99
CA GLY E 218 0.93 23.45 -21.97
C GLY E 218 0.33 24.78 -21.55
N LEU E 219 -0.92 24.79 -21.07
CA LEU E 219 -1.52 26.06 -20.65
C LEU E 219 -1.15 26.37 -19.20
N PRO E 220 -0.93 27.64 -18.88
CA PRO E 220 -0.86 28.04 -17.46
C PRO E 220 -2.14 27.65 -16.75
N ARG E 221 -1.99 27.27 -15.46
CA ARG E 221 -3.13 26.77 -14.69
C ARG E 221 -4.24 27.80 -14.60
N ARG E 222 -3.90 29.07 -14.33
CA ARG E 222 -4.93 30.09 -14.17
C ARG E 222 -5.71 30.28 -15.46
N LEU E 223 -5.02 30.30 -16.59
CA LEU E 223 -5.70 30.40 -17.88
C LEU E 223 -6.58 29.18 -18.14
N ALA E 224 -6.07 27.99 -17.81
CA ALA E 224 -6.84 26.77 -18.08
C ALA E 224 -8.12 26.72 -17.26
N VAL E 225 -8.04 27.14 -15.99
CA VAL E 225 -9.26 27.18 -15.15
C VAL E 225 -10.26 28.16 -15.74
N ARG E 226 -9.79 29.35 -16.13
CA ARG E 226 -10.67 30.39 -16.65
C ARG E 226 -11.36 29.93 -17.92
N LEU E 227 -10.60 29.31 -18.83
CA LEU E 227 -11.16 28.92 -20.12
C LEU E 227 -12.15 27.78 -19.98
N GLY E 228 -11.83 26.79 -19.15
CA GLY E 228 -12.74 25.68 -18.97
C GLY E 228 -14.02 26.10 -18.26
N ALA E 229 -13.90 26.96 -17.26
CA ALA E 229 -15.09 27.49 -16.61
C ALA E 229 -15.93 28.32 -17.58
N GLN E 230 -15.28 29.16 -18.38
CA GLN E 230 -16.03 29.97 -19.34
C GLN E 230 -16.68 29.10 -20.41
N ALA E 231 -15.97 28.07 -20.87
CA ALA E 231 -16.54 27.14 -21.85
C ALA E 231 -17.79 26.46 -21.30
N LEU E 232 -17.74 25.99 -20.04
CA LEU E 232 -18.92 25.32 -19.49
C LEU E 232 -20.08 26.29 -19.29
N LEU E 233 -19.79 27.51 -18.83
CA LEU E 233 -20.85 28.49 -18.62
C LEU E 233 -21.52 28.86 -19.94
N GLY E 234 -20.73 29.13 -20.96
CA GLY E 234 -21.30 29.51 -22.24
C GLY E 234 -22.07 28.38 -22.90
N ALA E 235 -21.56 27.16 -22.80
CA ALA E 235 -22.29 26.03 -23.38
C ALA E 235 -23.62 25.82 -22.67
N ALA E 236 -23.62 25.90 -21.33
CA ALA E 236 -24.87 25.76 -20.59
C ALA E 236 -25.85 26.87 -20.97
N LYS E 237 -25.36 28.12 -21.08
CA LYS E 237 -26.24 29.22 -21.47
C LYS E 237 -26.78 29.01 -22.89
N MET E 238 -25.91 28.57 -23.80
CA MET E 238 -26.34 28.25 -25.16
C MET E 238 -27.51 27.28 -25.16
N LEU E 239 -27.40 26.22 -24.35
CA LEU E 239 -28.45 25.21 -24.35
C LEU E 239 -29.73 25.78 -23.76
N LEU E 240 -29.62 26.57 -22.70
CA LEU E 240 -30.80 27.15 -22.06
C LEU E 240 -31.57 28.05 -23.02
N HIS E 241 -30.86 28.78 -23.87
CA HIS E 241 -31.48 29.73 -24.80
C HIS E 241 -31.74 29.12 -26.17
N SER E 242 -31.43 27.86 -26.36
CA SER E 242 -31.63 27.16 -27.63
C SER E 242 -32.95 26.40 -27.62
N GLU E 243 -33.53 26.25 -28.80
CA GLU E 243 -34.63 25.35 -29.00
C GLU E 243 -34.16 23.95 -29.40
N GLN E 244 -32.86 23.70 -29.36
CA GLN E 244 -32.28 22.50 -29.93
C GLN E 244 -31.91 21.48 -28.85
N HIS E 245 -31.86 20.22 -29.28
CA HIS E 245 -31.39 19.15 -28.42
C HIS E 245 -29.90 19.33 -28.12
N PRO E 246 -29.43 18.98 -26.92
CA PRO E 246 -27.98 19.01 -26.67
C PRO E 246 -27.18 18.21 -27.68
N GLY E 247 -27.75 17.13 -28.20
CA GLY E 247 -27.06 16.37 -29.24
C GLY E 247 -26.91 17.14 -30.54
N GLN E 248 -27.88 17.98 -30.88
CA GLN E 248 -27.74 18.77 -32.09
C GLN E 248 -26.69 19.87 -31.91
N LEU E 249 -26.62 20.45 -30.71
CA LEU E 249 -25.60 21.47 -30.48
C LEU E 249 -24.21 20.86 -30.51
N LYS E 250 -24.07 19.66 -29.95
CA LYS E 250 -22.84 18.90 -30.07
C LYS E 250 -22.46 18.73 -31.54
N ASP E 251 -23.42 18.36 -32.39
CA ASP E 251 -23.12 18.17 -33.81
C ASP E 251 -22.59 19.44 -34.47
N ASN E 252 -22.98 20.63 -33.98
CA ASN E 252 -22.58 21.89 -34.61
C ASN E 252 -21.13 22.25 -34.32
N VAL E 253 -20.59 21.83 -33.19
CA VAL E 253 -19.18 22.06 -32.89
C VAL E 253 -18.30 21.21 -33.78
N SER E 254 -18.69 19.95 -33.96
CA SER E 254 -17.81 18.93 -34.51
C SER E 254 -17.73 19.09 -36.03
N SER E 255 -16.58 19.36 -36.50
CA SER E 255 -16.41 19.24 -37.94
C SER E 255 -15.92 17.84 -38.28
N PRO E 256 -16.20 17.37 -39.50
CA PRO E 256 -15.75 16.03 -39.90
C PRO E 256 -14.24 15.91 -39.85
N GLY E 257 -13.78 14.80 -39.26
CA GLY E 257 -12.36 14.55 -39.09
C GLY E 257 -11.65 15.40 -38.07
N GLY E 258 -12.37 16.30 -37.39
CA GLY E 258 -11.75 17.39 -36.66
C GLY E 258 -11.37 17.08 -35.21
N ALA E 259 -10.88 18.13 -34.54
CA ALA E 259 -10.37 17.99 -33.18
C ALA E 259 -11.47 17.55 -32.22
N THR E 260 -12.64 18.18 -32.32
CA THR E 260 -13.70 17.93 -31.35
C THR E 260 -14.19 16.48 -31.43
N ILE E 261 -14.43 15.97 -32.64
CA ILE E 261 -14.98 14.62 -32.73
C ILE E 261 -13.96 13.58 -32.26
N HIS E 262 -12.65 13.85 -32.43
CA HIS E 262 -11.64 12.97 -31.88
C HIS E 262 -11.70 12.97 -30.34
N ALA E 263 -11.93 14.13 -29.74
CA ALA E 263 -12.04 14.18 -28.28
C ALA E 263 -13.32 13.51 -27.82
N LEU E 264 -14.42 13.68 -28.57
CA LEU E 264 -15.67 13.04 -28.16
C LEU E 264 -15.53 11.53 -28.19
N HIS E 265 -14.78 11.01 -29.16
CA HIS E 265 -14.58 9.57 -29.19
C HIS E 265 -13.91 9.07 -27.90
N VAL E 266 -12.87 9.79 -27.42
CA VAL E 266 -12.21 9.25 -26.23
C VAL E 266 -13.11 9.37 -25.00
N LEU E 267 -13.96 10.39 -24.94
CA LEU E 267 -14.98 10.43 -23.88
C LEU E 267 -15.88 9.20 -23.96
N GLU E 268 -16.37 8.89 -25.17
CA GLU E 268 -17.27 7.75 -25.31
C GLU E 268 -16.58 6.45 -24.94
N SER E 269 -15.30 6.31 -25.32
CA SER E 269 -14.60 5.05 -25.04
C SER E 269 -14.45 4.82 -23.54
N GLY E 270 -14.43 5.88 -22.73
CA GLY E 270 -14.41 5.66 -21.30
C GLY E 270 -15.77 5.57 -20.65
N GLY E 271 -16.86 5.57 -21.43
CA GLY E 271 -18.19 5.57 -20.83
C GLY E 271 -18.53 6.83 -20.06
N PHE E 272 -18.00 7.98 -20.50
CA PHE E 272 -18.26 9.28 -19.89
C PHE E 272 -19.74 9.50 -19.56
N ARG E 273 -20.63 9.27 -20.53
CA ARG E 273 -22.06 9.46 -20.28
C ARG E 273 -22.54 8.61 -19.11
N SER E 274 -22.17 7.33 -19.09
CA SER E 274 -22.63 6.43 -18.03
C SER E 274 -22.18 6.89 -16.64
N LEU E 275 -21.00 7.49 -16.53
CA LEU E 275 -20.51 7.95 -15.22
C LEU E 275 -21.42 9.04 -14.65
N LEU E 276 -21.88 9.96 -15.50
CA LEU E 276 -22.77 11.02 -15.05
C LEU E 276 -24.16 10.48 -14.72
N ILE E 277 -24.64 9.50 -15.47
CA ILE E 277 -25.87 8.80 -15.09
C ILE E 277 -25.68 8.13 -13.73
N ASN E 278 -24.54 7.44 -13.56
CA ASN E 278 -24.22 6.80 -12.29
C ASN E 278 -24.28 7.79 -11.13
N ALA E 279 -23.75 9.01 -11.35
CA ALA E 279 -23.66 10.00 -10.28
C ALA E 279 -25.05 10.49 -9.85
N VAL E 280 -25.87 10.89 -10.82
CA VAL E 280 -27.23 11.33 -10.49
C VAL E 280 -27.97 10.23 -9.75
N GLU E 281 -27.85 8.98 -10.22
CA GLU E 281 -28.48 7.85 -9.56
C GLU E 281 -27.94 7.68 -8.14
N ALA E 282 -26.62 7.68 -7.97
CA ALA E 282 -26.02 7.46 -6.66
C ALA E 282 -26.48 8.53 -5.66
N SER E 283 -26.51 9.78 -6.08
CA SER E 283 -26.91 10.85 -5.15
C SER E 283 -28.39 10.75 -4.80
N CYS E 284 -29.23 10.49 -5.80
CA CYS E 284 -30.67 10.32 -5.54
C CYS E 284 -30.92 9.15 -4.59
N ILE E 285 -30.31 8.00 -4.87
CA ILE E 285 -30.51 6.82 -4.03
C ILE E 285 -30.03 7.08 -2.60
N ARG E 286 -28.85 7.68 -2.46
CA ARG E 286 -28.37 7.98 -1.11
C ARG E 286 -29.30 8.93 -0.38
N THR E 287 -29.87 9.90 -1.09
CA THR E 287 -30.84 10.82 -0.50
C THR E 287 -32.07 10.06 0.00
N ARG E 288 -32.60 9.16 -0.80
CA ARG E 288 -33.74 8.33 -0.39
C ARG E 288 -33.39 7.42 0.76
N GLU E 289 -32.20 6.80 0.68
CA GLU E 289 -31.71 5.91 1.72
C GLU E 289 -31.67 6.60 3.07
N LEU E 290 -31.12 7.81 3.09
CA LEU E 290 -30.98 8.55 4.35
C LEU E 290 -32.34 8.82 4.97
N GLN E 291 -33.31 9.27 4.17
CA GLN E 291 -34.64 9.52 4.73
C GLN E 291 -35.29 8.25 5.23
N SER E 292 -35.00 7.10 4.59
CA SER E 292 -35.55 5.83 5.05
C SER E 292 -35.03 5.48 6.44
N MET E 293 -33.75 5.74 6.70
CA MET E 293 -33.23 5.58 8.05
C MET E 293 -33.88 6.57 9.01
N ALA E 294 -34.09 7.80 8.56
CA ALA E 294 -34.75 8.80 9.40
C ALA E 294 -36.15 8.34 9.79
N ASP E 295 -36.90 7.76 8.85
CA ASP E 295 -38.26 7.31 9.14
C ASP E 295 -38.28 6.12 10.11
N GLN E 296 -37.17 5.41 10.27
CA GLN E 296 -37.10 4.32 11.24
C GLN E 296 -36.45 4.78 12.54
#